data_4HHG
# 
_entry.id   4HHG 
# 
_audit_conform.dict_name       mmcif_pdbx.dic 
_audit_conform.dict_version    5.403 
_audit_conform.dict_location   http://mmcif.pdb.org/dictionaries/ascii/mmcif_pdbx.dic 
# 
loop_
_database_2.database_id 
_database_2.database_code 
_database_2.pdbx_database_accession 
_database_2.pdbx_DOI 
PDB   4HHG         pdb_00004hhg 10.2210/pdb4hhg/pdb 
RCSB  RCSB075470   ?            ?                   
WWPDB D_1000075470 ?            ?                   
# 
loop_
_pdbx_audit_revision_history.ordinal 
_pdbx_audit_revision_history.data_content_type 
_pdbx_audit_revision_history.major_revision 
_pdbx_audit_revision_history.minor_revision 
_pdbx_audit_revision_history.revision_date 
_pdbx_audit_revision_history.part_number 
1 'Structure model' 1 0 2012-11-21 ? 
2 'Structure model' 1 1 2013-07-31 ? 
3 'Structure model' 1 2 2013-08-21 ? 
4 'Structure model' 1 3 2025-03-26 ? 
# 
_pdbx_audit_revision_details.ordinal             1 
_pdbx_audit_revision_details.revision_ordinal    1 
_pdbx_audit_revision_details.data_content_type   'Structure model' 
_pdbx_audit_revision_details.provider            repository 
_pdbx_audit_revision_details.type                'Initial release' 
_pdbx_audit_revision_details.description         ? 
_pdbx_audit_revision_details.details             ? 
# 
loop_
_pdbx_audit_revision_group.ordinal 
_pdbx_audit_revision_group.revision_ordinal 
_pdbx_audit_revision_group.data_content_type 
_pdbx_audit_revision_group.group 
1 2 'Structure model' 'Database references'  
2 3 'Structure model' 'Database references'  
3 4 'Structure model' 'Data collection'      
4 4 'Structure model' 'Database references'  
5 4 'Structure model' 'Derived calculations' 
6 4 'Structure model' 'Structure summary'    
# 
loop_
_pdbx_audit_revision_category.ordinal 
_pdbx_audit_revision_category.revision_ordinal 
_pdbx_audit_revision_category.data_content_type 
_pdbx_audit_revision_category.category 
1 4 'Structure model' chem_comp_atom            
2 4 'Structure model' chem_comp_bond            
3 4 'Structure model' database_2                
4 4 'Structure model' pdbx_entry_details        
5 4 'Structure model' pdbx_modification_feature 
6 4 'Structure model' pdbx_struct_conn_angle    
7 4 'Structure model' struct_conn               
8 4 'Structure model' struct_ref_seq_dif        
9 4 'Structure model' struct_site               
# 
loop_
_pdbx_audit_revision_item.ordinal 
_pdbx_audit_revision_item.revision_ordinal 
_pdbx_audit_revision_item.data_content_type 
_pdbx_audit_revision_item.item 
1  4 'Structure model' '_database_2.pdbx_DOI'                        
2  4 'Structure model' '_database_2.pdbx_database_accession'         
3  4 'Structure model' '_pdbx_struct_conn_angle.ptnr1_auth_comp_id'  
4  4 'Structure model' '_pdbx_struct_conn_angle.ptnr1_auth_seq_id'   
5  4 'Structure model' '_pdbx_struct_conn_angle.ptnr1_label_atom_id' 
6  4 'Structure model' '_pdbx_struct_conn_angle.ptnr1_label_comp_id' 
7  4 'Structure model' '_pdbx_struct_conn_angle.ptnr1_label_seq_id'  
8  4 'Structure model' '_pdbx_struct_conn_angle.ptnr3_auth_comp_id'  
9  4 'Structure model' '_pdbx_struct_conn_angle.ptnr3_auth_seq_id'   
10 4 'Structure model' '_pdbx_struct_conn_angle.ptnr3_label_atom_id' 
11 4 'Structure model' '_pdbx_struct_conn_angle.ptnr3_label_comp_id' 
12 4 'Structure model' '_pdbx_struct_conn_angle.ptnr3_label_seq_id'  
13 4 'Structure model' '_pdbx_struct_conn_angle.value'               
14 4 'Structure model' '_struct_conn.pdbx_dist_value'                
15 4 'Structure model' '_struct_conn.pdbx_leaving_atom_flag'         
16 4 'Structure model' '_struct_conn.pdbx_ptnr2_label_alt_id'        
17 4 'Structure model' '_struct_conn.ptnr1_auth_comp_id'             
18 4 'Structure model' '_struct_conn.ptnr1_auth_seq_id'              
19 4 'Structure model' '_struct_conn.ptnr1_label_atom_id'            
20 4 'Structure model' '_struct_conn.ptnr1_label_comp_id'            
21 4 'Structure model' '_struct_conn.ptnr1_label_seq_id'             
22 4 'Structure model' '_struct_conn.ptnr2_auth_comp_id'             
23 4 'Structure model' '_struct_conn.ptnr2_auth_seq_id'              
24 4 'Structure model' '_struct_conn.ptnr2_label_asym_id'            
25 4 'Structure model' '_struct_conn.ptnr2_label_atom_id'            
26 4 'Structure model' '_struct_conn.ptnr2_label_comp_id'            
27 4 'Structure model' '_struct_ref_seq_dif.details'                 
28 4 'Structure model' '_struct_site.pdbx_auth_asym_id'              
29 4 'Structure model' '_struct_site.pdbx_auth_comp_id'              
30 4 'Structure model' '_struct_site.pdbx_auth_seq_id'               
# 
_pdbx_database_status.status_code                     REL 
_pdbx_database_status.entry_id                        4HHG 
_pdbx_database_status.recvd_initial_deposition_date   2012-10-09 
_pdbx_database_status.deposit_site                    RCSB 
_pdbx_database_status.process_site                    RCSB 
_pdbx_database_status.status_code_sf                  REL 
_pdbx_database_status.status_code_mr                  ? 
_pdbx_database_status.SG_entry                        ? 
_pdbx_database_status.status_code_cs                  ? 
_pdbx_database_status.methods_development_category    ? 
_pdbx_database_status.pdb_format_compatible           Y 
_pdbx_database_status.status_code_nmr_data            ? 
# 
loop_
_audit_author.name 
_audit_author.pdbx_ordinal 
'Herrera, N.'  1 
'Warren, J.J.' 2 
'Gray, H.B.'   3 
# 
_citation.id                        primary 
_citation.title                     'Electron Flow through Nitrotyrosinate in Pseudomonas aeruginosa Azurin.' 
_citation.journal_abbrev            J.Am.Chem.Soc. 
_citation.journal_volume            135 
_citation.page_first                11151 
_citation.page_last                 11158 
_citation.year                      2013 
_citation.journal_id_ASTM           JACSAT 
_citation.country                   US 
_citation.journal_id_ISSN           0002-7863 
_citation.journal_id_CSD            0004 
_citation.book_publisher            ? 
_citation.pdbx_database_id_PubMed   23859602 
_citation.pdbx_database_id_DOI      10.1021/ja403734n 
# 
loop_
_citation_author.citation_id 
_citation_author.name 
_citation_author.ordinal 
_citation_author.identifier_ORCID 
primary 'Warren, J.J.'  1 ? 
primary 'Herrera, N.'   2 ? 
primary 'Hill, M.G.'    3 ? 
primary 'Winkler, J.R.' 4 ? 
primary 'Gray, H.B.'    5 ? 
# 
loop_
_entity.id 
_entity.type 
_entity.src_method 
_entity.pdbx_description 
_entity.formula_weight 
_entity.pdbx_number_of_molecules 
_entity.pdbx_ec 
_entity.pdbx_mutation 
_entity.pdbx_fragment 
_entity.details 
1 polymer     man Azurin                                               14049.817 1  ? W68F,Y92F,H103Q,Y128F,M129NIY,Q127H ? ? 
2 non-polymer syn 'COPPER (II) ION'                                    63.546    1  ? ?                                   ? ? 
3 non-polymer syn 
;DELTA-BIS(2,2'-BIPYRIDINE)IMIDAZOLE RUTHENIUM (II)
;
480.507   1  ? ?                                   ? ? 
4 water       nat water                                                18.015    70 ? ?                                   ? ? 
# 
_entity_poly.entity_id                      1 
_entity_poly.type                           'polypeptide(L)' 
_entity_poly.nstd_linkage                   no 
_entity_poly.nstd_monomer                   yes 
_entity_poly.pdbx_seq_one_letter_code       
;AECSVDIQGNDQMQFNTNAITVDKSCKQFTVNLSHPGNLPKNVMGHNFVLSTAADMQGVVTDGMASGLDKDFLKPDDSRV
IAHTKLIGSGEKDSVTFDVSKLKEEEHF(NIY)FFCTFPGHSALMKGTLTLK
;
_entity_poly.pdbx_seq_one_letter_code_can   
;AECSVDIQGNDQMQFNTNAITVDKSCKQFTVNLSHPGNLPKNVMGHNFVLSTAADMQGVVTDGMASGLDKDFLKPDDSRV
IAHTKLIGSGEKDSVTFDVSKLKEEEHFYFFCTFPGHSALMKGTLTLK
;
_entity_poly.pdbx_strand_id                 A 
_entity_poly.pdbx_target_identifier         ? 
# 
loop_
_pdbx_entity_nonpoly.entity_id 
_pdbx_entity_nonpoly.name 
_pdbx_entity_nonpoly.comp_id 
2 'COPPER (II) ION'                                    CU  
3 
;DELTA-BIS(2,2'-BIPYRIDINE)IMIDAZOLE RUTHENIUM (II)
;
DRU 
4 water                                                HOH 
# 
loop_
_entity_poly_seq.entity_id 
_entity_poly_seq.num 
_entity_poly_seq.mon_id 
_entity_poly_seq.hetero 
1 1   ALA n 
1 2   GLU n 
1 3   CYS n 
1 4   SER n 
1 5   VAL n 
1 6   ASP n 
1 7   ILE n 
1 8   GLN n 
1 9   GLY n 
1 10  ASN n 
1 11  ASP n 
1 12  GLN n 
1 13  MET n 
1 14  GLN n 
1 15  PHE n 
1 16  ASN n 
1 17  THR n 
1 18  ASN n 
1 19  ALA n 
1 20  ILE n 
1 21  THR n 
1 22  VAL n 
1 23  ASP n 
1 24  LYS n 
1 25  SER n 
1 26  CYS n 
1 27  LYS n 
1 28  GLN n 
1 29  PHE n 
1 30  THR n 
1 31  VAL n 
1 32  ASN n 
1 33  LEU n 
1 34  SER n 
1 35  HIS n 
1 36  PRO n 
1 37  GLY n 
1 38  ASN n 
1 39  LEU n 
1 40  PRO n 
1 41  LYS n 
1 42  ASN n 
1 43  VAL n 
1 44  MET n 
1 45  GLY n 
1 46  HIS n 
1 47  ASN n 
1 48  PHE n 
1 49  VAL n 
1 50  LEU n 
1 51  SER n 
1 52  THR n 
1 53  ALA n 
1 54  ALA n 
1 55  ASP n 
1 56  MET n 
1 57  GLN n 
1 58  GLY n 
1 59  VAL n 
1 60  VAL n 
1 61  THR n 
1 62  ASP n 
1 63  GLY n 
1 64  MET n 
1 65  ALA n 
1 66  SER n 
1 67  GLY n 
1 68  LEU n 
1 69  ASP n 
1 70  LYS n 
1 71  ASP n 
1 72  PHE n 
1 73  LEU n 
1 74  LYS n 
1 75  PRO n 
1 76  ASP n 
1 77  ASP n 
1 78  SER n 
1 79  ARG n 
1 80  VAL n 
1 81  ILE n 
1 82  ALA n 
1 83  HIS n 
1 84  THR n 
1 85  LYS n 
1 86  LEU n 
1 87  ILE n 
1 88  GLY n 
1 89  SER n 
1 90  GLY n 
1 91  GLU n 
1 92  LYS n 
1 93  ASP n 
1 94  SER n 
1 95  VAL n 
1 96  THR n 
1 97  PHE n 
1 98  ASP n 
1 99  VAL n 
1 100 SER n 
1 101 LYS n 
1 102 LEU n 
1 103 LYS n 
1 104 GLU n 
1 105 GLU n 
1 106 GLU n 
1 107 HIS n 
1 108 PHE n 
1 109 NIY n 
1 110 PHE n 
1 111 PHE n 
1 112 CYS n 
1 113 THR n 
1 114 PHE n 
1 115 PRO n 
1 116 GLY n 
1 117 HIS n 
1 118 SER n 
1 119 ALA n 
1 120 LEU n 
1 121 MET n 
1 122 LYS n 
1 123 GLY n 
1 124 THR n 
1 125 LEU n 
1 126 THR n 
1 127 LEU n 
1 128 LYS n 
# 
_entity_src_gen.entity_id                          1 
_entity_src_gen.pdbx_src_id                        1 
_entity_src_gen.pdbx_alt_source_flag               sample 
_entity_src_gen.pdbx_seq_type                      ? 
_entity_src_gen.pdbx_beg_seq_num                   ? 
_entity_src_gen.pdbx_end_seq_num                   ? 
_entity_src_gen.gene_src_common_name               ? 
_entity_src_gen.gene_src_genus                     ? 
_entity_src_gen.pdbx_gene_src_gene                 'azu, PA4922' 
_entity_src_gen.gene_src_species                   ? 
_entity_src_gen.gene_src_strain                    'ATCC 15692 / PAO1 / 1C / PRS 101 / LMG 12228' 
_entity_src_gen.gene_src_tissue                    ? 
_entity_src_gen.gene_src_tissue_fraction           ? 
_entity_src_gen.gene_src_details                   ? 
_entity_src_gen.pdbx_gene_src_fragment             ? 
_entity_src_gen.pdbx_gene_src_scientific_name      'Pseudomonas aeruginosa' 
_entity_src_gen.pdbx_gene_src_ncbi_taxonomy_id     208964 
_entity_src_gen.pdbx_gene_src_variant              ? 
_entity_src_gen.pdbx_gene_src_cell_line            ? 
_entity_src_gen.pdbx_gene_src_atcc                 ? 
_entity_src_gen.pdbx_gene_src_organ                ? 
_entity_src_gen.pdbx_gene_src_organelle            ? 
_entity_src_gen.pdbx_gene_src_cell                 ? 
_entity_src_gen.pdbx_gene_src_cellular_location    ? 
_entity_src_gen.host_org_common_name               ? 
_entity_src_gen.pdbx_host_org_scientific_name      'Escherichia coli' 
_entity_src_gen.pdbx_host_org_ncbi_taxonomy_id     511693 
_entity_src_gen.host_org_genus                     ? 
_entity_src_gen.pdbx_host_org_gene                 ? 
_entity_src_gen.pdbx_host_org_organ                ? 
_entity_src_gen.host_org_species                   ? 
_entity_src_gen.pdbx_host_org_tissue               ? 
_entity_src_gen.pdbx_host_org_tissue_fraction      ? 
_entity_src_gen.pdbx_host_org_strain               BL21 
_entity_src_gen.pdbx_host_org_variant              ? 
_entity_src_gen.pdbx_host_org_cell_line            ? 
_entity_src_gen.pdbx_host_org_atcc                 ? 
_entity_src_gen.pdbx_host_org_culture_collection   ? 
_entity_src_gen.pdbx_host_org_cell                 ? 
_entity_src_gen.pdbx_host_org_organelle            ? 
_entity_src_gen.pdbx_host_org_cellular_location    ? 
_entity_src_gen.pdbx_host_org_vector_type          ? 
_entity_src_gen.pdbx_host_org_vector               ? 
_entity_src_gen.host_org_details                   ? 
_entity_src_gen.expression_system_id               ? 
_entity_src_gen.plasmid_name                       ? 
_entity_src_gen.plasmid_details                    ? 
_entity_src_gen.pdbx_description                   ? 
# 
loop_
_chem_comp.id 
_chem_comp.type 
_chem_comp.mon_nstd_flag 
_chem_comp.name 
_chem_comp.pdbx_synonyms 
_chem_comp.formula 
_chem_comp.formula_weight 
ALA 'L-peptide linking' y ALANINE                                              ? 'C3 H7 N O2'      89.093  
ARG 'L-peptide linking' y ARGININE                                             ? 'C6 H15 N4 O2 1'  175.209 
ASN 'L-peptide linking' y ASPARAGINE                                           ? 'C4 H8 N2 O3'     132.118 
ASP 'L-peptide linking' y 'ASPARTIC ACID'                                      ? 'C4 H7 N O4'      133.103 
CU  non-polymer         . 'COPPER (II) ION'                                    ? 'Cu 2'            63.546  
CYS 'L-peptide linking' y CYSTEINE                                             ? 'C3 H7 N O2 S'    121.158 
DRU non-polymer         . 
;DELTA-BIS(2,2'-BIPYRIDINE)IMIDAZOLE RUTHENIUM (II)
;
? 'C23 H19 N6 Ru 2' 480.507 
GLN 'L-peptide linking' y GLUTAMINE                                            ? 'C5 H10 N2 O3'    146.144 
GLU 'L-peptide linking' y 'GLUTAMIC ACID'                                      ? 'C5 H9 N O4'      147.129 
GLY 'peptide linking'   y GLYCINE                                              ? 'C2 H5 N O2'      75.067  
HIS 'L-peptide linking' y HISTIDINE                                            ? 'C6 H10 N3 O2 1'  156.162 
HOH non-polymer         . WATER                                                ? 'H2 O'            18.015  
ILE 'L-peptide linking' y ISOLEUCINE                                           ? 'C6 H13 N O2'     131.173 
LEU 'L-peptide linking' y LEUCINE                                              ? 'C6 H13 N O2'     131.173 
LYS 'L-peptide linking' y LYSINE                                               ? 'C6 H15 N2 O2 1'  147.195 
MET 'L-peptide linking' y METHIONINE                                           ? 'C5 H11 N O2 S'   149.211 
NIY 'L-peptide linking' n META-NITRO-TYROSINE                                  ? 'C9 H10 N2 O5'    226.186 
PHE 'L-peptide linking' y PHENYLALANINE                                        ? 'C9 H11 N O2'     165.189 
PRO 'L-peptide linking' y PROLINE                                              ? 'C5 H9 N O2'      115.130 
SER 'L-peptide linking' y SERINE                                               ? 'C3 H7 N O3'      105.093 
THR 'L-peptide linking' y THREONINE                                            ? 'C4 H9 N O3'      119.119 
TRP 'L-peptide linking' y TRYPTOPHAN                                           ? 'C11 H12 N2 O2'   204.225 
TYR 'L-peptide linking' y TYROSINE                                             ? 'C9 H11 N O3'     181.189 
VAL 'L-peptide linking' y VALINE                                               ? 'C5 H11 N O2'     117.146 
# 
loop_
_pdbx_poly_seq_scheme.asym_id 
_pdbx_poly_seq_scheme.entity_id 
_pdbx_poly_seq_scheme.seq_id 
_pdbx_poly_seq_scheme.mon_id 
_pdbx_poly_seq_scheme.ndb_seq_num 
_pdbx_poly_seq_scheme.pdb_seq_num 
_pdbx_poly_seq_scheme.auth_seq_num 
_pdbx_poly_seq_scheme.pdb_mon_id 
_pdbx_poly_seq_scheme.auth_mon_id 
_pdbx_poly_seq_scheme.pdb_strand_id 
_pdbx_poly_seq_scheme.pdb_ins_code 
_pdbx_poly_seq_scheme.hetero 
A 1 1   ALA 1   1   1   ALA ALA A . n 
A 1 2   GLU 2   2   2   GLU GLU A . n 
A 1 3   CYS 3   3   3   CYS CYS A . n 
A 1 4   SER 4   4   4   SER SER A . n 
A 1 5   VAL 5   5   5   VAL VAL A . n 
A 1 6   ASP 6   6   6   ASP ASP A . n 
A 1 7   ILE 7   7   7   ILE ILE A . n 
A 1 8   GLN 8   8   8   GLN GLN A . n 
A 1 9   GLY 9   9   9   GLY GLY A . n 
A 1 10  ASN 10  10  10  ASN ASN A . n 
A 1 11  ASP 11  11  11  ASP ASP A . n 
A 1 12  GLN 12  12  12  GLN GLN A . n 
A 1 13  MET 13  13  13  MET MET A . n 
A 1 14  GLN 14  14  14  GLN GLN A . n 
A 1 15  PHE 15  15  15  PHE PHE A . n 
A 1 16  ASN 16  16  16  ASN ASN A . n 
A 1 17  THR 17  17  17  THR THR A . n 
A 1 18  ASN 18  18  18  ASN ASN A . n 
A 1 19  ALA 19  19  19  ALA ALA A . n 
A 1 20  ILE 20  20  20  ILE ILE A . n 
A 1 21  THR 21  21  21  THR THR A . n 
A 1 22  VAL 22  22  22  VAL VAL A . n 
A 1 23  ASP 23  23  23  ASP ASP A . n 
A 1 24  LYS 24  24  24  LYS LYS A . n 
A 1 25  SER 25  25  25  SER SER A . n 
A 1 26  CYS 26  26  26  CYS CYS A . n 
A 1 27  LYS 27  27  27  LYS LYS A . n 
A 1 28  GLN 28  28  28  GLN GLN A . n 
A 1 29  PHE 29  29  29  PHE PHE A . n 
A 1 30  THR 30  30  30  THR THR A . n 
A 1 31  VAL 31  31  31  VAL VAL A . n 
A 1 32  ASN 32  32  32  ASN ASN A . n 
A 1 33  LEU 33  33  33  LEU LEU A . n 
A 1 34  SER 34  34  34  SER SER A . n 
A 1 35  HIS 35  35  35  HIS HIS A . n 
A 1 36  PRO 36  36  36  PRO PRO A . n 
A 1 37  GLY 37  37  37  GLY GLY A . n 
A 1 38  ASN 38  38  38  ASN ASN A . n 
A 1 39  LEU 39  39  39  LEU LEU A . n 
A 1 40  PRO 40  40  40  PRO PRO A . n 
A 1 41  LYS 41  41  41  LYS LYS A . n 
A 1 42  ASN 42  42  42  ASN ASN A . n 
A 1 43  VAL 43  43  43  VAL VAL A . n 
A 1 44  MET 44  44  44  MET MET A . n 
A 1 45  GLY 45  45  45  GLY GLY A . n 
A 1 46  HIS 46  46  46  HIS HIS A . n 
A 1 47  ASN 47  47  47  ASN ASN A . n 
A 1 48  PHE 48  48  48  PHE PHE A . n 
A 1 49  VAL 49  49  49  VAL VAL A . n 
A 1 50  LEU 50  50  50  LEU LEU A . n 
A 1 51  SER 51  51  51  SER SER A . n 
A 1 52  THR 52  52  52  THR THR A . n 
A 1 53  ALA 53  53  53  ALA ALA A . n 
A 1 54  ALA 54  54  54  ALA ALA A . n 
A 1 55  ASP 55  55  55  ASP ASP A . n 
A 1 56  MET 56  56  56  MET MET A . n 
A 1 57  GLN 57  57  57  GLN GLN A . n 
A 1 58  GLY 58  58  58  GLY GLY A . n 
A 1 59  VAL 59  59  59  VAL VAL A . n 
A 1 60  VAL 60  60  60  VAL VAL A . n 
A 1 61  THR 61  61  61  THR THR A . n 
A 1 62  ASP 62  62  62  ASP ASP A . n 
A 1 63  GLY 63  63  63  GLY GLY A . n 
A 1 64  MET 64  64  64  MET MET A . n 
A 1 65  ALA 65  65  65  ALA ALA A . n 
A 1 66  SER 66  66  66  SER SER A . n 
A 1 67  GLY 67  67  67  GLY GLY A . n 
A 1 68  LEU 68  68  68  LEU LEU A . n 
A 1 69  ASP 69  69  69  ASP ASP A . n 
A 1 70  LYS 70  70  70  LYS LYS A . n 
A 1 71  ASP 71  71  71  ASP ASP A . n 
A 1 72  PHE 72  72  72  PHE PHE A . n 
A 1 73  LEU 73  73  73  LEU LEU A . n 
A 1 74  LYS 74  74  74  LYS LYS A . n 
A 1 75  PRO 75  75  75  PRO PRO A . n 
A 1 76  ASP 76  76  76  ASP ASP A . n 
A 1 77  ASP 77  77  77  ASP ASP A . n 
A 1 78  SER 78  78  78  SER SER A . n 
A 1 79  ARG 79  79  79  ARG ARG A . n 
A 1 80  VAL 80  80  80  VAL VAL A . n 
A 1 81  ILE 81  81  81  ILE ILE A . n 
A 1 82  ALA 82  82  82  ALA ALA A . n 
A 1 83  HIS 83  83  83  HIS HIS A . n 
A 1 84  THR 84  84  84  THR THR A . n 
A 1 85  LYS 85  85  85  LYS LYS A . n 
A 1 86  LEU 86  86  86  LEU LEU A . n 
A 1 87  ILE 87  87  87  ILE ILE A . n 
A 1 88  GLY 88  88  88  GLY GLY A . n 
A 1 89  SER 89  89  89  SER SER A . n 
A 1 90  GLY 90  90  90  GLY GLY A . n 
A 1 91  GLU 91  91  91  GLU GLU A . n 
A 1 92  LYS 92  92  92  LYS LYS A . n 
A 1 93  ASP 93  93  93  ASP ASP A . n 
A 1 94  SER 94  94  94  SER SER A . n 
A 1 95  VAL 95  95  95  VAL VAL A . n 
A 1 96  THR 96  96  96  THR THR A . n 
A 1 97  PHE 97  97  97  PHE PHE A . n 
A 1 98  ASP 98  98  98  ASP ASP A . n 
A 1 99  VAL 99  99  99  VAL VAL A . n 
A 1 100 SER 100 100 100 SER SER A . n 
A 1 101 LYS 101 101 101 LYS LYS A . n 
A 1 102 LEU 102 102 102 LEU LEU A . n 
A 1 103 LYS 103 103 103 LYS LYS A . n 
A 1 104 GLU 104 104 104 GLU GLU A . n 
A 1 105 GLU 105 105 105 GLU GLU A . n 
A 1 106 GLU 106 106 106 GLU GLU A . n 
A 1 107 HIS 107 107 107 HIS HIS A . n 
A 1 108 PHE 108 108 108 PHE PHE A . n 
A 1 109 NIY 109 109 109 NIY NIY A . n 
A 1 110 PHE 110 110 110 PHE PHE A . n 
A 1 111 PHE 111 111 111 PHE PHE A . n 
A 1 112 CYS 112 112 112 CYS CYS A . n 
A 1 113 THR 113 113 113 THR THR A . n 
A 1 114 PHE 114 114 114 PHE PHE A . n 
A 1 115 PRO 115 115 115 PRO PRO A . n 
A 1 116 GLY 116 116 116 GLY GLY A . n 
A 1 117 HIS 117 117 117 HIS HIS A . n 
A 1 118 SER 118 118 118 SER SER A . n 
A 1 119 ALA 119 119 119 ALA ALA A . n 
A 1 120 LEU 120 120 120 LEU LEU A . n 
A 1 121 MET 121 121 121 MET MET A . n 
A 1 122 LYS 122 122 122 LYS LYS A . n 
A 1 123 GLY 123 123 123 GLY GLY A . n 
A 1 124 THR 124 124 124 THR THR A . n 
A 1 125 LEU 125 125 125 LEU LEU A . n 
A 1 126 THR 126 126 126 THR THR A . n 
A 1 127 LEU 127 127 127 LEU LEU A . n 
A 1 128 LYS 128 128 128 LYS LYS A . n 
# 
loop_
_pdbx_nonpoly_scheme.asym_id 
_pdbx_nonpoly_scheme.entity_id 
_pdbx_nonpoly_scheme.mon_id 
_pdbx_nonpoly_scheme.ndb_seq_num 
_pdbx_nonpoly_scheme.pdb_seq_num 
_pdbx_nonpoly_scheme.auth_seq_num 
_pdbx_nonpoly_scheme.pdb_mon_id 
_pdbx_nonpoly_scheme.auth_mon_id 
_pdbx_nonpoly_scheme.pdb_strand_id 
_pdbx_nonpoly_scheme.pdb_ins_code 
B 2 CU  1  201 1   CU  CU  A . 
C 3 DRU 1  202 903 DRU DRU A . 
D 4 HOH 1  301 1   HOH HOH A . 
D 4 HOH 2  302 2   HOH HOH A . 
D 4 HOH 3  303 3   HOH HOH A . 
D 4 HOH 4  304 4   HOH HOH A . 
D 4 HOH 5  305 5   HOH HOH A . 
D 4 HOH 6  306 6   HOH HOH A . 
D 4 HOH 7  307 7   HOH HOH A . 
D 4 HOH 8  308 8   HOH HOH A . 
D 4 HOH 9  309 10  HOH HOH A . 
D 4 HOH 10 310 12  HOH HOH A . 
D 4 HOH 11 311 13  HOH HOH A . 
D 4 HOH 12 312 14  HOH HOH A . 
D 4 HOH 13 313 15  HOH HOH A . 
D 4 HOH 14 314 16  HOH HOH A . 
D 4 HOH 15 315 17  HOH HOH A . 
D 4 HOH 16 316 18  HOH HOH A . 
D 4 HOH 17 317 19  HOH HOH A . 
D 4 HOH 18 318 20  HOH HOH A . 
D 4 HOH 19 319 22  HOH HOH A . 
D 4 HOH 20 320 23  HOH HOH A . 
D 4 HOH 21 321 24  HOH HOH A . 
D 4 HOH 22 322 25  HOH HOH A . 
D 4 HOH 23 323 26  HOH HOH A . 
D 4 HOH 24 324 27  HOH HOH A . 
D 4 HOH 25 325 28  HOH HOH A . 
D 4 HOH 26 326 29  HOH HOH A . 
D 4 HOH 27 327 30  HOH HOH A . 
D 4 HOH 28 328 31  HOH HOH A . 
D 4 HOH 29 329 32  HOH HOH A . 
D 4 HOH 30 330 33  HOH HOH A . 
D 4 HOH 31 331 34  HOH HOH A . 
D 4 HOH 32 332 35  HOH HOH A . 
D 4 HOH 33 333 36  HOH HOH A . 
D 4 HOH 34 334 39  HOH HOH A . 
D 4 HOH 35 335 41  HOH HOH A . 
D 4 HOH 36 336 42  HOH HOH A . 
D 4 HOH 37 337 43  HOH HOH A . 
D 4 HOH 38 338 44  HOH HOH A . 
D 4 HOH 39 339 45  HOH HOH A . 
D 4 HOH 40 340 46  HOH HOH A . 
D 4 HOH 41 341 47  HOH HOH A . 
D 4 HOH 42 342 48  HOH HOH A . 
D 4 HOH 43 343 51  HOH HOH A . 
D 4 HOH 44 344 52  HOH HOH A . 
D 4 HOH 45 345 53  HOH HOH A . 
D 4 HOH 46 346 54  HOH HOH A . 
D 4 HOH 47 347 55  HOH HOH A . 
D 4 HOH 48 348 56  HOH HOH A . 
D 4 HOH 49 349 57  HOH HOH A . 
D 4 HOH 50 350 58  HOH HOH A . 
D 4 HOH 51 351 59  HOH HOH A . 
D 4 HOH 52 352 60  HOH HOH A . 
D 4 HOH 53 353 61  HOH HOH A . 
D 4 HOH 54 354 62  HOH HOH A . 
D 4 HOH 55 355 64  HOH HOH A . 
D 4 HOH 56 356 65  HOH HOH A . 
D 4 HOH 57 357 66  HOH HOH A . 
D 4 HOH 58 358 68  HOH HOH A . 
D 4 HOH 59 359 70  HOH HOH A . 
D 4 HOH 60 360 72  HOH HOH A . 
D 4 HOH 61 361 74  HOH HOH A . 
D 4 HOH 62 362 75  HOH HOH A . 
D 4 HOH 63 363 76  HOH HOH A . 
D 4 HOH 64 364 77  HOH HOH A . 
D 4 HOH 65 365 80  HOH HOH A . 
D 4 HOH 66 366 81  HOH HOH A . 
D 4 HOH 67 367 82  HOH HOH A . 
D 4 HOH 68 368 83  HOH HOH A . 
D 4 HOH 69 369 84  HOH HOH A . 
D 4 HOH 70 370 85  HOH HOH A . 
# 
loop_
_software.name 
_software.classification 
_software.version 
_software.citation_id 
_software.pdbx_ordinal 
Blu-Ice 'data collection' .        ? 1 
MOLREP  phasing           .        ? 2 
REFMAC  refinement        5.6.0117 ? 3 
autoXDS 'data reduction'  .        ? 4 
SCALA   'data scaling'    .        ? 5 
# 
_cell.entry_id           4HHG 
_cell.length_a           49.762 
_cell.length_b           67.176 
_cell.length_c           81.385 
_cell.angle_alpha        90.00 
_cell.angle_beta         90.00 
_cell.angle_gamma        90.00 
_cell.Z_PDB              8 
_cell.pdbx_unique_axis   ? 
_cell.length_a_esd       ? 
_cell.length_b_esd       ? 
_cell.length_c_esd       ? 
_cell.angle_alpha_esd    ? 
_cell.angle_beta_esd     ? 
_cell.angle_gamma_esd    ? 
# 
_symmetry.entry_id                         4HHG 
_symmetry.space_group_name_H-M             'I 2 2 2' 
_symmetry.pdbx_full_space_group_name_H-M   ? 
_symmetry.cell_setting                     ? 
_symmetry.Int_Tables_number                23 
_symmetry.space_group_name_Hall            ? 
# 
_exptl.entry_id          4HHG 
_exptl.method            'X-RAY DIFFRACTION' 
_exptl.crystals_number   1 
# 
_exptl_crystal.id                    1 
_exptl_crystal.density_meas          ? 
_exptl_crystal.density_Matthews      2.42 
_exptl_crystal.density_percent_sol   49.18 
_exptl_crystal.description           ? 
_exptl_crystal.F_000                 ? 
_exptl_crystal.preparation           ? 
# 
_exptl_crystal_grow.crystal_id      1 
_exptl_crystal_grow.method          'VAPOR DIFFUSION, SITTING DROP' 
_exptl_crystal_grow.temp            293.15 
_exptl_crystal_grow.temp_details    ? 
_exptl_crystal_grow.pH              7.2 
_exptl_crystal_grow.pdbx_pH_range   ? 
_exptl_crystal_grow.pdbx_details    
;26-34% PEG 4000, 100mM Lithium Nitrate, 6.25mM Copper Sulfate and 100 mM Imidazole, pH 7.2, VAPOR DIFFUSION, SITTING DROP, temperature 293.15K
;
# 
_diffrn.id                     1 
_diffrn.ambient_temp           100 
_diffrn.ambient_temp_details   ? 
_diffrn.crystal_id             1 
# 
_diffrn_detector.diffrn_id              1 
_diffrn_detector.detector               PIXEL 
_diffrn_detector.type                   'DECTRIS PILATUS 6M' 
_diffrn_detector.pdbx_collection_date   2012-02-17 
_diffrn_detector.details                'K-B focusing mirrors' 
# 
_diffrn_radiation.diffrn_id                        1 
_diffrn_radiation.wavelength_id                    1 
_diffrn_radiation.pdbx_monochromatic_or_laue_m_l   M 
_diffrn_radiation.monochromator                    'Liquid nitrogen-cooled double crystal, Si 111' 
_diffrn_radiation.pdbx_diffrn_protocol             'SINGLE WAVELENGTH' 
_diffrn_radiation.pdbx_scattering_type             x-ray 
# 
_diffrn_radiation_wavelength.id           1 
_diffrn_radiation_wavelength.wavelength   1.00 
_diffrn_radiation_wavelength.wt           1.0 
# 
_diffrn_source.diffrn_id                   1 
_diffrn_source.source                      SYNCHROTRON 
_diffrn_source.type                        'SSRL BEAMLINE BL12-2' 
_diffrn_source.pdbx_synchrotron_site       SSRL 
_diffrn_source.pdbx_synchrotron_beamline   BL12-2 
_diffrn_source.pdbx_wavelength             ? 
_diffrn_source.pdbx_wavelength_list        1.00 
# 
_reflns.pdbx_diffrn_id               1 
_reflns.pdbx_ordinal                 1 
_reflns.entry_id                     4HHG 
_reflns.observed_criterion_sigma_I   45.2 
_reflns.observed_criterion_sigma_F   ? 
_reflns.d_resolution_low             51.81 
_reflns.d_resolution_high            1.18 
_reflns.number_obs                   ? 
_reflns.number_all                   43899 
_reflns.percent_possible_obs         97.4 
_reflns.pdbx_Rmerge_I_obs            ? 
_reflns.pdbx_Rsym_value              ? 
_reflns.pdbx_netI_over_sigmaI        ? 
_reflns.B_iso_Wilson_estimate        ? 
_reflns.pdbx_redundancy              ? 
_reflns.R_free_details               ? 
_reflns.limit_h_max                  ? 
_reflns.limit_h_min                  ? 
_reflns.limit_k_max                  ? 
_reflns.limit_k_min                  ? 
_reflns.limit_l_max                  ? 
_reflns.limit_l_min                  ? 
_reflns.observed_criterion_F_max     ? 
_reflns.observed_criterion_F_min     ? 
_reflns.pdbx_chi_squared             ? 
_reflns.pdbx_scaling_rejects         ? 
# 
_refine.pdbx_refine_id                           'X-RAY DIFFRACTION' 
_refine.entry_id                                 4HHG 
_refine.pdbx_diffrn_id                           1 
_refine.pdbx_TLS_residual_ADP_flag               ? 
_refine.ls_number_reflns_obs                     17259 
_refine.ls_number_reflns_all                     ? 
_refine.pdbx_ls_sigma_I                          ? 
_refine.pdbx_ls_sigma_F                          . 
_refine.pdbx_data_cutoff_high_absF               ? 
_refine.pdbx_data_cutoff_low_absF                ? 
_refine.pdbx_data_cutoff_high_rms_absF           ? 
_refine.ls_d_res_low                             33.59 
_refine.ls_d_res_high                            1.60 
_refine.ls_percent_reflns_obs                    98.92 
_refine.ls_R_factor_obs                          0.23545 
_refine.ls_R_factor_all                          ? 
_refine.ls_R_factor_R_work                       0.23415 
_refine.ls_R_factor_R_free                       0.26052 
_refine.ls_R_factor_R_free_error                 ? 
_refine.ls_R_factor_R_free_error_details         ? 
_refine.ls_percent_reflns_R_free                 5.1 
_refine.ls_number_reflns_R_free                  927 
_refine.ls_number_parameters                     ? 
_refine.ls_number_restraints                     ? 
_refine.occupancy_min                            ? 
_refine.occupancy_max                            ? 
_refine.correlation_coeff_Fo_to_Fc               0.928 
_refine.correlation_coeff_Fo_to_Fc_free          0.925 
_refine.B_iso_mean                               20.970 
_refine.aniso_B[1][1]                            -0.90 
_refine.aniso_B[2][2]                            0.66 
_refine.aniso_B[3][3]                            0.25 
_refine.aniso_B[1][2]                            0.00 
_refine.aniso_B[1][3]                            0.00 
_refine.aniso_B[2][3]                            0.00 
_refine.solvent_model_details                    MASK 
_refine.solvent_model_param_ksol                 ? 
_refine.solvent_model_param_bsol                 ? 
_refine.pdbx_solvent_vdw_probe_radii             1.20 
_refine.pdbx_solvent_ion_probe_radii             0.80 
_refine.pdbx_solvent_shrinkage_radii             0.80 
_refine.pdbx_ls_cross_valid_method               THROUGHOUT 
_refine.details                                  'HYDROGENS HAVE BEEN USED IF PRESENT IN THE INPUT' 
_refine.pdbx_starting_model                      ? 
_refine.pdbx_method_to_determine_struct          'MOLECULAR REPLACEMENT' 
_refine.pdbx_isotropic_thermal_model             ? 
_refine.pdbx_stereochemistry_target_values       'MAXIMUM LIKELIHOOD' 
_refine.pdbx_stereochem_target_val_spec_case     ? 
_refine.pdbx_R_Free_selection_details            RANDOM 
_refine.pdbx_overall_ESU_R                       0.112 
_refine.pdbx_overall_ESU_R_Free                  0.107 
_refine.overall_SU_ML                            0.078 
_refine.pdbx_overall_phase_error                 ? 
_refine.overall_SU_B                             2.178 
_refine.overall_SU_R_Cruickshank_DPI             ? 
_refine.pdbx_overall_SU_R_free_Cruickshank_DPI   ? 
_refine.pdbx_overall_SU_R_Blow_DPI               ? 
_refine.pdbx_overall_SU_R_free_Blow_DPI          ? 
_refine.ls_redundancy_reflns_obs                 ? 
_refine.B_iso_min                                ? 
_refine.B_iso_max                                ? 
_refine.overall_SU_R_free                        ? 
_refine.ls_wR_factor_R_free                      ? 
_refine.ls_wR_factor_R_work                      ? 
_refine.overall_FOM_free_R_set                   ? 
_refine.overall_FOM_work_R_set                   ? 
# 
_refine_hist.pdbx_refine_id                   'X-RAY DIFFRACTION' 
_refine_hist.cycle_id                         LAST 
_refine_hist.pdbx_number_atoms_protein        982 
_refine_hist.pdbx_number_atoms_nucleic_acid   0 
_refine_hist.pdbx_number_atoms_ligand         31 
_refine_hist.number_atoms_solvent             70 
_refine_hist.number_atoms_total               1083 
_refine_hist.d_res_high                       1.60 
_refine_hist.d_res_low                        33.59 
# 
loop_
_refine_ls_restr.type 
_refine_ls_restr.dev_ideal 
_refine_ls_restr.dev_ideal_target 
_refine_ls_restr.weight 
_refine_ls_restr.number 
_refine_ls_restr.pdbx_refine_id 
_refine_ls_restr.pdbx_restraint_function 
r_bond_refined_d             0.025  0.020  ? 1058 'X-RAY DIFFRACTION' ? 
r_bond_other_d               ?      ?      ? ?    'X-RAY DIFFRACTION' ? 
r_angle_refined_deg          2.682  2.003  ? 1444 'X-RAY DIFFRACTION' ? 
r_angle_other_deg            ?      ?      ? ?    'X-RAY DIFFRACTION' ? 
r_dihedral_angle_1_deg       7.412  5.000  ? 135  'X-RAY DIFFRACTION' ? 
r_dihedral_angle_2_deg       40.461 26.364 ? 44   'X-RAY DIFFRACTION' ? 
r_dihedral_angle_3_deg       16.458 15.000 ? 180  'X-RAY DIFFRACTION' ? 
r_dihedral_angle_4_deg       12.093 15.000 ? 1    'X-RAY DIFFRACTION' ? 
r_chiral_restr               0.207  0.200  ? 159  'X-RAY DIFFRACTION' ? 
r_gen_planes_refined         0.015  0.021  ? 802  'X-RAY DIFFRACTION' ? 
r_gen_planes_other           ?      ?      ? ?    'X-RAY DIFFRACTION' ? 
r_nbd_refined                ?      ?      ? ?    'X-RAY DIFFRACTION' ? 
r_nbd_other                  ?      ?      ? ?    'X-RAY DIFFRACTION' ? 
r_nbtor_refined              ?      ?      ? ?    'X-RAY DIFFRACTION' ? 
r_nbtor_other                ?      ?      ? ?    'X-RAY DIFFRACTION' ? 
r_xyhbond_nbd_refined        ?      ?      ? ?    'X-RAY DIFFRACTION' ? 
r_xyhbond_nbd_other          ?      ?      ? ?    'X-RAY DIFFRACTION' ? 
r_metal_ion_refined          ?      ?      ? ?    'X-RAY DIFFRACTION' ? 
r_metal_ion_other            ?      ?      ? ?    'X-RAY DIFFRACTION' ? 
r_symmetry_vdw_refined       ?      ?      ? ?    'X-RAY DIFFRACTION' ? 
r_symmetry_vdw_other         ?      ?      ? ?    'X-RAY DIFFRACTION' ? 
r_symmetry_hbond_refined     ?      ?      ? ?    'X-RAY DIFFRACTION' ? 
r_symmetry_hbond_other       ?      ?      ? ?    'X-RAY DIFFRACTION' ? 
r_symmetry_metal_ion_refined ?      ?      ? ?    'X-RAY DIFFRACTION' ? 
r_symmetry_metal_ion_other   ?      ?      ? ?    'X-RAY DIFFRACTION' ? 
r_mcbond_it                  ?      ?      ? ?    'X-RAY DIFFRACTION' ? 
r_mcbond_other               ?      ?      ? ?    'X-RAY DIFFRACTION' ? 
r_mcangle_it                 ?      ?      ? ?    'X-RAY DIFFRACTION' ? 
r_scbond_it                  ?      ?      ? ?    'X-RAY DIFFRACTION' ? 
r_scangle_it                 ?      ?      ? ?    'X-RAY DIFFRACTION' ? 
r_rigid_bond_restr           ?      ?      ? ?    'X-RAY DIFFRACTION' ? 
r_sphericity_free            ?      ?      ? ?    'X-RAY DIFFRACTION' ? 
r_sphericity_bonded          ?      ?      ? ?    'X-RAY DIFFRACTION' ? 
# 
_refine_ls_shell.pdbx_refine_id                   'X-RAY DIFFRACTION' 
_refine_ls_shell.pdbx_total_number_of_bins_used   20 
_refine_ls_shell.d_res_high                       1.600 
_refine_ls_shell.d_res_low                        1.641 
_refine_ls_shell.number_reflns_R_work             1152 
_refine_ls_shell.R_factor_R_work                  0.300 
_refine_ls_shell.percent_reflns_obs               99.02 
_refine_ls_shell.R_factor_R_free                  0.299 
_refine_ls_shell.R_factor_R_free_error            ? 
_refine_ls_shell.percent_reflns_R_free            ? 
_refine_ls_shell.number_reflns_R_free             62 
_refine_ls_shell.number_reflns_all                ? 
_refine_ls_shell.R_factor_all                     ? 
_refine_ls_shell.redundancy_reflns_obs            ? 
_refine_ls_shell.number_reflns_obs                ? 
# 
_struct.entry_id                  4HHG 
_struct.title                     'Crystal structure of the Pseudomonas aeruginosa azurin, RuH107NO YOH109' 
_struct.pdbx_model_details        ? 
_struct.pdbx_CASP_flag            ? 
_struct.pdbx_model_type_details   ? 
# 
_struct_keywords.entry_id        4HHG 
_struct_keywords.pdbx_keywords   'ELECTRON TRANSPORT' 
_struct_keywords.text            'Greek key, Electron Transfer, Nitrosylated, ELECTRON TRANSPORT' 
# 
loop_
_struct_asym.id 
_struct_asym.pdbx_blank_PDB_chainid_flag 
_struct_asym.pdbx_modified 
_struct_asym.entity_id 
_struct_asym.details 
A N N 1 ? 
B N N 2 ? 
C N N 3 ? 
D N N 4 ? 
# 
_struct_ref.id                         1 
_struct_ref.db_name                    UNP 
_struct_ref.db_code                    AZUR_PSEAE 
_struct_ref.pdbx_db_accession          P00282 
_struct_ref.entity_id                  1 
_struct_ref.pdbx_seq_one_letter_code   
;AECSVDIQGNDQMQFNTNAITVDKSCKQFTVNLSHPGNLPKNVMGHNWVLSTAADMQGVVTDGMASGLDKDYLKPDDSRV
IAHTKLIGSGEKDSVTFDVSKLKEGEQYMFFCTFPGHSALMKGTLTLK
;
_struct_ref.pdbx_align_begin           21 
_struct_ref.pdbx_db_isoform            ? 
# 
_struct_ref_seq.align_id                      1 
_struct_ref_seq.ref_id                        1 
_struct_ref_seq.pdbx_PDB_id_code              4HHG 
_struct_ref_seq.pdbx_strand_id                A 
_struct_ref_seq.seq_align_beg                 1 
_struct_ref_seq.pdbx_seq_align_beg_ins_code   ? 
_struct_ref_seq.seq_align_end                 128 
_struct_ref_seq.pdbx_seq_align_end_ins_code   ? 
_struct_ref_seq.pdbx_db_accession             P00282 
_struct_ref_seq.db_align_beg                  21 
_struct_ref_seq.pdbx_db_align_beg_ins_code    ? 
_struct_ref_seq.db_align_end                  148 
_struct_ref_seq.pdbx_db_align_end_ins_code    ? 
_struct_ref_seq.pdbx_auth_seq_align_beg       1 
_struct_ref_seq.pdbx_auth_seq_align_end       128 
# 
loop_
_struct_ref_seq_dif.align_id 
_struct_ref_seq_dif.pdbx_pdb_id_code 
_struct_ref_seq_dif.mon_id 
_struct_ref_seq_dif.pdbx_pdb_strand_id 
_struct_ref_seq_dif.seq_num 
_struct_ref_seq_dif.pdbx_pdb_ins_code 
_struct_ref_seq_dif.pdbx_seq_db_name 
_struct_ref_seq_dif.pdbx_seq_db_accession_code 
_struct_ref_seq_dif.db_mon_id 
_struct_ref_seq_dif.pdbx_seq_db_seq_num 
_struct_ref_seq_dif.details 
_struct_ref_seq_dif.pdbx_auth_seq_num 
_struct_ref_seq_dif.pdbx_ordinal 
1 4HHG PHE A 48  ? UNP P00282 TRP 68  'engineered mutation' 48  1 
1 4HHG PHE A 72  ? UNP P00282 TYR 92  'engineered mutation' 72  2 
1 4HHG GLU A 105 ? UNP P00282 GLY 125 conflict              105 3 
1 4HHG HIS A 107 ? UNP P00282 GLN 127 'engineered mutation' 107 4 
1 4HHG PHE A 108 ? UNP P00282 TYR 128 'engineered mutation' 108 5 
1 4HHG NIY A 109 ? UNP P00282 MET 129 'engineered mutation' 109 6 
# 
loop_
_pdbx_struct_assembly.id 
_pdbx_struct_assembly.details 
_pdbx_struct_assembly.method_details 
_pdbx_struct_assembly.oligomeric_details 
_pdbx_struct_assembly.oligomeric_count 
1 author_defined_assembly   ?    monomeric 1 
2 software_defined_assembly PISA dimeric   2 
# 
loop_
_pdbx_struct_assembly_prop.biol_id 
_pdbx_struct_assembly_prop.type 
_pdbx_struct_assembly_prop.value 
_pdbx_struct_assembly_prop.details 
2 'ABSA (A^2)' 1850  ? 
2 MORE         -18   ? 
2 'SSA (A^2)'  12600 ? 
# 
loop_
_pdbx_struct_assembly_gen.assembly_id 
_pdbx_struct_assembly_gen.oper_expression 
_pdbx_struct_assembly_gen.asym_id_list 
1 1   A,B,C,D 
2 1,2 A,B,C,D 
# 
loop_
_pdbx_struct_oper_list.id 
_pdbx_struct_oper_list.type 
_pdbx_struct_oper_list.name 
_pdbx_struct_oper_list.symmetry_operation 
_pdbx_struct_oper_list.matrix[1][1] 
_pdbx_struct_oper_list.matrix[1][2] 
_pdbx_struct_oper_list.matrix[1][3] 
_pdbx_struct_oper_list.vector[1] 
_pdbx_struct_oper_list.matrix[2][1] 
_pdbx_struct_oper_list.matrix[2][2] 
_pdbx_struct_oper_list.matrix[2][3] 
_pdbx_struct_oper_list.vector[2] 
_pdbx_struct_oper_list.matrix[3][1] 
_pdbx_struct_oper_list.matrix[3][2] 
_pdbx_struct_oper_list.matrix[3][3] 
_pdbx_struct_oper_list.vector[3] 
1 'identity operation'         1_555 x,y,z     1.0000000000 0.0000000000 0.0000000000  0.0000000000 0.0000000000 1.0000000000  0.0000000000  0.0000000000  0.0000000000  0.0000000000  1.0000000000  0.0000000000  
2 'crystal symmetry operation' 4_545 x,-y-1,-z 0.5369518469 0.6535155123 -0.5334793242 4.7474252585 0.6535155123 -0.7221236790 -0.2268366537 11.8629716158 -0.5334793242 -0.2268366537 -0.8148281679 28.2095281108 
# 
_struct_biol.id        1 
_struct_biol.details   ? 
# 
loop_
_struct_conf.conf_type_id 
_struct_conf.id 
_struct_conf.pdbx_PDB_helix_id 
_struct_conf.beg_label_comp_id 
_struct_conf.beg_label_asym_id 
_struct_conf.beg_label_seq_id 
_struct_conf.pdbx_beg_PDB_ins_code 
_struct_conf.end_label_comp_id 
_struct_conf.end_label_asym_id 
_struct_conf.end_label_seq_id 
_struct_conf.pdbx_end_PDB_ins_code 
_struct_conf.beg_auth_comp_id 
_struct_conf.beg_auth_asym_id 
_struct_conf.beg_auth_seq_id 
_struct_conf.end_auth_comp_id 
_struct_conf.end_auth_asym_id 
_struct_conf.end_auth_seq_id 
_struct_conf.pdbx_PDB_helix_class 
_struct_conf.details 
_struct_conf.pdbx_PDB_helix_length 
HELX_P HELX_P1 1 PRO A 40  ? GLY A 45  ? PRO A 40  GLY A 45  1 ? 6  
HELX_P HELX_P2 2 ASP A 55  ? GLY A 67  ? ASP A 55  GLY A 67  1 ? 13 
HELX_P HELX_P3 3 LEU A 68  ? ASP A 71  ? LEU A 68  ASP A 71  5 ? 4  
HELX_P HELX_P4 4 SER A 100 ? LYS A 103 ? SER A 100 LYS A 103 5 ? 4  
HELX_P HELX_P5 5 GLY A 116 ? LEU A 120 ? GLY A 116 LEU A 120 5 ? 5  
# 
_struct_conf_type.id          HELX_P 
_struct_conf_type.criteria    ? 
_struct_conf_type.reference   ? 
# 
loop_
_struct_conn.id 
_struct_conn.conn_type_id 
_struct_conn.pdbx_leaving_atom_flag 
_struct_conn.pdbx_PDB_id 
_struct_conn.ptnr1_label_asym_id 
_struct_conn.ptnr1_label_comp_id 
_struct_conn.ptnr1_label_seq_id 
_struct_conn.ptnr1_label_atom_id 
_struct_conn.pdbx_ptnr1_label_alt_id 
_struct_conn.pdbx_ptnr1_PDB_ins_code 
_struct_conn.pdbx_ptnr1_standard_comp_id 
_struct_conn.ptnr1_symmetry 
_struct_conn.ptnr2_label_asym_id 
_struct_conn.ptnr2_label_comp_id 
_struct_conn.ptnr2_label_seq_id 
_struct_conn.ptnr2_label_atom_id 
_struct_conn.pdbx_ptnr2_label_alt_id 
_struct_conn.pdbx_ptnr2_PDB_ins_code 
_struct_conn.ptnr1_auth_asym_id 
_struct_conn.ptnr1_auth_comp_id 
_struct_conn.ptnr1_auth_seq_id 
_struct_conn.ptnr2_auth_asym_id 
_struct_conn.ptnr2_auth_comp_id 
_struct_conn.ptnr2_auth_seq_id 
_struct_conn.ptnr2_symmetry 
_struct_conn.pdbx_ptnr3_label_atom_id 
_struct_conn.pdbx_ptnr3_label_seq_id 
_struct_conn.pdbx_ptnr3_label_comp_id 
_struct_conn.pdbx_ptnr3_label_asym_id 
_struct_conn.pdbx_ptnr3_label_alt_id 
_struct_conn.pdbx_ptnr3_PDB_ins_code 
_struct_conn.details 
_struct_conn.pdbx_dist_value 
_struct_conn.pdbx_value_order 
_struct_conn.pdbx_role 
disulf1 disulf ?    ? A CYS 3   SG  ? ? ? 1_555 A CYS 26  SG ? ? A CYS 3   A CYS 26  1_555 ? ? ? ? ? ? ? 2.087 ? ? 
covale1 covale both ? A PHE 108 C   ? ? ? 1_555 A NIY 109 N  ? ? A PHE 108 A NIY 109 1_555 ? ? ? ? ? ? ? 1.327 ? ? 
covale2 covale both ? A NIY 109 C   ? ? ? 1_555 A PHE 110 N  ? ? A NIY 109 A PHE 110 1_555 ? ? ? ? ? ? ? 1.316 ? ? 
metalc1 metalc ?    ? A HIS 46  ND1 ? ? ? 1_555 B CU  .   CU ? ? A HIS 46  A CU  201 1_555 ? ? ? ? ? ? ? 1.985 ? ? 
metalc2 metalc ?    ? A HIS 107 NE2 ? ? ? 1_555 C DRU .   RU A ? A HIS 107 A DRU 202 1_555 ? ? ? ? ? ? ? 2.056 ? ? 
metalc3 metalc ?    ? A CYS 112 SG  ? ? ? 1_555 B CU  .   CU ? ? A CYS 112 A CU  201 1_555 ? ? ? ? ? ? ? 2.276 ? ? 
metalc4 metalc ?    ? A HIS 117 ND1 ? ? ? 1_555 B CU  .   CU ? ? A HIS 117 A CU  201 1_555 ? ? ? ? ? ? ? 1.994 ? ? 
# 
loop_
_struct_conn_type.id 
_struct_conn_type.criteria 
_struct_conn_type.reference 
disulf ? ? 
covale ? ? 
metalc ? ? 
# 
loop_
_pdbx_struct_conn_angle.id 
_pdbx_struct_conn_angle.ptnr1_label_atom_id 
_pdbx_struct_conn_angle.ptnr1_label_alt_id 
_pdbx_struct_conn_angle.ptnr1_label_asym_id 
_pdbx_struct_conn_angle.ptnr1_label_comp_id 
_pdbx_struct_conn_angle.ptnr1_label_seq_id 
_pdbx_struct_conn_angle.ptnr1_auth_atom_id 
_pdbx_struct_conn_angle.ptnr1_auth_asym_id 
_pdbx_struct_conn_angle.ptnr1_auth_comp_id 
_pdbx_struct_conn_angle.ptnr1_auth_seq_id 
_pdbx_struct_conn_angle.ptnr1_PDB_ins_code 
_pdbx_struct_conn_angle.ptnr1_symmetry 
_pdbx_struct_conn_angle.ptnr2_label_atom_id 
_pdbx_struct_conn_angle.ptnr2_label_alt_id 
_pdbx_struct_conn_angle.ptnr2_label_asym_id 
_pdbx_struct_conn_angle.ptnr2_label_comp_id 
_pdbx_struct_conn_angle.ptnr2_label_seq_id 
_pdbx_struct_conn_angle.ptnr2_auth_atom_id 
_pdbx_struct_conn_angle.ptnr2_auth_asym_id 
_pdbx_struct_conn_angle.ptnr2_auth_comp_id 
_pdbx_struct_conn_angle.ptnr2_auth_seq_id 
_pdbx_struct_conn_angle.ptnr2_PDB_ins_code 
_pdbx_struct_conn_angle.ptnr2_symmetry 
_pdbx_struct_conn_angle.ptnr3_label_atom_id 
_pdbx_struct_conn_angle.ptnr3_label_alt_id 
_pdbx_struct_conn_angle.ptnr3_label_asym_id 
_pdbx_struct_conn_angle.ptnr3_label_comp_id 
_pdbx_struct_conn_angle.ptnr3_label_seq_id 
_pdbx_struct_conn_angle.ptnr3_auth_atom_id 
_pdbx_struct_conn_angle.ptnr3_auth_asym_id 
_pdbx_struct_conn_angle.ptnr3_auth_comp_id 
_pdbx_struct_conn_angle.ptnr3_auth_seq_id 
_pdbx_struct_conn_angle.ptnr3_PDB_ins_code 
_pdbx_struct_conn_angle.ptnr3_symmetry 
_pdbx_struct_conn_angle.value 
_pdbx_struct_conn_angle.value_esd 
1  ND1 ? A HIS 46  ? A HIS 46  ? 1_555 CU ? B CU  . ? A CU  201 ? 1_555 SG  ? A CYS 112 ? A CYS 112 ? 1_555 135.1 ? 
2  ND1 ? A HIS 46  ? A HIS 46  ? 1_555 CU ? B CU  . ? A CU  201 ? 1_555 ND1 ? A HIS 117 ? A HIS 117 ? 1_555 106.0 ? 
3  SG  ? A CYS 112 ? A CYS 112 ? 1_555 CU ? B CU  . ? A CU  201 ? 1_555 ND1 ? A HIS 117 ? A HIS 117 ? 1_555 118.7 ? 
4  NE2 ? A HIS 107 ? A HIS 107 ? 1_555 RU A C DRU . ? A DRU 202 ? 1_555 N13 A C DRU .   ? A DRU 202 ? 1_555 86.6  ? 
5  NE2 ? A HIS 107 ? A HIS 107 ? 1_555 RU A C DRU . ? A DRU 202 ? 1_555 N2  A C DRU .   ? A DRU 202 ? 1_555 88.7  ? 
6  N13 A C DRU .   ? A DRU 202 ? 1_555 RU A C DRU . ? A DRU 202 ? 1_555 N2  A C DRU .   ? A DRU 202 ? 1_555 90.9  ? 
7  NE2 ? A HIS 107 ? A HIS 107 ? 1_555 RU A C DRU . ? A DRU 202 ? 1_555 N37 A C DRU .   ? A DRU 202 ? 1_555 90.2  ? 
8  N13 A C DRU .   ? A DRU 202 ? 1_555 RU A C DRU . ? A DRU 202 ? 1_555 N37 A C DRU .   ? A DRU 202 ? 1_555 88.1  ? 
9  N2  A C DRU .   ? A DRU 202 ? 1_555 RU A C DRU . ? A DRU 202 ? 1_555 N37 A C DRU .   ? A DRU 202 ? 1_555 178.6 ? 
10 NE2 ? A HIS 107 ? A HIS 107 ? 1_555 RU A C DRU . ? A DRU 202 ? 1_555 N26 A C DRU .   ? A DRU 202 ? 1_555 176.1 ? 
11 N13 A C DRU .   ? A DRU 202 ? 1_555 RU A C DRU . ? A DRU 202 ? 1_555 N26 A C DRU .   ? A DRU 202 ? 1_555 92.3  ? 
12 N2  A C DRU .   ? A DRU 202 ? 1_555 RU A C DRU . ? A DRU 202 ? 1_555 N26 A C DRU .   ? A DRU 202 ? 1_555 95.1  ? 
13 N37 A C DRU .   ? A DRU 202 ? 1_555 RU A C DRU . ? A DRU 202 ? 1_555 N26 A C DRU .   ? A DRU 202 ? 1_555 85.9  ? 
14 NE2 ? A HIS 107 ? A HIS 107 ? 1_555 RU A C DRU . ? A DRU 202 ? 1_555 ND1 A C DRU .   ? A DRU 202 ? 1_555 92.0  ? 
15 N13 A C DRU .   ? A DRU 202 ? 1_555 RU A C DRU . ? A DRU 202 ? 1_555 ND1 A C DRU .   ? A DRU 202 ? 1_555 174.3 ? 
16 N2  A C DRU .   ? A DRU 202 ? 1_555 RU A C DRU . ? A DRU 202 ? 1_555 ND1 A C DRU .   ? A DRU 202 ? 1_555 83.5  ? 
17 N37 A C DRU .   ? A DRU 202 ? 1_555 RU A C DRU . ? A DRU 202 ? 1_555 ND1 A C DRU .   ? A DRU 202 ? 1_555 97.4  ? 
18 N26 A C DRU .   ? A DRU 202 ? 1_555 RU A C DRU . ? A DRU 202 ? 1_555 ND1 A C DRU .   ? A DRU 202 ? 1_555 89.4  ? 
# 
loop_
_pdbx_modification_feature.ordinal 
_pdbx_modification_feature.label_comp_id 
_pdbx_modification_feature.label_asym_id 
_pdbx_modification_feature.label_seq_id 
_pdbx_modification_feature.label_alt_id 
_pdbx_modification_feature.modified_residue_label_comp_id 
_pdbx_modification_feature.modified_residue_label_asym_id 
_pdbx_modification_feature.modified_residue_label_seq_id 
_pdbx_modification_feature.modified_residue_label_alt_id 
_pdbx_modification_feature.auth_comp_id 
_pdbx_modification_feature.auth_asym_id 
_pdbx_modification_feature.auth_seq_id 
_pdbx_modification_feature.PDB_ins_code 
_pdbx_modification_feature.symmetry 
_pdbx_modification_feature.modified_residue_auth_comp_id 
_pdbx_modification_feature.modified_residue_auth_asym_id 
_pdbx_modification_feature.modified_residue_auth_seq_id 
_pdbx_modification_feature.modified_residue_PDB_ins_code 
_pdbx_modification_feature.modified_residue_symmetry 
_pdbx_modification_feature.comp_id_linking_atom 
_pdbx_modification_feature.modified_residue_id_linking_atom 
_pdbx_modification_feature.modified_residue_id 
_pdbx_modification_feature.ref_pcm_id 
_pdbx_modification_feature.ref_comp_id 
_pdbx_modification_feature.type 
_pdbx_modification_feature.category 
1 NIY A 109 ? .   . .  . NIY A 109 ? 1_555 .   . .  . .     .  .  TYR 1 NIY Nitration 'Named protein modification' 
2 CYS A 3   ? CYS A 26 ? CYS A 3   ? 1_555 CYS A 26 ? 1_555 SG SG .   . .   None      'Disulfide bridge'           
# 
loop_
_struct_sheet.id 
_struct_sheet.type 
_struct_sheet.number_strands 
_struct_sheet.details 
A ? 3 ? 
B ? 5 ? 
# 
loop_
_struct_sheet_order.sheet_id 
_struct_sheet_order.range_id_1 
_struct_sheet_order.range_id_2 
_struct_sheet_order.offset 
_struct_sheet_order.sense 
A 1 2 ? parallel      
A 2 3 ? anti-parallel 
B 1 2 ? parallel      
B 2 3 ? anti-parallel 
B 3 4 ? anti-parallel 
B 4 5 ? anti-parallel 
# 
loop_
_struct_sheet_range.sheet_id 
_struct_sheet_range.id 
_struct_sheet_range.beg_label_comp_id 
_struct_sheet_range.beg_label_asym_id 
_struct_sheet_range.beg_label_seq_id 
_struct_sheet_range.pdbx_beg_PDB_ins_code 
_struct_sheet_range.end_label_comp_id 
_struct_sheet_range.end_label_asym_id 
_struct_sheet_range.end_label_seq_id 
_struct_sheet_range.pdbx_end_PDB_ins_code 
_struct_sheet_range.beg_auth_comp_id 
_struct_sheet_range.beg_auth_asym_id 
_struct_sheet_range.beg_auth_seq_id 
_struct_sheet_range.end_auth_comp_id 
_struct_sheet_range.end_auth_asym_id 
_struct_sheet_range.end_auth_seq_id 
A 1 SER A 4   ? GLN A 8   ? SER A 4   GLN A 8   
A 2 GLN A 28  ? SER A 34  ? GLN A 28  SER A 34  
A 3 LYS A 92  ? ASP A 98  ? LYS A 92  ASP A 98  
B 1 ALA A 19  ? ASP A 23  ? ALA A 19  ASP A 23  
B 2 LYS A 122 ? LYS A 128 ? LYS A 122 LYS A 128 
B 3 PHE A 108 ? PHE A 111 ? PHE A 108 PHE A 111 
B 4 VAL A 49  ? THR A 52  ? VAL A 49  THR A 52  
B 5 ALA A 82  ? HIS A 83  ? ALA A 82  HIS A 83  
# 
loop_
_pdbx_struct_sheet_hbond.sheet_id 
_pdbx_struct_sheet_hbond.range_id_1 
_pdbx_struct_sheet_hbond.range_id_2 
_pdbx_struct_sheet_hbond.range_1_label_atom_id 
_pdbx_struct_sheet_hbond.range_1_label_comp_id 
_pdbx_struct_sheet_hbond.range_1_label_asym_id 
_pdbx_struct_sheet_hbond.range_1_label_seq_id 
_pdbx_struct_sheet_hbond.range_1_PDB_ins_code 
_pdbx_struct_sheet_hbond.range_1_auth_atom_id 
_pdbx_struct_sheet_hbond.range_1_auth_comp_id 
_pdbx_struct_sheet_hbond.range_1_auth_asym_id 
_pdbx_struct_sheet_hbond.range_1_auth_seq_id 
_pdbx_struct_sheet_hbond.range_2_label_atom_id 
_pdbx_struct_sheet_hbond.range_2_label_comp_id 
_pdbx_struct_sheet_hbond.range_2_label_asym_id 
_pdbx_struct_sheet_hbond.range_2_label_seq_id 
_pdbx_struct_sheet_hbond.range_2_PDB_ins_code 
_pdbx_struct_sheet_hbond.range_2_auth_atom_id 
_pdbx_struct_sheet_hbond.range_2_auth_comp_id 
_pdbx_struct_sheet_hbond.range_2_auth_asym_id 
_pdbx_struct_sheet_hbond.range_2_auth_seq_id 
A 1 2 N VAL A 5   ? N VAL A 5   O ASN A 32  ? O ASN A 32  
A 2 3 N LEU A 33  ? N LEU A 33  O ASP A 93  ? O ASP A 93  
B 1 2 N VAL A 22  ? N VAL A 22  O THR A 126 ? O THR A 126 
B 2 3 O GLY A 123 ? O GLY A 123 N PHE A 110 ? N PHE A 110 
B 3 4 O PHE A 111 ? O PHE A 111 N VAL A 49  ? N VAL A 49  
B 4 5 N LEU A 50  ? N LEU A 50  O ALA A 82  ? O ALA A 82  
# 
loop_
_struct_site.id 
_struct_site.pdbx_evidence_code 
_struct_site.pdbx_auth_asym_id 
_struct_site.pdbx_auth_comp_id 
_struct_site.pdbx_auth_seq_id 
_struct_site.pdbx_auth_ins_code 
_struct_site.pdbx_num_residues 
_struct_site.details 
AC1 Software A CU  201 ? 5 'BINDING SITE FOR RESIDUE CU A 201'  
AC2 Software A DRU 202 ? 6 'BINDING SITE FOR RESIDUE DRU A 202' 
# 
loop_
_struct_site_gen.id 
_struct_site_gen.site_id 
_struct_site_gen.pdbx_num_res 
_struct_site_gen.label_comp_id 
_struct_site_gen.label_asym_id 
_struct_site_gen.label_seq_id 
_struct_site_gen.pdbx_auth_ins_code 
_struct_site_gen.auth_comp_id 
_struct_site_gen.auth_asym_id 
_struct_site_gen.auth_seq_id 
_struct_site_gen.label_atom_id 
_struct_site_gen.label_alt_id 
_struct_site_gen.symmetry 
_struct_site_gen.details 
1  AC1 5 GLY A 45  ? GLY A 45  . ? 1_555 ? 
2  AC1 5 HIS A 46  ? HIS A 46  . ? 1_555 ? 
3  AC1 5 CYS A 112 ? CYS A 112 . ? 1_555 ? 
4  AC1 5 HIS A 117 ? HIS A 117 . ? 1_555 ? 
5  AC1 5 MET A 121 ? MET A 121 . ? 1_555 ? 
6  AC2 6 GLN A 28  ? GLN A 28  . ? 8_544 ? 
7  AC2 6 THR A 96  ? THR A 96  . ? 8_544 ? 
8  AC2 6 GLU A 106 ? GLU A 106 . ? 1_555 ? 
9  AC2 6 HIS A 107 ? HIS A 107 . ? 1_555 ? 
10 AC2 6 THR A 126 ? THR A 126 . ? 1_555 ? 
11 AC2 6 LYS A 128 ? LYS A 128 . ? 1_555 ? 
# 
_pdbx_entry_details.entry_id                   4HHG 
_pdbx_entry_details.compound_details           ? 
_pdbx_entry_details.source_details             ? 
_pdbx_entry_details.nonpolymer_details         ? 
_pdbx_entry_details.sequence_details           ? 
_pdbx_entry_details.has_ligand_of_interest     ? 
_pdbx_entry_details.has_protein_modification   Y 
# 
_pdbx_validate_close_contact.id               1 
_pdbx_validate_close_contact.PDB_model_num    1 
_pdbx_validate_close_contact.auth_atom_id_1   OD1 
_pdbx_validate_close_contact.auth_asym_id_1   A 
_pdbx_validate_close_contact.auth_comp_id_1   ASN 
_pdbx_validate_close_contact.auth_seq_id_1    32 
_pdbx_validate_close_contact.PDB_ins_code_1   ? 
_pdbx_validate_close_contact.label_alt_id_1   ? 
_pdbx_validate_close_contact.auth_atom_id_2   OG 
_pdbx_validate_close_contact.auth_asym_id_2   A 
_pdbx_validate_close_contact.auth_comp_id_2   SER 
_pdbx_validate_close_contact.auth_seq_id_2    94 
_pdbx_validate_close_contact.PDB_ins_code_2   ? 
_pdbx_validate_close_contact.label_alt_id_2   B 
_pdbx_validate_close_contact.dist             2.12 
# 
_pdbx_validate_symm_contact.id                1 
_pdbx_validate_symm_contact.PDB_model_num     1 
_pdbx_validate_symm_contact.auth_atom_id_1    OD2 
_pdbx_validate_symm_contact.auth_asym_id_1    A 
_pdbx_validate_symm_contact.auth_comp_id_1    ASP 
_pdbx_validate_symm_contact.auth_seq_id_1     69 
_pdbx_validate_symm_contact.PDB_ins_code_1    ? 
_pdbx_validate_symm_contact.label_alt_id_1    ? 
_pdbx_validate_symm_contact.site_symmetry_1   1_555 
_pdbx_validate_symm_contact.auth_atom_id_2    O 
_pdbx_validate_symm_contact.auth_asym_id_2    A 
_pdbx_validate_symm_contact.auth_comp_id_2    HOH 
_pdbx_validate_symm_contact.auth_seq_id_2     330 
_pdbx_validate_symm_contact.PDB_ins_code_2    ? 
_pdbx_validate_symm_contact.label_alt_id_2    ? 
_pdbx_validate_symm_contact.site_symmetry_2   3_455 
_pdbx_validate_symm_contact.dist              1.89 
# 
loop_
_pdbx_validate_rmsd_bond.id 
_pdbx_validate_rmsd_bond.PDB_model_num 
_pdbx_validate_rmsd_bond.auth_atom_id_1 
_pdbx_validate_rmsd_bond.auth_asym_id_1 
_pdbx_validate_rmsd_bond.auth_comp_id_1 
_pdbx_validate_rmsd_bond.auth_seq_id_1 
_pdbx_validate_rmsd_bond.PDB_ins_code_1 
_pdbx_validate_rmsd_bond.label_alt_id_1 
_pdbx_validate_rmsd_bond.auth_atom_id_2 
_pdbx_validate_rmsd_bond.auth_asym_id_2 
_pdbx_validate_rmsd_bond.auth_comp_id_2 
_pdbx_validate_rmsd_bond.auth_seq_id_2 
_pdbx_validate_rmsd_bond.PDB_ins_code_2 
_pdbx_validate_rmsd_bond.label_alt_id_2 
_pdbx_validate_rmsd_bond.bond_value 
_pdbx_validate_rmsd_bond.bond_target_value 
_pdbx_validate_rmsd_bond.bond_deviation 
_pdbx_validate_rmsd_bond.bond_standard_deviation 
_pdbx_validate_rmsd_bond.linker_flag 
1 1 CG A HIS 35  ? ? CD2 A HIS 35  ? ? 1.410 1.354 0.056 0.009 N 
2 1 CG A HIS 83  ? ? CD2 A HIS 83  ? ? 1.410 1.354 0.056 0.009 N 
3 1 CG A HIS 107 ? ? CD2 A HIS 107 ? ? 1.411 1.354 0.057 0.009 N 
4 1 CG A PHE 110 ? ? CD2 A PHE 110 ? ? 1.496 1.383 0.113 0.015 N 
5 1 CG A HIS 117 ? ? CD2 A HIS 117 ? ? 1.423 1.354 0.069 0.009 N 
# 
_pdbx_validate_torsion.id              1 
_pdbx_validate_torsion.PDB_model_num   1 
_pdbx_validate_torsion.auth_comp_id    MET 
_pdbx_validate_torsion.auth_asym_id    A 
_pdbx_validate_torsion.auth_seq_id     44 
_pdbx_validate_torsion.PDB_ins_code    ? 
_pdbx_validate_torsion.label_alt_id    ? 
_pdbx_validate_torsion.phi             -155.08 
_pdbx_validate_torsion.psi             43.43 
# 
_pdbx_struct_mod_residue.id               1 
_pdbx_struct_mod_residue.label_asym_id    A 
_pdbx_struct_mod_residue.label_comp_id    NIY 
_pdbx_struct_mod_residue.label_seq_id     109 
_pdbx_struct_mod_residue.auth_asym_id     A 
_pdbx_struct_mod_residue.auth_comp_id     NIY 
_pdbx_struct_mod_residue.auth_seq_id      109 
_pdbx_struct_mod_residue.PDB_ins_code     ? 
_pdbx_struct_mod_residue.parent_comp_id   TYR 
_pdbx_struct_mod_residue.details          META-NITRO-TYROSINE 
# 
_pdbx_struct_special_symmetry.id              1 
_pdbx_struct_special_symmetry.PDB_model_num   1 
_pdbx_struct_special_symmetry.auth_asym_id    A 
_pdbx_struct_special_symmetry.auth_comp_id    HOH 
_pdbx_struct_special_symmetry.auth_seq_id     332 
_pdbx_struct_special_symmetry.PDB_ins_code    ? 
_pdbx_struct_special_symmetry.label_asym_id   D 
_pdbx_struct_special_symmetry.label_comp_id   HOH 
_pdbx_struct_special_symmetry.label_seq_id    . 
# 
loop_
_chem_comp_atom.comp_id 
_chem_comp_atom.atom_id 
_chem_comp_atom.type_symbol 
_chem_comp_atom.pdbx_aromatic_flag 
_chem_comp_atom.pdbx_stereo_config 
_chem_comp_atom.pdbx_ordinal 
ALA N    N  N N 1   
ALA CA   C  N S 2   
ALA C    C  N N 3   
ALA O    O  N N 4   
ALA CB   C  N N 5   
ALA OXT  O  N N 6   
ALA H    H  N N 7   
ALA H2   H  N N 8   
ALA HA   H  N N 9   
ALA HB1  H  N N 10  
ALA HB2  H  N N 11  
ALA HB3  H  N N 12  
ALA HXT  H  N N 13  
ARG N    N  N N 14  
ARG CA   C  N S 15  
ARG C    C  N N 16  
ARG O    O  N N 17  
ARG CB   C  N N 18  
ARG CG   C  N N 19  
ARG CD   C  N N 20  
ARG NE   N  N N 21  
ARG CZ   C  N N 22  
ARG NH1  N  N N 23  
ARG NH2  N  N N 24  
ARG OXT  O  N N 25  
ARG H    H  N N 26  
ARG H2   H  N N 27  
ARG HA   H  N N 28  
ARG HB2  H  N N 29  
ARG HB3  H  N N 30  
ARG HG2  H  N N 31  
ARG HG3  H  N N 32  
ARG HD2  H  N N 33  
ARG HD3  H  N N 34  
ARG HE   H  N N 35  
ARG HH11 H  N N 36  
ARG HH12 H  N N 37  
ARG HH21 H  N N 38  
ARG HH22 H  N N 39  
ARG HXT  H  N N 40  
ASN N    N  N N 41  
ASN CA   C  N S 42  
ASN C    C  N N 43  
ASN O    O  N N 44  
ASN CB   C  N N 45  
ASN CG   C  N N 46  
ASN OD1  O  N N 47  
ASN ND2  N  N N 48  
ASN OXT  O  N N 49  
ASN H    H  N N 50  
ASN H2   H  N N 51  
ASN HA   H  N N 52  
ASN HB2  H  N N 53  
ASN HB3  H  N N 54  
ASN HD21 H  N N 55  
ASN HD22 H  N N 56  
ASN HXT  H  N N 57  
ASP N    N  N N 58  
ASP CA   C  N S 59  
ASP C    C  N N 60  
ASP O    O  N N 61  
ASP CB   C  N N 62  
ASP CG   C  N N 63  
ASP OD1  O  N N 64  
ASP OD2  O  N N 65  
ASP OXT  O  N N 66  
ASP H    H  N N 67  
ASP H2   H  N N 68  
ASP HA   H  N N 69  
ASP HB2  H  N N 70  
ASP HB3  H  N N 71  
ASP HD2  H  N N 72  
ASP HXT  H  N N 73  
CU  CU   CU N N 74  
CYS N    N  N N 75  
CYS CA   C  N R 76  
CYS C    C  N N 77  
CYS O    O  N N 78  
CYS CB   C  N N 79  
CYS SG   S  N N 80  
CYS OXT  O  N N 81  
CYS H    H  N N 82  
CYS H2   H  N N 83  
CYS HA   H  N N 84  
CYS HB2  H  N N 85  
CYS HB3  H  N N 86  
CYS HG   H  N N 87  
CYS HXT  H  N N 88  
DRU RU   RU N N 89  
DRU N2   N  Y N 90  
DRU C3   C  Y N 91  
DRU C4   C  Y N 92  
DRU C5   C  Y N 93  
DRU C6   C  Y N 94  
DRU C7   C  Y N 95  
DRU C8   C  Y N 96  
DRU C9   C  Y N 97  
DRU C10  C  Y N 98  
DRU C11  C  Y N 99  
DRU C12  C  Y N 100 
DRU N13  N  Y N 101 
DRU N26  N  Y N 102 
DRU C27  C  Y N 103 
DRU C28  C  Y N 104 
DRU C29  C  Y N 105 
DRU C30  C  Y N 106 
DRU C31  C  Y N 107 
DRU C32  C  Y N 108 
DRU C33  C  Y N 109 
DRU C34  C  Y N 110 
DRU C35  C  Y N 111 
DRU C36  C  Y N 112 
DRU N37  N  Y N 113 
DRU CG   C  Y N 114 
DRU CD2  C  Y N 115 
DRU ND1  N  Y N 116 
DRU CE1  C  Y N 117 
DRU NE2  N  Y N 118 
DRU H1   H  N N 119 
DRU H2   H  N N 120 
DRU H3   H  N N 121 
DRU H4   H  N N 122 
DRU H5   H  N N 123 
DRU H6   H  N N 124 
DRU H7   H  N N 125 
DRU H8   H  N N 126 
DRU H9   H  N N 127 
DRU H10  H  N N 128 
DRU H11  H  N N 129 
DRU H12  H  N N 130 
DRU H13  H  N N 131 
DRU H14  H  N N 132 
DRU H15  H  N N 133 
DRU H16  H  N N 134 
DRU H17  H  N N 135 
DRU H18  H  N N 136 
DRU H19  H  N N 137 
GLN N    N  N N 138 
GLN CA   C  N S 139 
GLN C    C  N N 140 
GLN O    O  N N 141 
GLN CB   C  N N 142 
GLN CG   C  N N 143 
GLN CD   C  N N 144 
GLN OE1  O  N N 145 
GLN NE2  N  N N 146 
GLN OXT  O  N N 147 
GLN H    H  N N 148 
GLN H2   H  N N 149 
GLN HA   H  N N 150 
GLN HB2  H  N N 151 
GLN HB3  H  N N 152 
GLN HG2  H  N N 153 
GLN HG3  H  N N 154 
GLN HE21 H  N N 155 
GLN HE22 H  N N 156 
GLN HXT  H  N N 157 
GLU N    N  N N 158 
GLU CA   C  N S 159 
GLU C    C  N N 160 
GLU O    O  N N 161 
GLU CB   C  N N 162 
GLU CG   C  N N 163 
GLU CD   C  N N 164 
GLU OE1  O  N N 165 
GLU OE2  O  N N 166 
GLU OXT  O  N N 167 
GLU H    H  N N 168 
GLU H2   H  N N 169 
GLU HA   H  N N 170 
GLU HB2  H  N N 171 
GLU HB3  H  N N 172 
GLU HG2  H  N N 173 
GLU HG3  H  N N 174 
GLU HE2  H  N N 175 
GLU HXT  H  N N 176 
GLY N    N  N N 177 
GLY CA   C  N N 178 
GLY C    C  N N 179 
GLY O    O  N N 180 
GLY OXT  O  N N 181 
GLY H    H  N N 182 
GLY H2   H  N N 183 
GLY HA2  H  N N 184 
GLY HA3  H  N N 185 
GLY HXT  H  N N 186 
HIS N    N  N N 187 
HIS CA   C  N S 188 
HIS C    C  N N 189 
HIS O    O  N N 190 
HIS CB   C  N N 191 
HIS CG   C  Y N 192 
HIS ND1  N  Y N 193 
HIS CD2  C  Y N 194 
HIS CE1  C  Y N 195 
HIS NE2  N  Y N 196 
HIS OXT  O  N N 197 
HIS H    H  N N 198 
HIS H2   H  N N 199 
HIS HA   H  N N 200 
HIS HB2  H  N N 201 
HIS HB3  H  N N 202 
HIS HD1  H  N N 203 
HIS HD2  H  N N 204 
HIS HE1  H  N N 205 
HIS HE2  H  N N 206 
HIS HXT  H  N N 207 
HOH O    O  N N 208 
HOH H1   H  N N 209 
HOH H2   H  N N 210 
ILE N    N  N N 211 
ILE CA   C  N S 212 
ILE C    C  N N 213 
ILE O    O  N N 214 
ILE CB   C  N S 215 
ILE CG1  C  N N 216 
ILE CG2  C  N N 217 
ILE CD1  C  N N 218 
ILE OXT  O  N N 219 
ILE H    H  N N 220 
ILE H2   H  N N 221 
ILE HA   H  N N 222 
ILE HB   H  N N 223 
ILE HG12 H  N N 224 
ILE HG13 H  N N 225 
ILE HG21 H  N N 226 
ILE HG22 H  N N 227 
ILE HG23 H  N N 228 
ILE HD11 H  N N 229 
ILE HD12 H  N N 230 
ILE HD13 H  N N 231 
ILE HXT  H  N N 232 
LEU N    N  N N 233 
LEU CA   C  N S 234 
LEU C    C  N N 235 
LEU O    O  N N 236 
LEU CB   C  N N 237 
LEU CG   C  N N 238 
LEU CD1  C  N N 239 
LEU CD2  C  N N 240 
LEU OXT  O  N N 241 
LEU H    H  N N 242 
LEU H2   H  N N 243 
LEU HA   H  N N 244 
LEU HB2  H  N N 245 
LEU HB3  H  N N 246 
LEU HG   H  N N 247 
LEU HD11 H  N N 248 
LEU HD12 H  N N 249 
LEU HD13 H  N N 250 
LEU HD21 H  N N 251 
LEU HD22 H  N N 252 
LEU HD23 H  N N 253 
LEU HXT  H  N N 254 
LYS N    N  N N 255 
LYS CA   C  N S 256 
LYS C    C  N N 257 
LYS O    O  N N 258 
LYS CB   C  N N 259 
LYS CG   C  N N 260 
LYS CD   C  N N 261 
LYS CE   C  N N 262 
LYS NZ   N  N N 263 
LYS OXT  O  N N 264 
LYS H    H  N N 265 
LYS H2   H  N N 266 
LYS HA   H  N N 267 
LYS HB2  H  N N 268 
LYS HB3  H  N N 269 
LYS HG2  H  N N 270 
LYS HG3  H  N N 271 
LYS HD2  H  N N 272 
LYS HD3  H  N N 273 
LYS HE2  H  N N 274 
LYS HE3  H  N N 275 
LYS HZ1  H  N N 276 
LYS HZ2  H  N N 277 
LYS HZ3  H  N N 278 
LYS HXT  H  N N 279 
MET N    N  N N 280 
MET CA   C  N S 281 
MET C    C  N N 282 
MET O    O  N N 283 
MET CB   C  N N 284 
MET CG   C  N N 285 
MET SD   S  N N 286 
MET CE   C  N N 287 
MET OXT  O  N N 288 
MET H    H  N N 289 
MET H2   H  N N 290 
MET HA   H  N N 291 
MET HB2  H  N N 292 
MET HB3  H  N N 293 
MET HG2  H  N N 294 
MET HG3  H  N N 295 
MET HE1  H  N N 296 
MET HE2  H  N N 297 
MET HE3  H  N N 298 
MET HXT  H  N N 299 
NIY N    N  N N 300 
NIY CA   C  N S 301 
NIY C    C  N N 302 
NIY O    O  N N 303 
NIY CB   C  N N 304 
NIY CG   C  Y N 305 
NIY CD1  C  Y N 306 
NIY CD2  C  Y N 307 
NIY CE1  C  Y N 308 
NIY CE2  C  Y N 309 
NIY CZ   C  Y N 310 
NIY OH   O  N N 311 
NIY NN   N  N N 312 
NIY O1   O  N N 313 
NIY O2   O  N N 314 
NIY OXT  O  N N 315 
NIY H    H  N N 316 
NIY H2   H  N N 317 
NIY HA   H  N N 318 
NIY HB2  H  N N 319 
NIY HB3  H  N N 320 
NIY HD1  H  N N 321 
NIY HD2  H  N N 322 
NIY HE2  H  N N 323 
NIY HH   H  N N 324 
NIY HXT  H  N N 325 
PHE N    N  N N 326 
PHE CA   C  N S 327 
PHE C    C  N N 328 
PHE O    O  N N 329 
PHE CB   C  N N 330 
PHE CG   C  Y N 331 
PHE CD1  C  Y N 332 
PHE CD2  C  Y N 333 
PHE CE1  C  Y N 334 
PHE CE2  C  Y N 335 
PHE CZ   C  Y N 336 
PHE OXT  O  N N 337 
PHE H    H  N N 338 
PHE H2   H  N N 339 
PHE HA   H  N N 340 
PHE HB2  H  N N 341 
PHE HB3  H  N N 342 
PHE HD1  H  N N 343 
PHE HD2  H  N N 344 
PHE HE1  H  N N 345 
PHE HE2  H  N N 346 
PHE HZ   H  N N 347 
PHE HXT  H  N N 348 
PRO N    N  N N 349 
PRO CA   C  N S 350 
PRO C    C  N N 351 
PRO O    O  N N 352 
PRO CB   C  N N 353 
PRO CG   C  N N 354 
PRO CD   C  N N 355 
PRO OXT  O  N N 356 
PRO H    H  N N 357 
PRO HA   H  N N 358 
PRO HB2  H  N N 359 
PRO HB3  H  N N 360 
PRO HG2  H  N N 361 
PRO HG3  H  N N 362 
PRO HD2  H  N N 363 
PRO HD3  H  N N 364 
PRO HXT  H  N N 365 
SER N    N  N N 366 
SER CA   C  N S 367 
SER C    C  N N 368 
SER O    O  N N 369 
SER CB   C  N N 370 
SER OG   O  N N 371 
SER OXT  O  N N 372 
SER H    H  N N 373 
SER H2   H  N N 374 
SER HA   H  N N 375 
SER HB2  H  N N 376 
SER HB3  H  N N 377 
SER HG   H  N N 378 
SER HXT  H  N N 379 
THR N    N  N N 380 
THR CA   C  N S 381 
THR C    C  N N 382 
THR O    O  N N 383 
THR CB   C  N R 384 
THR OG1  O  N N 385 
THR CG2  C  N N 386 
THR OXT  O  N N 387 
THR H    H  N N 388 
THR H2   H  N N 389 
THR HA   H  N N 390 
THR HB   H  N N 391 
THR HG1  H  N N 392 
THR HG21 H  N N 393 
THR HG22 H  N N 394 
THR HG23 H  N N 395 
THR HXT  H  N N 396 
TRP N    N  N N 397 
TRP CA   C  N S 398 
TRP C    C  N N 399 
TRP O    O  N N 400 
TRP CB   C  N N 401 
TRP CG   C  Y N 402 
TRP CD1  C  Y N 403 
TRP CD2  C  Y N 404 
TRP NE1  N  Y N 405 
TRP CE2  C  Y N 406 
TRP CE3  C  Y N 407 
TRP CZ2  C  Y N 408 
TRP CZ3  C  Y N 409 
TRP CH2  C  Y N 410 
TRP OXT  O  N N 411 
TRP H    H  N N 412 
TRP H2   H  N N 413 
TRP HA   H  N N 414 
TRP HB2  H  N N 415 
TRP HB3  H  N N 416 
TRP HD1  H  N N 417 
TRP HE1  H  N N 418 
TRP HE3  H  N N 419 
TRP HZ2  H  N N 420 
TRP HZ3  H  N N 421 
TRP HH2  H  N N 422 
TRP HXT  H  N N 423 
TYR N    N  N N 424 
TYR CA   C  N S 425 
TYR C    C  N N 426 
TYR O    O  N N 427 
TYR CB   C  N N 428 
TYR CG   C  Y N 429 
TYR CD1  C  Y N 430 
TYR CD2  C  Y N 431 
TYR CE1  C  Y N 432 
TYR CE2  C  Y N 433 
TYR CZ   C  Y N 434 
TYR OH   O  N N 435 
TYR OXT  O  N N 436 
TYR H    H  N N 437 
TYR H2   H  N N 438 
TYR HA   H  N N 439 
TYR HB2  H  N N 440 
TYR HB3  H  N N 441 
TYR HD1  H  N N 442 
TYR HD2  H  N N 443 
TYR HE1  H  N N 444 
TYR HE2  H  N N 445 
TYR HH   H  N N 446 
TYR HXT  H  N N 447 
VAL N    N  N N 448 
VAL CA   C  N S 449 
VAL C    C  N N 450 
VAL O    O  N N 451 
VAL CB   C  N N 452 
VAL CG1  C  N N 453 
VAL CG2  C  N N 454 
VAL OXT  O  N N 455 
VAL H    H  N N 456 
VAL H2   H  N N 457 
VAL HA   H  N N 458 
VAL HB   H  N N 459 
VAL HG11 H  N N 460 
VAL HG12 H  N N 461 
VAL HG13 H  N N 462 
VAL HG21 H  N N 463 
VAL HG22 H  N N 464 
VAL HG23 H  N N 465 
VAL HXT  H  N N 466 
# 
loop_
_chem_comp_bond.comp_id 
_chem_comp_bond.atom_id_1 
_chem_comp_bond.atom_id_2 
_chem_comp_bond.value_order 
_chem_comp_bond.pdbx_aromatic_flag 
_chem_comp_bond.pdbx_stereo_config 
_chem_comp_bond.pdbx_ordinal 
ALA N   CA   sing N N 1   
ALA N   H    sing N N 2   
ALA N   H2   sing N N 3   
ALA CA  C    sing N N 4   
ALA CA  CB   sing N N 5   
ALA CA  HA   sing N N 6   
ALA C   O    doub N N 7   
ALA C   OXT  sing N N 8   
ALA CB  HB1  sing N N 9   
ALA CB  HB2  sing N N 10  
ALA CB  HB3  sing N N 11  
ALA OXT HXT  sing N N 12  
ARG N   CA   sing N N 13  
ARG N   H    sing N N 14  
ARG N   H2   sing N N 15  
ARG CA  C    sing N N 16  
ARG CA  CB   sing N N 17  
ARG CA  HA   sing N N 18  
ARG C   O    doub N N 19  
ARG C   OXT  sing N N 20  
ARG CB  CG   sing N N 21  
ARG CB  HB2  sing N N 22  
ARG CB  HB3  sing N N 23  
ARG CG  CD   sing N N 24  
ARG CG  HG2  sing N N 25  
ARG CG  HG3  sing N N 26  
ARG CD  NE   sing N N 27  
ARG CD  HD2  sing N N 28  
ARG CD  HD3  sing N N 29  
ARG NE  CZ   sing N N 30  
ARG NE  HE   sing N N 31  
ARG CZ  NH1  sing N N 32  
ARG CZ  NH2  doub N N 33  
ARG NH1 HH11 sing N N 34  
ARG NH1 HH12 sing N N 35  
ARG NH2 HH21 sing N N 36  
ARG NH2 HH22 sing N N 37  
ARG OXT HXT  sing N N 38  
ASN N   CA   sing N N 39  
ASN N   H    sing N N 40  
ASN N   H2   sing N N 41  
ASN CA  C    sing N N 42  
ASN CA  CB   sing N N 43  
ASN CA  HA   sing N N 44  
ASN C   O    doub N N 45  
ASN C   OXT  sing N N 46  
ASN CB  CG   sing N N 47  
ASN CB  HB2  sing N N 48  
ASN CB  HB3  sing N N 49  
ASN CG  OD1  doub N N 50  
ASN CG  ND2  sing N N 51  
ASN ND2 HD21 sing N N 52  
ASN ND2 HD22 sing N N 53  
ASN OXT HXT  sing N N 54  
ASP N   CA   sing N N 55  
ASP N   H    sing N N 56  
ASP N   H2   sing N N 57  
ASP CA  C    sing N N 58  
ASP CA  CB   sing N N 59  
ASP CA  HA   sing N N 60  
ASP C   O    doub N N 61  
ASP C   OXT  sing N N 62  
ASP CB  CG   sing N N 63  
ASP CB  HB2  sing N N 64  
ASP CB  HB3  sing N N 65  
ASP CG  OD1  doub N N 66  
ASP CG  OD2  sing N N 67  
ASP OD2 HD2  sing N N 68  
ASP OXT HXT  sing N N 69  
CYS N   CA   sing N N 70  
CYS N   H    sing N N 71  
CYS N   H2   sing N N 72  
CYS CA  C    sing N N 73  
CYS CA  CB   sing N N 74  
CYS CA  HA   sing N N 75  
CYS C   O    doub N N 76  
CYS C   OXT  sing N N 77  
CYS CB  SG   sing N N 78  
CYS CB  HB2  sing N N 79  
CYS CB  HB3  sing N N 80  
CYS SG  HG   sing N N 81  
CYS OXT HXT  sing N N 82  
DRU C10 C9   doub Y N 83  
DRU C10 C11  sing Y N 84  
DRU C9  C8   sing Y N 85  
DRU C11 C12  doub Y N 86  
DRU C8  C7   sing N N 87  
DRU C8  N13  doub Y N 88  
DRU C6  C7   doub Y N 89  
DRU C6  C5   sing Y N 90  
DRU C12 N13  sing Y N 91  
DRU C7  N2   sing Y N 92  
DRU C5  C4   doub Y N 93  
DRU N13 RU   sing N N 94  
DRU N2  C3   doub Y N 95  
DRU N2  RU   sing N N 96  
DRU C4  C3   sing Y N 97  
DRU RU  N37  sing N N 98  
DRU RU  N26  sing N N 99  
DRU RU  ND1  sing N N 100 
DRU C36 N37  doub Y N 101 
DRU C36 C35  sing Y N 102 
DRU N37 C32  sing Y N 103 
DRU C35 C34  doub Y N 104 
DRU N26 C27  doub Y N 105 
DRU N26 C31  sing Y N 106 
DRU C27 C28  sing Y N 107 
DRU ND1 CE1  sing Y N 108 
DRU ND1 CG   sing Y N 109 
DRU C32 C31  sing N N 110 
DRU C32 C33  doub Y N 111 
DRU C34 C33  sing Y N 112 
DRU C31 C30  doub Y N 113 
DRU CE1 NE2  doub Y N 114 
DRU C28 C29  doub Y N 115 
DRU C30 C29  sing Y N 116 
DRU CG  CD2  doub Y N 117 
DRU NE2 CD2  sing Y N 118 
DRU C3  H1   sing N N 119 
DRU C4  H2   sing N N 120 
DRU C5  H3   sing N N 121 
DRU C6  H4   sing N N 122 
DRU C9  H5   sing N N 123 
DRU C10 H6   sing N N 124 
DRU C11 H7   sing N N 125 
DRU C12 H8   sing N N 126 
DRU C27 H9   sing N N 127 
DRU C28 H10  sing N N 128 
DRU C29 H11  sing N N 129 
DRU C30 H12  sing N N 130 
DRU C33 H13  sing N N 131 
DRU C34 H14  sing N N 132 
DRU C35 H15  sing N N 133 
DRU C36 H16  sing N N 134 
DRU CG  H17  sing N N 135 
DRU CD2 H18  sing N N 136 
DRU CE1 H19  sing N N 137 
GLN N   CA   sing N N 138 
GLN N   H    sing N N 139 
GLN N   H2   sing N N 140 
GLN CA  C    sing N N 141 
GLN CA  CB   sing N N 142 
GLN CA  HA   sing N N 143 
GLN C   O    doub N N 144 
GLN C   OXT  sing N N 145 
GLN CB  CG   sing N N 146 
GLN CB  HB2  sing N N 147 
GLN CB  HB3  sing N N 148 
GLN CG  CD   sing N N 149 
GLN CG  HG2  sing N N 150 
GLN CG  HG3  sing N N 151 
GLN CD  OE1  doub N N 152 
GLN CD  NE2  sing N N 153 
GLN NE2 HE21 sing N N 154 
GLN NE2 HE22 sing N N 155 
GLN OXT HXT  sing N N 156 
GLU N   CA   sing N N 157 
GLU N   H    sing N N 158 
GLU N   H2   sing N N 159 
GLU CA  C    sing N N 160 
GLU CA  CB   sing N N 161 
GLU CA  HA   sing N N 162 
GLU C   O    doub N N 163 
GLU C   OXT  sing N N 164 
GLU CB  CG   sing N N 165 
GLU CB  HB2  sing N N 166 
GLU CB  HB3  sing N N 167 
GLU CG  CD   sing N N 168 
GLU CG  HG2  sing N N 169 
GLU CG  HG3  sing N N 170 
GLU CD  OE1  doub N N 171 
GLU CD  OE2  sing N N 172 
GLU OE2 HE2  sing N N 173 
GLU OXT HXT  sing N N 174 
GLY N   CA   sing N N 175 
GLY N   H    sing N N 176 
GLY N   H2   sing N N 177 
GLY CA  C    sing N N 178 
GLY CA  HA2  sing N N 179 
GLY CA  HA3  sing N N 180 
GLY C   O    doub N N 181 
GLY C   OXT  sing N N 182 
GLY OXT HXT  sing N N 183 
HIS N   CA   sing N N 184 
HIS N   H    sing N N 185 
HIS N   H2   sing N N 186 
HIS CA  C    sing N N 187 
HIS CA  CB   sing N N 188 
HIS CA  HA   sing N N 189 
HIS C   O    doub N N 190 
HIS C   OXT  sing N N 191 
HIS CB  CG   sing N N 192 
HIS CB  HB2  sing N N 193 
HIS CB  HB3  sing N N 194 
HIS CG  ND1  sing Y N 195 
HIS CG  CD2  doub Y N 196 
HIS ND1 CE1  doub Y N 197 
HIS ND1 HD1  sing N N 198 
HIS CD2 NE2  sing Y N 199 
HIS CD2 HD2  sing N N 200 
HIS CE1 NE2  sing Y N 201 
HIS CE1 HE1  sing N N 202 
HIS NE2 HE2  sing N N 203 
HIS OXT HXT  sing N N 204 
HOH O   H1   sing N N 205 
HOH O   H2   sing N N 206 
ILE N   CA   sing N N 207 
ILE N   H    sing N N 208 
ILE N   H2   sing N N 209 
ILE CA  C    sing N N 210 
ILE CA  CB   sing N N 211 
ILE CA  HA   sing N N 212 
ILE C   O    doub N N 213 
ILE C   OXT  sing N N 214 
ILE CB  CG1  sing N N 215 
ILE CB  CG2  sing N N 216 
ILE CB  HB   sing N N 217 
ILE CG1 CD1  sing N N 218 
ILE CG1 HG12 sing N N 219 
ILE CG1 HG13 sing N N 220 
ILE CG2 HG21 sing N N 221 
ILE CG2 HG22 sing N N 222 
ILE CG2 HG23 sing N N 223 
ILE CD1 HD11 sing N N 224 
ILE CD1 HD12 sing N N 225 
ILE CD1 HD13 sing N N 226 
ILE OXT HXT  sing N N 227 
LEU N   CA   sing N N 228 
LEU N   H    sing N N 229 
LEU N   H2   sing N N 230 
LEU CA  C    sing N N 231 
LEU CA  CB   sing N N 232 
LEU CA  HA   sing N N 233 
LEU C   O    doub N N 234 
LEU C   OXT  sing N N 235 
LEU CB  CG   sing N N 236 
LEU CB  HB2  sing N N 237 
LEU CB  HB3  sing N N 238 
LEU CG  CD1  sing N N 239 
LEU CG  CD2  sing N N 240 
LEU CG  HG   sing N N 241 
LEU CD1 HD11 sing N N 242 
LEU CD1 HD12 sing N N 243 
LEU CD1 HD13 sing N N 244 
LEU CD2 HD21 sing N N 245 
LEU CD2 HD22 sing N N 246 
LEU CD2 HD23 sing N N 247 
LEU OXT HXT  sing N N 248 
LYS N   CA   sing N N 249 
LYS N   H    sing N N 250 
LYS N   H2   sing N N 251 
LYS CA  C    sing N N 252 
LYS CA  CB   sing N N 253 
LYS CA  HA   sing N N 254 
LYS C   O    doub N N 255 
LYS C   OXT  sing N N 256 
LYS CB  CG   sing N N 257 
LYS CB  HB2  sing N N 258 
LYS CB  HB3  sing N N 259 
LYS CG  CD   sing N N 260 
LYS CG  HG2  sing N N 261 
LYS CG  HG3  sing N N 262 
LYS CD  CE   sing N N 263 
LYS CD  HD2  sing N N 264 
LYS CD  HD3  sing N N 265 
LYS CE  NZ   sing N N 266 
LYS CE  HE2  sing N N 267 
LYS CE  HE3  sing N N 268 
LYS NZ  HZ1  sing N N 269 
LYS NZ  HZ2  sing N N 270 
LYS NZ  HZ3  sing N N 271 
LYS OXT HXT  sing N N 272 
MET N   CA   sing N N 273 
MET N   H    sing N N 274 
MET N   H2   sing N N 275 
MET CA  C    sing N N 276 
MET CA  CB   sing N N 277 
MET CA  HA   sing N N 278 
MET C   O    doub N N 279 
MET C   OXT  sing N N 280 
MET CB  CG   sing N N 281 
MET CB  HB2  sing N N 282 
MET CB  HB3  sing N N 283 
MET CG  SD   sing N N 284 
MET CG  HG2  sing N N 285 
MET CG  HG3  sing N N 286 
MET SD  CE   sing N N 287 
MET CE  HE1  sing N N 288 
MET CE  HE2  sing N N 289 
MET CE  HE3  sing N N 290 
MET OXT HXT  sing N N 291 
NIY N   CA   sing N N 292 
NIY N   H    sing N N 293 
NIY N   H2   sing N N 294 
NIY CA  C    sing N N 295 
NIY CA  CB   sing N N 296 
NIY CA  HA   sing N N 297 
NIY C   O    doub N N 298 
NIY C   OXT  sing N N 299 
NIY CB  CG   sing N N 300 
NIY CB  HB2  sing N N 301 
NIY CB  HB3  sing N N 302 
NIY CG  CD1  doub Y N 303 
NIY CG  CD2  sing Y N 304 
NIY CD1 CE1  sing Y N 305 
NIY CD1 HD1  sing N N 306 
NIY CD2 CE2  doub Y N 307 
NIY CD2 HD2  sing N N 308 
NIY CE1 CZ   doub Y N 309 
NIY CE1 NN   sing N N 310 
NIY CE2 CZ   sing Y N 311 
NIY CE2 HE2  sing N N 312 
NIY CZ  OH   sing N N 313 
NIY OH  HH   sing N N 314 
NIY NN  O1   sing N N 315 
NIY NN  O2   doub N N 316 
NIY OXT HXT  sing N N 317 
PHE N   CA   sing N N 318 
PHE N   H    sing N N 319 
PHE N   H2   sing N N 320 
PHE CA  C    sing N N 321 
PHE CA  CB   sing N N 322 
PHE CA  HA   sing N N 323 
PHE C   O    doub N N 324 
PHE C   OXT  sing N N 325 
PHE CB  CG   sing N N 326 
PHE CB  HB2  sing N N 327 
PHE CB  HB3  sing N N 328 
PHE CG  CD1  doub Y N 329 
PHE CG  CD2  sing Y N 330 
PHE CD1 CE1  sing Y N 331 
PHE CD1 HD1  sing N N 332 
PHE CD2 CE2  doub Y N 333 
PHE CD2 HD2  sing N N 334 
PHE CE1 CZ   doub Y N 335 
PHE CE1 HE1  sing N N 336 
PHE CE2 CZ   sing Y N 337 
PHE CE2 HE2  sing N N 338 
PHE CZ  HZ   sing N N 339 
PHE OXT HXT  sing N N 340 
PRO N   CA   sing N N 341 
PRO N   CD   sing N N 342 
PRO N   H    sing N N 343 
PRO CA  C    sing N N 344 
PRO CA  CB   sing N N 345 
PRO CA  HA   sing N N 346 
PRO C   O    doub N N 347 
PRO C   OXT  sing N N 348 
PRO CB  CG   sing N N 349 
PRO CB  HB2  sing N N 350 
PRO CB  HB3  sing N N 351 
PRO CG  CD   sing N N 352 
PRO CG  HG2  sing N N 353 
PRO CG  HG3  sing N N 354 
PRO CD  HD2  sing N N 355 
PRO CD  HD3  sing N N 356 
PRO OXT HXT  sing N N 357 
SER N   CA   sing N N 358 
SER N   H    sing N N 359 
SER N   H2   sing N N 360 
SER CA  C    sing N N 361 
SER CA  CB   sing N N 362 
SER CA  HA   sing N N 363 
SER C   O    doub N N 364 
SER C   OXT  sing N N 365 
SER CB  OG   sing N N 366 
SER CB  HB2  sing N N 367 
SER CB  HB3  sing N N 368 
SER OG  HG   sing N N 369 
SER OXT HXT  sing N N 370 
THR N   CA   sing N N 371 
THR N   H    sing N N 372 
THR N   H2   sing N N 373 
THR CA  C    sing N N 374 
THR CA  CB   sing N N 375 
THR CA  HA   sing N N 376 
THR C   O    doub N N 377 
THR C   OXT  sing N N 378 
THR CB  OG1  sing N N 379 
THR CB  CG2  sing N N 380 
THR CB  HB   sing N N 381 
THR OG1 HG1  sing N N 382 
THR CG2 HG21 sing N N 383 
THR CG2 HG22 sing N N 384 
THR CG2 HG23 sing N N 385 
THR OXT HXT  sing N N 386 
TRP N   CA   sing N N 387 
TRP N   H    sing N N 388 
TRP N   H2   sing N N 389 
TRP CA  C    sing N N 390 
TRP CA  CB   sing N N 391 
TRP CA  HA   sing N N 392 
TRP C   O    doub N N 393 
TRP C   OXT  sing N N 394 
TRP CB  CG   sing N N 395 
TRP CB  HB2  sing N N 396 
TRP CB  HB3  sing N N 397 
TRP CG  CD1  doub Y N 398 
TRP CG  CD2  sing Y N 399 
TRP CD1 NE1  sing Y N 400 
TRP CD1 HD1  sing N N 401 
TRP CD2 CE2  doub Y N 402 
TRP CD2 CE3  sing Y N 403 
TRP NE1 CE2  sing Y N 404 
TRP NE1 HE1  sing N N 405 
TRP CE2 CZ2  sing Y N 406 
TRP CE3 CZ3  doub Y N 407 
TRP CE3 HE3  sing N N 408 
TRP CZ2 CH2  doub Y N 409 
TRP CZ2 HZ2  sing N N 410 
TRP CZ3 CH2  sing Y N 411 
TRP CZ3 HZ3  sing N N 412 
TRP CH2 HH2  sing N N 413 
TRP OXT HXT  sing N N 414 
TYR N   CA   sing N N 415 
TYR N   H    sing N N 416 
TYR N   H2   sing N N 417 
TYR CA  C    sing N N 418 
TYR CA  CB   sing N N 419 
TYR CA  HA   sing N N 420 
TYR C   O    doub N N 421 
TYR C   OXT  sing N N 422 
TYR CB  CG   sing N N 423 
TYR CB  HB2  sing N N 424 
TYR CB  HB3  sing N N 425 
TYR CG  CD1  doub Y N 426 
TYR CG  CD2  sing Y N 427 
TYR CD1 CE1  sing Y N 428 
TYR CD1 HD1  sing N N 429 
TYR CD2 CE2  doub Y N 430 
TYR CD2 HD2  sing N N 431 
TYR CE1 CZ   doub Y N 432 
TYR CE1 HE1  sing N N 433 
TYR CE2 CZ   sing Y N 434 
TYR CE2 HE2  sing N N 435 
TYR CZ  OH   sing N N 436 
TYR OH  HH   sing N N 437 
TYR OXT HXT  sing N N 438 
VAL N   CA   sing N N 439 
VAL N   H    sing N N 440 
VAL N   H2   sing N N 441 
VAL CA  C    sing N N 442 
VAL CA  CB   sing N N 443 
VAL CA  HA   sing N N 444 
VAL C   O    doub N N 445 
VAL C   OXT  sing N N 446 
VAL CB  CG1  sing N N 447 
VAL CB  CG2  sing N N 448 
VAL CB  HB   sing N N 449 
VAL CG1 HG11 sing N N 450 
VAL CG1 HG12 sing N N 451 
VAL CG1 HG13 sing N N 452 
VAL CG2 HG21 sing N N 453 
VAL CG2 HG22 sing N N 454 
VAL CG2 HG23 sing N N 455 
VAL OXT HXT  sing N N 456 
# 
_atom_sites.entry_id                    4HHG 
_atom_sites.fract_transf_matrix[1][1]   -0.01761671 
_atom_sites.fract_transf_matrix[1][2]   -0.00749067 
_atom_sites.fract_transf_matrix[1][3]   0.00611480 
_atom_sites.fract_transf_matrix[2][1]   0.00378995 
_atom_sites.fract_transf_matrix[2][2]   -0.01333668 
_atom_sites.fract_transf_matrix[2][3]   -0.00541869 
_atom_sites.fract_transf_matrix[3][1]   0.00501671 
_atom_sites.fract_transf_matrix[3][2]   -0.00296896 
_atom_sites.fract_transf_matrix[3][3]   0.01081611 
_atom_sites.fract_transf_vector[1]      -0.172515 
_atom_sites.fract_transf_vector[2]      -0.353451 
_atom_sites.fract_transf_vector[3]      -0.146857 
# 
loop_
_atom_type.symbol 
C  
CU 
N  
O  
RU 
S  
# 
loop_
_atom_site.group_PDB 
_atom_site.id 
_atom_site.type_symbol 
_atom_site.label_atom_id 
_atom_site.label_alt_id 
_atom_site.label_comp_id 
_atom_site.label_asym_id 
_atom_site.label_entity_id 
_atom_site.label_seq_id 
_atom_site.pdbx_PDB_ins_code 
_atom_site.Cartn_x 
_atom_site.Cartn_y 
_atom_site.Cartn_z 
_atom_site.occupancy 
_atom_site.B_iso_or_equiv 
_atom_site.pdbx_formal_charge 
_atom_site.auth_seq_id 
_atom_site.auth_comp_id 
_atom_site.auth_asym_id 
_atom_site.auth_atom_id 
_atom_site.pdbx_PDB_model_num 
ATOM   1    N  N   . ALA A 1 1   ? -14.341 -1.445  -14.866 1.00 54.05 ? 1   ALA A N   1 
ATOM   2    C  CA  . ALA A 1 1   ? -14.691 0.014   -14.939 1.00 55.92 ? 1   ALA A CA  1 
ATOM   3    C  C   . ALA A 1 1   ? -13.401 0.802   -15.015 1.00 56.23 ? 1   ALA A C   1 
ATOM   4    O  O   . ALA A 1 1   ? -12.538 0.542   -15.874 1.00 53.99 ? 1   ALA A O   1 
ATOM   5    C  CB  . ALA A 1 1   ? -15.501 0.451   -13.716 1.00 52.50 ? 1   ALA A CB  1 
ATOM   6    N  N   . GLU A 1 2   ? -13.262 1.758   -14.100 1.00 54.76 ? 2   GLU A N   1 
ATOM   7    C  CA  . GLU A 1 2   ? -12.022 2.483   -13.959 1.00 46.62 ? 2   GLU A CA  1 
ATOM   8    C  C   . GLU A 1 2   ? -11.082 1.540   -13.204 1.00 36.77 ? 2   GLU A C   1 
ATOM   9    O  O   . GLU A 1 2   ? -11.421 1.006   -12.140 1.00 43.02 ? 2   GLU A O   1 
ATOM   10   C  CB  . GLU A 1 2   ? -12.249 3.801   -13.217 1.00 52.64 ? 2   GLU A CB  1 
ATOM   11   C  CG  . GLU A 1 2   ? -11.201 4.871   -13.490 1.00 60.48 ? 2   GLU A CG  1 
ATOM   12   C  CD  . GLU A 1 2   ? -11.282 6.023   -12.487 1.00 66.73 ? 2   GLU A CD  1 
ATOM   13   O  OE1 . GLU A 1 2   ? -11.107 7.194   -12.900 1.00 67.59 ? 2   GLU A OE1 1 
ATOM   14   O  OE2 . GLU A 1 2   ? -11.532 5.766   -11.280 1.00 69.97 ? 2   GLU A OE2 1 
ATOM   15   N  N   . CYS A 1 3   ? -9.915  1.303   -13.788 1.00 26.98 ? 3   CYS A N   1 
ATOM   16   C  CA  . CYS A 1 3   ? -9.012  0.360   -13.239 1.00 22.78 ? 3   CYS A CA  1 
ATOM   17   C  C   . CYS A 1 3   ? -7.812  1.056   -12.526 1.00 19.64 ? 3   CYS A C   1 
ATOM   18   O  O   . CYS A 1 3   ? -6.712  0.526   -12.533 1.00 19.64 ? 3   CYS A O   1 
ATOM   19   C  CB  . CYS A 1 3   ? -8.509  -0.535  -14.325 1.00 21.14 ? 3   CYS A CB  1 
ATOM   20   S  SG  . CYS A 1 3   ? -9.885  -1.497  -15.115 1.00 27.49 ? 3   CYS A SG  1 
ATOM   21   N  N   . SER A 1 4   ? -8.124  2.173   -11.871 1.00 19.38 ? 4   SER A N   1 
ATOM   22   C  CA  . SER A 1 4   ? -7.145  2.908   -11.108 1.00 17.83 ? 4   SER A CA  1 
ATOM   23   C  C   . SER A 1 4   ? -7.814  3.548   -9.872  1.00 18.78 ? 4   SER A C   1 
ATOM   24   O  O   . SER A 1 4   ? -9.027  3.742   -9.848  1.00 17.13 ? 4   SER A O   1 
ATOM   25   C  CB  . SER A 1 4   ? -6.577  4.020   -12.002 1.00 18.34 ? 4   SER A CB  1 
ATOM   26   O  OG  . SER A 1 4   ? -7.535  5.083   -12.121 1.00 23.80 ? 4   SER A OG  1 
ATOM   27   N  N   . VAL A 1 5   ? -7.023  3.844   -8.837  1.00 15.34 ? 5   VAL A N   1 
ATOM   28   C  CA  A VAL A 1 5   ? -7.517  4.580   -7.662  0.90 15.46 ? 5   VAL A CA  1 
ATOM   29   C  CA  B VAL A 1 5   ? -7.487  4.586   -7.645  0.10 15.44 ? 5   VAL A CA  1 
ATOM   30   C  C   . VAL A 1 5   ? -6.388  5.563   -7.273  1.00 15.31 ? 5   VAL A C   1 
ATOM   31   O  O   . VAL A 1 5   ? -5.198  5.187   -7.403  1.00 14.12 ? 5   VAL A O   1 
ATOM   32   C  CB  A VAL A 1 5   ? -7.974  3.594   -6.525  0.90 17.09 ? 5   VAL A CB  1 
ATOM   33   C  CB  B VAL A 1 5   ? -7.703  3.652   -6.430  0.10 15.28 ? 5   VAL A CB  1 
ATOM   34   C  CG1 A VAL A 1 5   ? -6.846  2.703   -5.987  0.90 14.69 ? 5   VAL A CG1 1 
ATOM   35   C  CG1 B VAL A 1 5   ? -8.115  4.427   -5.182  0.10 15.22 ? 5   VAL A CG1 1 
ATOM   36   C  CG2 A VAL A 1 5   ? -8.649  4.353   -5.384  0.90 16.38 ? 5   VAL A CG2 1 
ATOM   37   C  CG2 B VAL A 1 5   ? -8.753  2.616   -6.741  0.10 14.92 ? 5   VAL A CG2 1 
ATOM   38   N  N   . ASP A 1 6   ? -6.765  6.766   -6.824  1.00 15.04 ? 6   ASP A N   1 
ATOM   39   C  CA  . ASP A 1 6   ? -5.825  7.753   -6.305  1.00 14.91 ? 6   ASP A CA  1 
ATOM   40   C  C   . ASP A 1 6   ? -5.962  7.748   -4.758  1.00 15.12 ? 6   ASP A C   1 
ATOM   41   O  O   . ASP A 1 6   ? -7.055  7.965   -4.224  1.00 17.84 ? 6   ASP A O   1 
ATOM   42   C  CB  . ASP A 1 6   ? -6.071  9.156   -6.831  1.00 19.98 ? 6   ASP A CB  1 
ATOM   43   C  CG  . ASP A 1 6   ? -5.823  9.278   -8.342  1.00 22.28 ? 6   ASP A CG  1 
ATOM   44   O  OD1 . ASP A 1 6   ? -5.418  8.306   -8.980  1.00 23.40 ? 6   ASP A OD1 1 
ATOM   45   O  OD2 . ASP A 1 6   ? -6.023  10.345  -8.915  1.00 29.64 ? 6   ASP A OD2 1 
ATOM   46   N  N   . ILE A 1 7   ? -4.866  7.449   -4.081  1.00 13.33 ? 7   ILE A N   1 
ATOM   47   C  CA  . ILE A 1 7   ? -4.767  7.287   -2.587  1.00 15.39 ? 7   ILE A CA  1 
ATOM   48   C  C   . ILE A 1 7   ? -3.772  8.311   -2.102  1.00 14.81 ? 7   ILE A C   1 
ATOM   49   O  O   . ILE A 1 7   ? -2.730  8.544   -2.694  1.00 12.13 ? 7   ILE A O   1 
ATOM   50   C  CB  . ILE A 1 7   ? -4.276  5.876   -2.159  1.00 16.18 ? 7   ILE A CB  1 
ATOM   51   C  CG1 . ILE A 1 7   ? -5.329  4.849   -2.608  1.00 21.61 ? 7   ILE A CG1 1 
ATOM   52   C  CG2 . ILE A 1 7   ? -4.166  5.692   -0.622  1.00 17.66 ? 7   ILE A CG2 1 
ATOM   53   C  CD1 . ILE A 1 7   ? -4.757  3.492   -2.815  1.00 25.93 ? 7   ILE A CD1 1 
ATOM   54   N  N   . GLN A 1 8   ? -4.059  8.844   -0.925  1.00 15.55 ? 8   GLN A N   1 
ATOM   55   C  CA  . GLN A 1 8   ? -3.201  9.782   -0.333  1.00 13.70 ? 8   GLN A CA  1 
ATOM   56   C  C   . GLN A 1 8   ? -2.792  9.310   1.075   1.00 13.93 ? 8   GLN A C   1 
ATOM   57   O  O   . GLN A 1 8   ? -3.674  8.758   1.809   1.00 12.24 ? 8   GLN A O   1 
ATOM   58   C  CB  . GLN A 1 8   ? -4.008  11.055  -0.150  1.00 20.23 ? 8   GLN A CB  1 
ATOM   59   C  CG  . GLN A 1 8   ? -4.321  11.770  -1.482  1.00 27.51 ? 8   GLN A CG  1 
ATOM   60   C  CD  . GLN A 1 8   ? -5.275  12.933  -1.216  1.00 38.36 ? 8   GLN A CD  1 
ATOM   61   O  OE1 . GLN A 1 8   ? -6.270  12.769  -0.473  1.00 45.32 ? 8   GLN A OE1 1 
ATOM   62   N  NE2 . GLN A 1 8   ? -4.969  14.136  -1.771  1.00 41.96 ? 8   GLN A NE2 1 
ATOM   63   N  N   . GLY A 1 9   ? -1.527  9.530   1.444   1.00 11.59 ? 9   GLY A N   1 
ATOM   64   C  CA  . GLY A 1 9   ? -1.161  9.340   2.896   1.00 12.14 ? 9   GLY A CA  1 
ATOM   65   C  C   . GLY A 1 9   ? -0.660  10.710  3.383   1.00 13.57 ? 9   GLY A C   1 
ATOM   66   O  O   . GLY A 1 9   ? 0.175   11.331  2.735   1.00 13.89 ? 9   GLY A O   1 
ATOM   67   N  N   . ASN A 1 10  ? -0.985  11.084  4.625   1.00 14.52 ? 10  ASN A N   1 
ATOM   68   C  CA  . ASN A 1 10  ? -0.703  12.446  5.062   1.00 16.43 ? 10  ASN A CA  1 
ATOM   69   C  C   . ASN A 1 10  ? 0.014   12.570  6.393   1.00 21.24 ? 10  ASN A C   1 
ATOM   70   O  O   . ASN A 1 10  ? 0.574   11.594  6.888   1.00 19.05 ? 10  ASN A O   1 
ATOM   71   C  CB  . ASN A 1 10  ? -2.008  13.230  5.121   1.00 19.68 ? 10  ASN A CB  1 
ATOM   72   C  CG  . ASN A 1 10  ? -2.966  12.756  6.237   1.00 26.69 ? 10  ASN A CG  1 
ATOM   73   O  OD1 . ASN A 1 10  ? -2.609  11.972  7.122   1.00 30.75 ? 10  ASN A OD1 1 
ATOM   74   N  ND2 . ASN A 1 10  ? -4.165  13.221  6.173   1.00 31.43 ? 10  ASN A ND2 1 
ATOM   75   N  N   . ASP A 1 11  ? -0.010  13.785  6.996   1.00 23.98 ? 11  ASP A N   1 
ATOM   76   C  CA  . ASP A 1 11  ? 0.489   13.948  8.340   1.00 24.70 ? 11  ASP A CA  1 
ATOM   77   C  C   . ASP A 1 11  ? -0.383  13.334  9.456   1.00 26.29 ? 11  ASP A C   1 
ATOM   78   O  O   . ASP A 1 11  ? -0.011  13.310  10.620  1.00 30.75 ? 11  ASP A O   1 
ATOM   79   C  CB  . ASP A 1 11  ? 0.599   15.439  8.617   1.00 24.06 ? 11  ASP A CB  1 
ATOM   80   C  CG  . ASP A 1 11  ? 1.532   16.109  7.667   1.00 25.06 ? 11  ASP A CG  1 
ATOM   81   O  OD1 . ASP A 1 11  ? 2.446   15.406  7.150   1.00 20.01 ? 11  ASP A OD1 1 
ATOM   82   O  OD2 . ASP A 1 11  ? 1.342   17.352  7.441   1.00 27.04 ? 11  ASP A OD2 1 
ATOM   83   N  N   . GLN A 1 12  ? -1.614  12.955  9.158   1.00 27.61 ? 12  GLN A N   1 
ATOM   84   C  CA  . GLN A 1 12  ? -2.357  12.361  10.237  1.00 25.51 ? 12  GLN A CA  1 
ATOM   85   C  C   . GLN A 1 12  ? -1.998  10.890  10.411  1.00 22.88 ? 12  GLN A C   1 
ATOM   86   O  O   . GLN A 1 12  ? -2.681  10.209  11.150  1.00 22.33 ? 12  GLN A O   1 
ATOM   87   C  CB  . GLN A 1 12  ? -3.820  12.551  10.027  1.00 31.64 ? 12  GLN A CB  1 
ATOM   88   C  CG  . GLN A 1 12  ? -4.157  14.029  9.940   1.00 41.28 ? 12  GLN A CG  1 
ATOM   89   C  CD  . GLN A 1 12  ? -5.114  14.375  11.035  1.00 41.43 ? 12  GLN A CD  1 
ATOM   90   O  OE1 . GLN A 1 12  ? -4.749  14.390  12.221  1.00 46.52 ? 12  GLN A OE1 1 
ATOM   91   N  NE2 . GLN A 1 12  ? -6.357  14.647  10.651  1.00 46.54 ? 12  GLN A NE2 1 
ATOM   92   N  N   . MET A 1 13  ? -0.981  10.399  9.697   1.00 17.48 ? 13  MET A N   1 
ATOM   93   C  CA  . MET A 1 13  ? -0.697  8.946   9.652   1.00 14.85 ? 13  MET A CA  1 
ATOM   94   C  C   . MET A 1 13  ? -1.917  8.174   9.188   1.00 12.01 ? 13  MET A C   1 
ATOM   95   O  O   . MET A 1 13  ? -2.207  7.079   9.699   1.00 10.81 ? 13  MET A O   1 
ATOM   96   C  CB  . MET A 1 13  ? -0.104  8.400   11.009  1.00 13.88 ? 13  MET A CB  1 
ATOM   97   C  CG  . MET A 1 13  ? 0.711   7.133   10.905  1.00 12.71 ? 13  MET A CG  1 
ATOM   98   S  SD  . MET A 1 13  ? 1.190   6.715   12.621  1.00 13.53 ? 13  MET A SD  1 
ATOM   99   C  CE  . MET A 1 13  ? -0.373  5.997   13.116  1.00 16.03 ? 13  MET A CE  1 
ATOM   100  N  N   . GLN A 1 14  ? -2.651  8.680   8.187   1.00 10.49 ? 14  GLN A N   1 
ATOM   101  C  CA  A GLN A 1 14  ? -3.813  8.013   7.660   0.44 11.23 ? 14  GLN A CA  1 
ATOM   102  C  CA  B GLN A 1 14  ? -3.827  7.925   7.673   0.56 10.18 ? 14  GLN A CA  1 
ATOM   103  C  C   . GLN A 1 14  ? -3.718  8.011   6.155   1.00 9.59  ? 14  GLN A C   1 
ATOM   104  O  O   . GLN A 1 14  ? -3.248  8.993   5.577   1.00 12.34 ? 14  GLN A O   1 
ATOM   105  C  CB  A GLN A 1 14  ? -4.982  8.893   7.997   0.44 11.22 ? 14  GLN A CB  1 
ATOM   106  C  CB  B GLN A 1 14  ? -5.250  8.444   8.120   0.56 9.02  ? 14  GLN A CB  1 
ATOM   107  C  CG  A GLN A 1 14  ? -4.873  9.425   9.397   0.44 12.29 ? 14  GLN A CG  1 
ATOM   108  C  CG  B GLN A 1 14  ? -5.652  8.343   9.605   0.56 7.66  ? 14  GLN A CG  1 
ATOM   109  C  CD  A GLN A 1 14  ? -5.735  10.651  9.510   0.44 11.79 ? 14  GLN A CD  1 
ATOM   110  C  CD  B GLN A 1 14  ? -6.964  9.092   9.844   0.56 7.61  ? 14  GLN A CD  1 
ATOM   111  O  OE1 A GLN A 1 14  ? -5.550  11.632  8.773   0.44 12.14 ? 14  GLN A OE1 1 
ATOM   112  O  OE1 B GLN A 1 14  ? -7.079  10.295  9.583   0.56 7.98  ? 14  GLN A OE1 1 
ATOM   113  N  NE2 A GLN A 1 14  ? -6.737  10.580  10.386  0.44 11.66 ? 14  GLN A NE2 1 
ATOM   114  N  NE2 B GLN A 1 14  ? -7.942  8.416   10.395  0.56 7.15  ? 14  GLN A NE2 1 
ATOM   115  N  N   . PHE A 1 15  ? -4.189  6.947   5.497   1.00 10.00 ? 15  PHE A N   1 
ATOM   116  C  CA  . PHE A 1 15  ? -4.574  7.063   4.090   1.00 9.67  ? 15  PHE A CA  1 
ATOM   117  C  C   . PHE A 1 15  ? -5.930  7.818   4.041   1.00 10.72 ? 15  PHE A C   1 
ATOM   118  O  O   . PHE A 1 15  ? -6.729  7.781   4.993   1.00 11.97 ? 15  PHE A O   1 
ATOM   119  C  CB  . PHE A 1 15  ? -4.821  5.694   3.562   1.00 8.74  ? 15  PHE A CB  1 
ATOM   120  C  CG  . PHE A 1 15  ? -3.537  4.848   3.358   1.00 8.00  ? 15  PHE A CG  1 
ATOM   121  C  CD1 . PHE A 1 15  ? -2.519  5.303   2.500   1.00 7.27  ? 15  PHE A CD1 1 
ATOM   122  C  CD2 . PHE A 1 15  ? -3.428  3.515   3.900   1.00 7.27  ? 15  PHE A CD2 1 
ATOM   123  C  CE1 . PHE A 1 15  ? -1.328  4.554   2.272   1.00 7.50  ? 15  PHE A CE1 1 
ATOM   124  C  CE2 . PHE A 1 15  ? -2.232  2.778   3.663   1.00 8.23  ? 15  PHE A CE2 1 
ATOM   125  C  CZ  . PHE A 1 15  ? -1.165  3.305   2.908   1.00 7.79  ? 15  PHE A CZ  1 
ATOM   126  N  N   . ASN A 1 16  ? -6.334  8.270   2.861   1.00 9.72  ? 16  ASN A N   1 
ATOM   127  C  CA  . ASN A 1 16  ? -7.639  8.920   2.785   1.00 11.05 ? 16  ASN A CA  1 
ATOM   128  C  C   . ASN A 1 16  ? -8.767  7.904   2.824   1.00 10.52 ? 16  ASN A C   1 
ATOM   129  O  O   . ASN A 1 16  ? -9.962  8.252   3.140   1.00 10.57 ? 16  ASN A O   1 
ATOM   130  C  CB  . ASN A 1 16  ? -7.790  9.701   1.471   1.00 11.34 ? 16  ASN A CB  1 
ATOM   131  C  CG  . ASN A 1 16  ? -7.760  8.842   0.269   1.00 12.71 ? 16  ASN A CG  1 
ATOM   132  O  OD1 . ASN A 1 16  ? -6.758  8.158   0.002   1.00 12.62 ? 16  ASN A OD1 1 
ATOM   133  N  ND2 . ASN A 1 16  ? -8.900  8.710   -0.382  1.00 14.02 ? 16  ASN A ND2 1 
ATOM   134  N  N   . THR A 1 17  ? -8.511  6.644   2.465   1.00 10.09 ? 17  THR A N   1 
ATOM   135  C  CA  . THR A 1 17  ? -9.574  5.632   2.466   1.00 12.55 ? 17  THR A CA  1 
ATOM   136  C  C   . THR A 1 17  ? -9.156  4.379   3.229   1.00 11.33 ? 17  THR A C   1 
ATOM   137  O  O   . THR A 1 17  ? -7.939  4.086   3.365   1.00 12.20 ? 17  THR A O   1 
ATOM   138  C  CB  . THR A 1 17  ? -9.926  5.270   0.992   1.00 12.94 ? 17  THR A CB  1 
ATOM   139  O  OG1 . THR A 1 17  ? -10.782 4.151   0.982   1.00 16.17 ? 17  THR A OG1 1 
ATOM   140  C  CG2 . THR A 1 17  ? -8.721  4.891   0.242   1.00 13.35 ? 17  THR A CG2 1 
ATOM   141  N  N   . ASN A 1 18  ? -10.124 3.646   3.778   1.00 10.66 ? 18  ASN A N   1 
ATOM   142  C  CA  . ASN A 1 18  ? -9.902  2.377   4.407   1.00 11.60 ? 18  ASN A CA  1 
ATOM   143  C  C   . ASN A 1 18  ? -10.466 1.227   3.615   1.00 8.54  ? 18  ASN A C   1 
ATOM   144  O  O   . ASN A 1 18  ? -10.500 0.101   4.115   1.00 9.54  ? 18  ASN A O   1 
ATOM   145  C  CB  . ASN A 1 18  ? -10.569 2.368   5.825   1.00 11.56 ? 18  ASN A CB  1 
ATOM   146  C  CG  . ASN A 1 18  ? -9.937  3.385   6.778   1.00 14.62 ? 18  ASN A CG  1 
ATOM   147  O  OD1 . ASN A 1 18  ? -8.702  3.563   6.787   1.00 11.06 ? 18  ASN A OD1 1 
ATOM   148  N  ND2 . ASN A 1 18  ? -10.816 4.161   7.550   1.00 14.67 ? 18  ASN A ND2 1 
ATOM   149  N  N   . ALA A 1 19  ? -10.897 1.489   2.334   1.00 10.37 ? 19  ALA A N   1 
ATOM   150  C  CA  . ALA A 1 19  ? -11.513 0.434   1.530   1.00 11.64 ? 19  ALA A CA  1 
ATOM   151  C  C   . ALA A 1 19  ? -11.324 0.790   0.063   1.00 12.27 ? 19  ALA A C   1 
ATOM   152  O  O   . ALA A 1 19  ? -11.524 1.921   -0.310  1.00 16.29 ? 19  ALA A O   1 
ATOM   153  C  CB  . ALA A 1 19  ? -13.048 0.356   1.849   1.00 14.28 ? 19  ALA A CB  1 
ATOM   154  N  N   . ILE A 1 20  ? -10.835 -0.183  -0.655  1.00 12.54 ? 20  ILE A N   1 
ATOM   155  C  CA  . ILE A 1 20  ? -10.675 -0.131  -2.117  1.00 13.43 ? 20  ILE A CA  1 
ATOM   156  C  C   . ILE A 1 20  ? -11.416 -1.308  -2.729  1.00 11.81 ? 20  ILE A C   1 
ATOM   157  O  O   . ILE A 1 20  ? -11.258 -2.427  -2.290  1.00 11.50 ? 20  ILE A O   1 
ATOM   158  C  CB  . ILE A 1 20  ? -9.173  -0.261  -2.444  1.00 15.30 ? 20  ILE A CB  1 
ATOM   159  C  CG1 . ILE A 1 20  ? -8.405  0.986   -1.933  1.00 13.35 ? 20  ILE A CG1 1 
ATOM   160  C  CG2 . ILE A 1 20  ? -8.994  -0.451  -3.966  1.00 16.78 ? 20  ILE A CG2 1 
ATOM   161  C  CD1 . ILE A 1 20  ? -6.914  0.937   -2.123  1.00 14.90 ? 20  ILE A CD1 1 
ATOM   162  N  N   . THR A 1 21  ? -12.150 -1.063  -3.825  1.00 16.68 ? 21  THR A N   1 
ATOM   163  C  CA  . THR A 1 21  ? -12.806 -2.149  -4.585  1.00 18.94 ? 21  THR A CA  1 
ATOM   164  C  C   . THR A 1 21  ? -12.232 -2.128  -5.989  1.00 18.90 ? 21  THR A C   1 
ATOM   165  O  O   . THR A 1 21  ? -12.101 -1.014  -6.581  1.00 21.43 ? 21  THR A O   1 
ATOM   166  C  CB  . THR A 1 21  ? -14.332 -1.899  -4.647  1.00 20.75 ? 21  THR A CB  1 
ATOM   167  O  OG1 . THR A 1 21  ? -14.907 -2.039  -3.325  1.00 26.80 ? 21  THR A OG1 1 
ATOM   168  C  CG2 . THR A 1 21  ? -15.039 -2.898  -5.578  1.00 23.58 ? 21  THR A CG2 1 
ATOM   169  N  N   . VAL A 1 22  ? -11.841 -3.315  -6.475  1.00 16.98 ? 22  VAL A N   1 
ATOM   170  C  CA  . VAL A 1 22  ? -11.304 -3.420  -7.819  1.00 17.49 ? 22  VAL A CA  1 
ATOM   171  C  C   . VAL A 1 22  ? -12.348 -4.105  -8.679  1.00 17.94 ? 22  VAL A C   1 
ATOM   172  O  O   . VAL A 1 22  ? -12.779 -5.190  -8.345  1.00 18.63 ? 22  VAL A O   1 
ATOM   173  C  CB  . VAL A 1 22  ? -9.990  -4.248  -7.763  1.00 16.48 ? 22  VAL A CB  1 
ATOM   174  C  CG1 . VAL A 1 22  ? -9.412  -4.487  -9.183  1.00 16.15 ? 22  VAL A CG1 1 
ATOM   175  C  CG2 . VAL A 1 22  ? -8.925  -3.532  -6.858  1.00 16.72 ? 22  VAL A CG2 1 
ATOM   176  N  N   . ASP A 1 23  ? -12.680 -3.489  -9.793  1.00 21.60 ? 23  ASP A N   1 
ATOM   177  C  CA  . ASP A 1 23  ? -13.709 -4.071  -10.673 1.00 24.00 ? 23  ASP A CA  1 
ATOM   178  C  C   . ASP A 1 23  ? -13.123 -5.335  -11.283 1.00 25.57 ? 23  ASP A C   1 
ATOM   179  O  O   . ASP A 1 23  ? -11.990 -5.328  -11.844 1.00 25.62 ? 23  ASP A O   1 
ATOM   180  C  CB  . ASP A 1 23  ? -14.128 -3.010  -11.696 1.00 25.24 ? 23  ASP A CB  1 
ATOM   181  C  CG  . ASP A 1 23  ? -15.253 -3.462  -12.606 1.00 31.82 ? 23  ASP A CG  1 
ATOM   182  O  OD1 . ASP A 1 23  ? -15.274 -4.632  -13.034 1.00 33.00 ? 23  ASP A OD1 1 
ATOM   183  O  OD2 . ASP A 1 23  ? -16.098 -2.607  -12.914 1.00 44.75 ? 23  ASP A OD2 1 
ATOM   184  N  N   . LYS A 1 24  ? -13.851 -6.447  -11.133 1.00 26.71 ? 24  LYS A N   1 
ATOM   185  C  CA  . LYS A 1 24  ? -13.434 -7.735  -11.639 1.00 23.62 ? 24  LYS A CA  1 
ATOM   186  C  C   . LYS A 1 24  ? -13.163 -7.643  -13.147 1.00 27.64 ? 24  LYS A C   1 
ATOM   187  O  O   . LYS A 1 24  ? -12.453 -8.496  -13.666 1.00 31.36 ? 24  LYS A O   1 
ATOM   188  C  CB  . LYS A 1 24  ? -14.555 -8.792  -11.391 1.00 30.08 ? 24  LYS A CB  1 
ATOM   189  C  CG  . LYS A 1 24  ? -14.250 -9.987  -10.452 1.00 29.65 ? 24  LYS A CG  1 
ATOM   190  C  CD  . LYS A 1 24  ? -15.355 -11.088 -10.421 1.00 31.50 ? 24  LYS A CD  1 
ATOM   191  C  CE  . LYS A 1 24  ? -16.815 -10.545 -10.483 1.00 29.16 ? 24  LYS A CE  1 
ATOM   192  N  NZ  . LYS A 1 24  ? -17.912 -11.432 -9.923  1.00 23.80 ? 24  LYS A NZ  1 
ATOM   193  N  N   . SER A 1 25  ? -13.737 -6.620  -13.811 1.00 24.44 ? 25  SER A N   1 
ATOM   194  C  CA  . SER A 1 25  ? -13.565 -6.358  -15.278 1.00 30.83 ? 25  SER A CA  1 
ATOM   195  C  C   . SER A 1 25  ? -12.118 -6.148  -15.663 1.00 30.64 ? 25  SER A C   1 
ATOM   196  O  O   . SER A 1 25  ? -11.658 -6.613  -16.734 1.00 27.06 ? 25  SER A O   1 
ATOM   197  C  CB  . SER A 1 25  ? -14.310 -5.079  -15.733 1.00 32.21 ? 25  SER A CB  1 
ATOM   198  O  OG  . SER A 1 25  ? -15.728 -5.234  -15.756 1.00 42.45 ? 25  SER A OG  1 
ATOM   199  N  N   . CYS A 1 26  ? -11.412 -5.480  -14.752 1.00 24.22 ? 26  CYS A N   1 
ATOM   200  C  CA  . CYS A 1 26  ? -10.042 -4.967  -14.986 1.00 23.57 ? 26  CYS A CA  1 
ATOM   201  C  C   . CYS A 1 26  ? -8.997  -6.067  -15.158 1.00 24.81 ? 26  CYS A C   1 
ATOM   202  O  O   . CYS A 1 26  ? -8.938  -6.961  -14.339 1.00 27.50 ? 26  CYS A O   1 
ATOM   203  C  CB  . CYS A 1 26  ? -9.683  -4.116  -13.716 1.00 22.07 ? 26  CYS A CB  1 
ATOM   204  S  SG  . CYS A 1 26  ? -10.648 -2.635  -13.541 1.00 23.04 ? 26  CYS A SG  1 
ATOM   205  N  N   . LYS A 1 27  ? -8.120  -6.020  -16.183 1.00 22.37 ? 27  LYS A N   1 
ATOM   206  C  CA  . LYS A 1 27  ? -7.044  -6.994  -16.201 1.00 23.98 ? 27  LYS A CA  1 
ATOM   207  C  C   . LYS A 1 27  ? -5.876  -6.538  -15.314 1.00 18.84 ? 27  LYS A C   1 
ATOM   208  O  O   . LYS A 1 27  ? -5.153  -7.363  -14.679 1.00 16.46 ? 27  LYS A O   1 
ATOM   209  C  CB  . LYS A 1 27  ? -6.604  -7.248  -17.654 1.00 28.00 ? 27  LYS A CB  1 
ATOM   210  C  CG  . LYS A 1 27  ? -7.795  -7.534  -18.578 1.00 32.99 ? 27  LYS A CG  1 
ATOM   211  C  CD  . LYS A 1 27  ? -8.553  -8.749  -18.086 1.00 39.97 ? 27  LYS A CD  1 
ATOM   212  C  CE  . LYS A 1 27  ? -9.418  -9.338  -19.210 1.00 45.79 ? 27  LYS A CE  1 
ATOM   213  N  NZ  . LYS A 1 27  ? -9.076  -10.788 -19.396 1.00 48.72 ? 27  LYS A NZ  1 
ATOM   214  N  N   . GLN A 1 28  ? -5.711  -5.223  -15.309 1.00 19.07 ? 28  GLN A N   1 
ATOM   215  C  CA  . GLN A 1 28  ? -4.723  -4.574  -14.427 1.00 20.69 ? 28  GLN A CA  1 
ATOM   216  C  C   . GLN A 1 28  ? -5.364  -3.529  -13.552 1.00 17.43 ? 28  GLN A C   1 
ATOM   217  O  O   . GLN A 1 28  ? -6.383  -2.891  -13.894 1.00 17.63 ? 28  GLN A O   1 
ATOM   218  C  CB  . GLN A 1 28  ? -3.535  -3.914  -15.198 1.00 19.43 ? 28  GLN A CB  1 
ATOM   219  C  CG  . GLN A 1 28  ? -2.407  -4.859  -15.665 1.00 21.21 ? 28  GLN A CG  1 
ATOM   220  C  CD  . GLN A 1 28  ? -2.805  -5.607  -16.952 1.00 20.27 ? 28  GLN A CD  1 
ATOM   221  O  OE1 . GLN A 1 28  ? -3.269  -4.952  -17.928 1.00 26.86 ? 28  GLN A OE1 1 
ATOM   222  N  NE2 . GLN A 1 28  ? -2.689  -6.965  -16.958 1.00 20.23 ? 28  GLN A NE2 1 
ATOM   223  N  N   . PHE A 1 29  ? -4.712  -3.263  -12.415 1.00 16.73 ? 29  PHE A N   1 
ATOM   224  C  CA  . PHE A 1 29  ? -5.157  -2.170  -11.555 1.00 17.73 ? 29  PHE A CA  1 
ATOM   225  C  C   . PHE A 1 29  ? -3.918  -1.328  -11.078 1.00 13.06 ? 29  PHE A C   1 
ATOM   226  O  O   . PHE A 1 29  ? -2.925  -1.861  -10.719 1.00 14.27 ? 29  PHE A O   1 
ATOM   227  C  CB  . PHE A 1 29  ? -5.939  -2.786  -10.334 1.00 17.19 ? 29  PHE A CB  1 
ATOM   228  C  CG  . PHE A 1 29  ? -6.715  -1.785  -9.553  1.00 19.78 ? 29  PHE A CG  1 
ATOM   229  C  CD1 . PHE A 1 29  ? -7.934  -1.309  -9.972  1.00 19.74 ? 29  PHE A CD1 1 
ATOM   230  C  CD2 . PHE A 1 29  ? -6.207  -1.307  -8.359  1.00 16.88 ? 29  PHE A CD2 1 
ATOM   231  C  CE1 . PHE A 1 29  ? -8.613  -0.339  -9.233  1.00 18.37 ? 29  PHE A CE1 1 
ATOM   232  C  CE2 . PHE A 1 29  ? -6.903  -0.363  -7.602  1.00 17.58 ? 29  PHE A CE2 1 
ATOM   233  C  CZ  . PHE A 1 29  ? -8.112  0.117   -8.024  1.00 18.71 ? 29  PHE A CZ  1 
ATOM   234  N  N   . THR A 1 30  ? -4.131  -0.051  -11.072 1.00 14.14 ? 30  THR A N   1 
ATOM   235  C  CA  . THR A 1 30  ? -3.153  0.972   -10.731 1.00 13.51 ? 30  THR A CA  1 
ATOM   236  C  C   . THR A 1 30  ? -3.607  1.707   -9.524  1.00 13.02 ? 30  THR A C   1 
ATOM   237  O  O   . THR A 1 30  ? -4.720  2.193   -9.422  1.00 12.92 ? 30  THR A O   1 
ATOM   238  C  CB  . THR A 1 30  ? -2.951  1.864   -11.925 1.00 14.23 ? 30  THR A CB  1 
ATOM   239  O  OG1 . THR A 1 30  ? -2.701  0.955   -13.072 1.00 16.79 ? 30  THR A OG1 1 
ATOM   240  C  CG2 . THR A 1 30  ? -1.769  2.745   -11.620 1.00 13.52 ? 30  THR A CG2 1 
ATOM   241  N  N   . VAL A 1 31  ? -2.620  1.886   -8.651  1.00 12.93 ? 31  VAL A N   1 
ATOM   242  C  CA  . VAL A 1 31  ? -2.804  2.643   -7.400  1.00 10.59 ? 31  VAL A CA  1 
ATOM   243  C  C   . VAL A 1 31  ? -1.782  3.816   -7.463  1.00 9.57  ? 31  VAL A C   1 
ATOM   244  O  O   . VAL A 1 31  ? -0.539  3.538   -7.586  1.00 10.91 ? 31  VAL A O   1 
ATOM   245  C  CB  . VAL A 1 31  ? -2.483  1.783   -6.171  1.00 11.03 ? 31  VAL A CB  1 
ATOM   246  C  CG1 . VAL A 1 31  ? -2.484  2.734   -4.936  1.00 9.21  ? 31  VAL A CG1 1 
ATOM   247  C  CG2 . VAL A 1 31  ? -3.427  0.597   -5.978  1.00 11.89 ? 31  VAL A CG2 1 
ATOM   248  N  N   . ASN A 1 32  ? -2.286  5.039   -7.425  1.00 11.00 ? 32  ASN A N   1 
ATOM   249  C  CA  . ASN A 1 32  ? -1.488  6.238   -7.528  1.00 11.60 ? 32  ASN A CA  1 
ATOM   250  C  C   . ASN A 1 32  ? -1.395  6.845   -6.096  1.00 11.00 ? 32  ASN A C   1 
ATOM   251  O  O   . ASN A 1 32  ? -2.371  7.378   -5.662  1.00 12.04 ? 32  ASN A O   1 
ATOM   252  C  CB  . ASN A 1 32  ? -2.105  7.197   -8.433  1.00 13.12 ? 32  ASN A CB  1 
ATOM   253  C  CG  . ASN A 1 32  ? -2.254  6.638   -9.842  1.00 14.78 ? 32  ASN A CG  1 
ATOM   254  O  OD1 . ASN A 1 32  ? -1.273  6.109   -10.463 1.00 17.48 ? 32  ASN A OD1 1 
ATOM   255  N  ND2 . ASN A 1 32  ? -3.475  6.769   -10.370 1.00 18.85 ? 32  ASN A ND2 1 
ATOM   256  N  N   . LEU A 1 33  ? -0.224  6.757   -5.444  1.00 11.01 ? 33  LEU A N   1 
ATOM   257  C  CA  . LEU A 1 33  ? -0.078  7.241   -4.068  1.00 10.67 ? 33  LEU A CA  1 
ATOM   258  C  C   . LEU A 1 33  ? 0.516   8.627   -4.068  1.00 10.36 ? 33  LEU A C   1 
ATOM   259  O  O   . LEU A 1 33  ? 1.455   8.912   -4.844  1.00 11.33 ? 33  LEU A O   1 
ATOM   260  C  CB  . LEU A 1 33  ? 0.843   6.302   -3.315  1.00 10.17 ? 33  LEU A CB  1 
ATOM   261  C  CG  . LEU A 1 33  ? 1.114   6.752   -1.862  1.00 10.60 ? 33  LEU A CG  1 
ATOM   262  C  CD1 . LEU A 1 33  ? -0.112  6.604   -1.002  1.00 11.96 ? 33  LEU A CD1 1 
ATOM   263  C  CD2 . LEU A 1 33  ? 2.177   5.821   -1.316  1.00 12.30 ? 33  LEU A CD2 1 
ATOM   264  N  N   . SER A 1 34  ? 0.010   9.493   -3.208  1.00 10.58 ? 34  SER A N   1 
ATOM   265  C  CA  . SER A 1 34  ? 0.601   10.853  -3.116  1.00 11.78 ? 34  SER A CA  1 
ATOM   266  C  C   . SER A 1 34  ? 0.566   11.234  -1.636  1.00 12.49 ? 34  SER A C   1 
ATOM   267  O  O   . SER A 1 34  ? -0.054  10.561  -0.787  1.00 11.69 ? 34  SER A O   1 
ATOM   268  C  CB  . SER A 1 34  ? -0.086  11.950  -4.016  1.00 11.14 ? 34  SER A CB  1 
ATOM   269  O  OG  . SER A 1 34  ? -1.384  12.236  -3.584  1.00 13.21 ? 34  SER A OG  1 
ATOM   270  N  N   . HIS A 1 35  ? 1.359   12.261  -1.296  1.00 14.47 ? 35  HIS A N   1 
ATOM   271  C  CA  . HIS A 1 35  ? 1.389   12.623  0.146   1.00 14.84 ? 35  HIS A CA  1 
ATOM   272  C  C   . HIS A 1 35  ? 1.005   14.121  0.317   1.00 16.06 ? 35  HIS A C   1 
ATOM   273  O  O   . HIS A 1 35  ? 1.883   14.917  0.189   1.00 19.39 ? 35  HIS A O   1 
ATOM   274  C  CB  . HIS A 1 35  ? 2.761   12.240  0.547   1.00 13.13 ? 35  HIS A CB  1 
ATOM   275  C  CG  . HIS A 1 35  ? 3.072   12.357  2.017   1.00 15.52 ? 35  HIS A CG  1 
ATOM   276  N  ND1 . HIS A 1 35  ? 2.614   13.367  2.785   1.00 15.26 ? 35  HIS A ND1 1 
ATOM   277  C  CD2 . HIS A 1 35  ? 3.892   11.548  2.830   1.00 16.77 ? 35  HIS A CD2 1 
ATOM   278  C  CE1 . HIS A 1 35  ? 3.165   13.241  4.065   1.00 15.95 ? 35  HIS A CE1 1 
ATOM   279  N  NE2 . HIS A 1 35  ? 3.917   12.120  4.090   1.00 15.28 ? 35  HIS A NE2 1 
ATOM   280  N  N   . PRO A 1 36  ? -0.303  14.422  0.671   1.00 19.86 ? 36  PRO A N   1 
ATOM   281  C  CA  . PRO A 1 36  ? -0.768  15.836  0.722   1.00 20.27 ? 36  PRO A CA  1 
ATOM   282  C  C   . PRO A 1 36  ? -0.442  16.556  2.038   1.00 25.87 ? 36  PRO A C   1 
ATOM   283  O  O   . PRO A 1 36  ? -0.868  17.704  2.195   1.00 26.65 ? 36  PRO A O   1 
ATOM   284  C  CB  . PRO A 1 36  ? -2.294  15.721  0.521   1.00 24.27 ? 36  PRO A CB  1 
ATOM   285  C  CG  . PRO A 1 36  ? -2.634  14.365  1.042   1.00 20.43 ? 36  PRO A CG  1 
ATOM   286  C  CD  . PRO A 1 36  ? -1.459  13.504  0.663   1.00 20.23 ? 36  PRO A CD  1 
ATOM   287  N  N   . GLY A 1 37  ? 0.309   15.897  2.954   1.00 21.37 ? 37  GLY A N   1 
ATOM   288  C  CA  . GLY A 1 37  ? 0.766   16.499  4.258   1.00 24.01 ? 37  GLY A CA  1 
ATOM   289  C  C   . GLY A 1 37  ? 2.105   17.237  4.045   1.00 23.88 ? 37  GLY A C   1 
ATOM   290  O  O   . GLY A 1 37  ? 2.494   17.456  2.908   1.00 23.28 ? 37  GLY A O   1 
ATOM   291  N  N   . ASN A 1 38  ? 2.801   17.589  5.146   1.00 33.58 ? 38  ASN A N   1 
ATOM   292  C  CA  . ASN A 1 38  ? 4.115   18.318  5.146   1.00 27.67 ? 38  ASN A CA  1 
ATOM   293  C  C   . ASN A 1 38  ? 5.525   17.726  5.558   1.00 34.09 ? 38  ASN A C   1 
ATOM   294  O  O   . ASN A 1 38  ? 6.461   18.452  5.349   1.00 34.97 ? 38  ASN A O   1 
ATOM   295  C  CB  . ASN A 1 38  ? 3.921   19.697  5.866   1.00 34.26 ? 38  ASN A CB  1 
ATOM   296  C  CG  . ASN A 1 38  ? 3.183   20.699  5.017   1.00 35.94 ? 38  ASN A CG  1 
ATOM   297  O  OD1 . ASN A 1 38  ? 2.014   21.026  5.260   1.00 33.85 ? 38  ASN A OD1 1 
ATOM   298  N  ND2 . ASN A 1 38  ? 3.856   21.174  3.980   1.00 34.51 ? 38  ASN A ND2 1 
ATOM   299  N  N   . LEU A 1 39  ? 5.711   16.459  6.062   1.00 26.14 ? 39  LEU A N   1 
ATOM   300  C  CA  . LEU A 1 39  ? 7.063   15.825  6.487   1.00 23.23 ? 39  LEU A CA  1 
ATOM   301  C  C   . LEU A 1 39  ? 7.962   15.015  5.496   1.00 23.75 ? 39  LEU A C   1 
ATOM   302  O  O   . LEU A 1 39  ? 7.419   14.465  4.554   1.00 27.17 ? 39  LEU A O   1 
ATOM   303  C  CB  . LEU A 1 39  ? 6.754   14.858  7.719   1.00 24.89 ? 39  LEU A CB  1 
ATOM   304  C  CG  . LEU A 1 39  ? 6.380   15.422  9.108   1.00 25.42 ? 39  LEU A CG  1 
ATOM   305  C  CD1 . LEU A 1 39  ? 7.630   16.056  9.733   1.00 27.97 ? 39  LEU A CD1 1 
ATOM   306  C  CD2 . LEU A 1 39  ? 5.081   16.281  9.239   1.00 29.12 ? 39  LEU A CD2 1 
ATOM   307  N  N   . PRO A 1 40  ? 9.286   14.885  5.703   1.00 21.15 ? 40  PRO A N   1 
ATOM   308  C  CA  . PRO A 1 40  ? 10.091  14.020  4.796   1.00 25.09 ? 40  PRO A CA  1 
ATOM   309  C  C   . PRO A 1 40  ? 9.863   12.513  4.920   1.00 21.33 ? 40  PRO A C   1 
ATOM   310  O  O   . PRO A 1 40  ? 9.293   12.106  5.911   1.00 29.68 ? 40  PRO A O   1 
ATOM   311  C  CB  . PRO A 1 40  ? 11.531  14.339  5.224   1.00 24.00 ? 40  PRO A CB  1 
ATOM   312  C  CG  . PRO A 1 40  ? 11.413  14.771  6.688   1.00 23.12 ? 40  PRO A CG  1 
ATOM   313  C  CD  . PRO A 1 40  ? 10.108  15.491  6.793   1.00 19.38 ? 40  PRO A CD  1 
ATOM   314  N  N   . LYS A 1 41  ? 10.427  11.732  3.982   1.00 28.05 ? 41  LYS A N   1 
ATOM   315  C  CA  . LYS A 1 41  ? 10.319  10.254  3.858   1.00 24.47 ? 41  LYS A CA  1 
ATOM   316  C  C   . LYS A 1 41  ? 11.005  9.500   5.024   1.00 26.77 ? 41  LYS A C   1 
ATOM   317  O  O   . LYS A 1 41  ? 10.615  8.395   5.394   1.00 20.23 ? 41  LYS A O   1 
ATOM   318  C  CB  . LYS A 1 41  ? 10.896  9.842   2.500   1.00 31.47 ? 41  LYS A CB  1 
ATOM   319  C  CG  . LYS A 1 41  ? 11.304  8.397   2.358   1.00 29.79 ? 41  LYS A CG  1 
ATOM   320  C  CD  . LYS A 1 41  ? 11.688  8.040   0.947   1.00 33.37 ? 41  LYS A CD  1 
ATOM   321  C  CE  . LYS A 1 41  ? 13.172  8.053   0.767   1.00 29.97 ? 41  LYS A CE  1 
ATOM   322  N  NZ  . LYS A 1 41  ? 13.444  7.760   -0.661  1.00 40.06 ? 41  LYS A NZ  1 
ATOM   323  N  N   . ASN A 1 42  ? 12.069  10.113  5.556   1.00 26.72 ? 42  ASN A N   1 
ATOM   324  C  CA  . ASN A 1 42  ? 12.946  9.561   6.619   1.00 26.68 ? 42  ASN A CA  1 
ATOM   325  C  C   . ASN A 1 42  ? 12.217  9.650   7.939   1.00 22.88 ? 42  ASN A C   1 
ATOM   326  O  O   . ASN A 1 42  ? 12.624  9.080   8.947   1.00 30.02 ? 42  ASN A O   1 
ATOM   327  C  CB  . ASN A 1 42  ? 14.184  10.467  6.748   1.00 31.56 ? 42  ASN A CB  1 
ATOM   328  C  CG  . ASN A 1 42  ? 13.893  11.807  7.502   1.00 34.06 ? 42  ASN A CG  1 
ATOM   329  O  OD1 . ASN A 1 42  ? 12.901  12.576  7.263   1.00 30.74 ? 42  ASN A OD1 1 
ATOM   330  N  ND2 . ASN A 1 42  ? 14.799  12.106  8.438   1.00 47.30 ? 42  ASN A ND2 1 
ATOM   331  N  N   . VAL A 1 43  ? 11.163  10.384  7.933   1.00 15.07 ? 43  VAL A N   1 
ATOM   332  C  CA  . VAL A 1 43  ? 10.381  10.596  9.157   1.00 18.25 ? 43  VAL A CA  1 
ATOM   333  C  C   . VAL A 1 43  ? 8.916   10.135  9.096   1.00 23.95 ? 43  VAL A C   1 
ATOM   334  O  O   . VAL A 1 43  ? 8.356   9.695   10.114  1.00 27.86 ? 43  VAL A O   1 
ATOM   335  C  CB  . VAL A 1 43  ? 10.247  12.103  9.441   1.00 20.28 ? 43  VAL A CB  1 
ATOM   336  C  CG1 . VAL A 1 43  ? 9.059   12.489  10.408  1.00 19.73 ? 43  VAL A CG1 1 
ATOM   337  C  CG2 . VAL A 1 43  ? 11.582  12.717  9.972   1.00 22.14 ? 43  VAL A CG2 1 
ATOM   338  N  N   . MET A 1 44  ? 8.240   10.332  7.956   1.00 20.70 ? 44  MET A N   1 
ATOM   339  C  CA  . MET A 1 44  ? 6.762   10.176  7.982   1.00 22.52 ? 44  MET A CA  1 
ATOM   340  C  C   . MET A 1 44  ? 6.288   9.831   6.593   1.00 15.15 ? 44  MET A C   1 
ATOM   341  O  O   . MET A 1 44  ? 5.133   10.257  6.059   1.00 16.51 ? 44  MET A O   1 
ATOM   342  C  CB  . MET A 1 44  ? 6.093   11.358  8.543   1.00 23.04 ? 44  MET A CB  1 
ATOM   343  C  CG  . MET A 1 44  ? 4.591   11.441  8.385   1.00 19.70 ? 44  MET A CG  1 
ATOM   344  S  SD  . MET A 1 44  ? 3.839   9.953   9.132   1.00 22.74 ? 44  MET A SD  1 
ATOM   345  C  CE  . MET A 1 44  ? 2.330   10.568  9.509   1.00 11.12 ? 44  MET A CE  1 
ATOM   346  N  N   . GLY A 1 45  ? 7.133   8.939   6.147   1.00 17.63 ? 45  GLY A N   1 
ATOM   347  C  CA  . GLY A 1 45  ? 7.102   8.352   4.872   1.00 14.73 ? 45  GLY A CA  1 
ATOM   348  C  C   . GLY A 1 45  ? 5.925   7.433   4.860   1.00 13.56 ? 45  GLY A C   1 
ATOM   349  O  O   . GLY A 1 45  ? 5.584   6.794   5.868   1.00 11.92 ? 45  GLY A O   1 
ATOM   350  N  N   . HIS A 1 46  ? 5.336   7.397   3.688   1.00 10.28 ? 46  HIS A N   1 
ATOM   351  C  CA  . HIS A 1 46  ? 4.347   6.343   3.458   1.00 9.50  ? 46  HIS A CA  1 
ATOM   352  C  C   . HIS A 1 46  ? 4.637   5.532   2.239   1.00 9.35  ? 46  HIS A C   1 
ATOM   353  O  O   . HIS A 1 46  ? 5.142   5.996   1.225   1.00 11.69 ? 46  HIS A O   1 
ATOM   354  C  CB  . HIS A 1 46  ? 2.970   6.968   3.305   1.00 11.52 ? 46  HIS A CB  1 
ATOM   355  C  CG  . HIS A 1 46  ? 2.505   7.780   4.482   1.00 12.71 ? 46  HIS A CG  1 
ATOM   356  N  ND1 . HIS A 1 46  ? 2.466   7.327   5.800   1.00 9.88  ? 46  HIS A ND1 1 
ATOM   357  C  CD2 . HIS A 1 46  ? 1.941   9.066   4.513   1.00 12.40 ? 46  HIS A CD2 1 
ATOM   358  C  CE1 . HIS A 1 46  ? 1.983   8.284   6.592   1.00 13.25 ? 46  HIS A CE1 1 
ATOM   359  N  NE2 . HIS A 1 46  ? 1.649   9.359   5.809   1.00 13.41 ? 46  HIS A NE2 1 
ATOM   360  N  N   . ASN A 1 47  ? 4.247   4.241   2.297   1.00 8.82  ? 47  ASN A N   1 
ATOM   361  C  CA  . ASN A 1 47  ? 4.147   3.453   1.073   1.00 9.55  ? 47  ASN A CA  1 
ATOM   362  C  C   . ASN A 1 47  ? 2.741   2.796   0.997   1.00 8.85  ? 47  ASN A C   1 
ATOM   363  O  O   . ASN A 1 47  ? 1.957   2.884   1.910   1.00 9.36  ? 47  ASN A O   1 
ATOM   364  C  CB  . ASN A 1 47  ? 5.281   2.407   0.961   1.00 11.29 ? 47  ASN A CB  1 
ATOM   365  C  CG  . ASN A 1 47  ? 5.379   1.473   2.171   1.00 11.73 ? 47  ASN A CG  1 
ATOM   366  O  OD1 . ASN A 1 47  ? 4.459   1.297   2.966   1.00 10.52 ? 47  ASN A OD1 1 
ATOM   367  N  ND2 . ASN A 1 47  ? 6.561   0.908   2.359   1.00 12.08 ? 47  ASN A ND2 1 
ATOM   368  N  N   . PHE A 1 48  ? 2.413   2.250   -0.158  1.00 8.49  ? 48  PHE A N   1 
ATOM   369  C  CA  . PHE A 1 48  ? 1.224   1.448   -0.236  1.00 8.71  ? 48  PHE A CA  1 
ATOM   370  C  C   . PHE A 1 48  ? 1.630   0.026   -0.511  1.00 8.84  ? 48  PHE A C   1 
ATOM   371  O  O   . PHE A 1 48  ? 2.303   -0.227  -1.520  1.00 10.86 ? 48  PHE A O   1 
ATOM   372  C  CB  . PHE A 1 48  ? 0.458   1.938   -1.466  1.00 9.45  ? 48  PHE A CB  1 
ATOM   373  C  CG  . PHE A 1 48  ? -0.766  1.108   -1.767  1.00 9.65  ? 48  PHE A CG  1 
ATOM   374  C  CD1 . PHE A 1 48  ? -1.992  1.540   -1.217  1.00 11.23 ? 48  PHE A CD1 1 
ATOM   375  C  CD2 . PHE A 1 48  ? -0.754  0.026   -2.632  1.00 11.68 ? 48  PHE A CD2 1 
ATOM   376  C  CE1 . PHE A 1 48  ? -3.170  0.845   -1.484  1.00 13.12 ? 48  PHE A CE1 1 
ATOM   377  C  CE2 . PHE A 1 48  ? -1.985  -0.677  -2.923  1.00 12.80 ? 48  PHE A CE2 1 
ATOM   378  C  CZ  . PHE A 1 48  ? -3.176  -0.290  -2.272  1.00 11.94 ? 48  PHE A CZ  1 
ATOM   379  N  N   . VAL A 1 49  ? 1.212   -0.917  0.344   1.00 7.67  ? 49  VAL A N   1 
ATOM   380  C  CA  . VAL A 1 49  ? 1.636   -2.318  0.206   1.00 9.69  ? 49  VAL A CA  1 
ATOM   381  C  C   . VAL A 1 49  ? 0.384   -3.181  0.284   1.00 9.08  ? 49  VAL A C   1 
ATOM   382  O  O   . VAL A 1 49  ? -0.502  -2.952  1.170   1.00 9.67  ? 49  VAL A O   1 
ATOM   383  C  CB  . VAL A 1 49  ? 2.610   -2.686  1.306   1.00 8.58  ? 49  VAL A CB  1 
ATOM   384  C  CG1 . VAL A 1 49  ? 3.142   -4.084  1.105   1.00 11.23 ? 49  VAL A CG1 1 
ATOM   385  C  CG2 . VAL A 1 49  ? 3.790   -1.694  1.226   1.00 8.14  ? 49  VAL A CG2 1 
ATOM   386  N  N   . LEU A 1 50  ? 0.301   -4.181  -0.605  1.00 9.50  ? 50  LEU A N   1 
ATOM   387  C  CA  . LEU A 1 50  ? -0.917  -5.045  -0.757  1.00 9.61  ? 50  LEU A CA  1 
ATOM   388  C  C   . LEU A 1 50  ? -0.500  -6.511  -0.536  1.00 10.12 ? 50  LEU A C   1 
ATOM   389  O  O   . LEU A 1 50  ? 0.438   -7.013  -1.194  1.00 10.06 ? 50  LEU A O   1 
ATOM   390  C  CB  . LEU A 1 50  ? -1.497  -4.893  -2.161  1.00 10.58 ? 50  LEU A CB  1 
ATOM   391  C  CG  . LEU A 1 50  ? -2.774  -5.665  -2.357  1.00 10.87 ? 50  LEU A CG  1 
ATOM   392  C  CD1 . LEU A 1 50  ? -3.924  -5.195  -1.512  1.00 10.17 ? 50  LEU A CD1 1 
ATOM   393  C  CD2 . LEU A 1 50  ? -3.210  -5.458  -3.779  1.00 10.64 ? 50  LEU A CD2 1 
ATOM   394  N  N   . SER A 1 51  ? -1.215  -7.211  0.368   1.00 10.04 ? 51  SER A N   1 
ATOM   395  C  CA  . SER A 1 51  ? -0.962  -8.607  0.674   1.00 11.09 ? 51  SER A CA  1 
ATOM   396  C  C   . SER A 1 51  ? -2.263  -9.277  1.041   1.00 11.62 ? 51  SER A C   1 
ATOM   397  O  O   . SER A 1 51  ? -3.287  -8.609  1.218   1.00 13.88 ? 51  SER A O   1 
ATOM   398  C  CB  . SER A 1 51  ? 0.078   -8.785  1.762   1.00 12.02 ? 51  SER A CB  1 
ATOM   399  O  OG  . SER A 1 51  ? -0.399  -8.496  3.069   1.00 11.27 ? 51  SER A OG  1 
ATOM   400  N  N   . THR A 1 52  ? -2.206  -10.623 1.190   1.00 14.23 ? 52  THR A N   1 
ATOM   401  C  CA  . THR A 1 52  ? -3.332  -11.257 1.811   1.00 15.02 ? 52  THR A CA  1 
ATOM   402  C  C   . THR A 1 52  ? -3.397  -10.797 3.232   1.00 14.03 ? 52  THR A C   1 
ATOM   403  O  O   . THR A 1 52  ? -2.423  -10.303 3.850   1.00 14.22 ? 52  THR A O   1 
ATOM   404  C  CB  . THR A 1 52  ? -3.246  -12.808 1.821   1.00 15.24 ? 52  THR A CB  1 
ATOM   405  O  OG1 . THR A 1 52  ? -2.006  -13.172 2.419   1.00 18.98 ? 52  THR A OG1 1 
ATOM   406  C  CG2 . THR A 1 52  ? -3.220  -13.325 0.444   1.00 21.45 ? 52  THR A CG2 1 
ATOM   407  N  N   . ALA A 1 53  ? -4.588  -10.991 3.804   1.00 16.02 ? 53  ALA A N   1 
ATOM   408  C  CA  . ALA A 1 53  ? -4.711  -10.675 5.244   1.00 17.05 ? 53  ALA A CA  1 
ATOM   409  C  C   . ALA A 1 53  ? -3.721  -11.368 6.123   1.00 17.50 ? 53  ALA A C   1 
ATOM   410  O  O   . ALA A 1 53  ? -3.132  -10.725 7.022   1.00 20.53 ? 53  ALA A O   1 
ATOM   411  C  CB  . ALA A 1 53  ? -6.113  -10.853 5.739   1.00 16.44 ? 53  ALA A CB  1 
ATOM   412  N  N   . ALA A 1 54  ? -3.511  -12.662 5.883   1.00 19.07 ? 54  ALA A N   1 
ATOM   413  C  CA  . ALA A 1 54  ? -2.604  -13.530 6.625   1.00 20.79 ? 54  ALA A CA  1 
ATOM   414  C  C   . ALA A 1 54  ? -1.136  -13.169 6.585   1.00 19.85 ? 54  ALA A C   1 
ATOM   415  O  O   . ALA A 1 54  ? -0.428  -13.367 7.571   1.00 20.03 ? 54  ALA A O   1 
ATOM   416  C  CB  . ALA A 1 54  ? -2.795  -14.940 6.113   1.00 19.47 ? 54  ALA A CB  1 
ATOM   417  N  N   . ASP A 1 55  ? -0.764  -12.512 5.489   1.00 18.24 ? 55  ASP A N   1 
ATOM   418  C  CA  . ASP A 1 55  ? 0.608   -12.176 5.224   1.00 17.88 ? 55  ASP A CA  1 
ATOM   419  C  C   . ASP A 1 55  ? 1.023   -10.805 5.749   1.00 16.44 ? 55  ASP A C   1 
ATOM   420  O  O   . ASP A 1 55  ? 2.224   -10.521 5.868   1.00 17.14 ? 55  ASP A O   1 
ATOM   421  C  CB  . ASP A 1 55  ? 0.737   -12.226 3.706   1.00 22.08 ? 55  ASP A CB  1 
ATOM   422  C  CG  . ASP A 1 55  ? 1.112   -13.624 3.210   1.00 24.07 ? 55  ASP A CG  1 
ATOM   423  O  OD1 . ASP A 1 55  ? 1.562   -14.473 4.040   1.00 25.20 ? 55  ASP A OD1 1 
ATOM   424  O  OD2 . ASP A 1 55  ? 0.931   -13.816 2.001   1.00 24.44 ? 55  ASP A OD2 1 
ATOM   425  N  N   . MET A 1 56  ? 0.026   -9.947  6.033   1.00 17.23 ? 56  MET A N   1 
ATOM   426  C  CA  . MET A 1 56  ? 0.309   -8.565  6.405   1.00 13.04 ? 56  MET A CA  1 
ATOM   427  C  C   . MET A 1 56  ? 1.298   -8.450  7.600   1.00 13.42 ? 56  MET A C   1 
ATOM   428  O  O   . MET A 1 56  ? 2.330   -7.755  7.456   1.00 11.26 ? 56  MET A O   1 
ATOM   429  C  CB  . MET A 1 56  ? -1.016  -7.769  6.595   1.00 12.75 ? 56  MET A CB  1 
ATOM   430  C  CG  . MET A 1 56  ? -0.637  -6.413  7.160   1.00 12.53 ? 56  MET A CG  1 
ATOM   431  S  SD  . MET A 1 56  ? -2.102  -5.424  7.609   1.00 15.52 ? 56  MET A SD  1 
ATOM   432  C  CE  . MET A 1 56  ? -1.288  -3.984  8.360   1.00 14.95 ? 56  MET A CE  1 
ATOM   433  N  N   . GLN A 1 57  ? 1.050   -9.143  8.739   1.00 12.49 ? 57  GLN A N   1 
ATOM   434  C  CA  . GLN A 1 57  ? 1.917   -9.107  9.849   1.00 14.69 ? 57  GLN A CA  1 
ATOM   435  C  C   . GLN A 1 57  ? 3.361   -9.411  9.472   1.00 14.72 ? 57  GLN A C   1 
ATOM   436  O  O   . GLN A 1 57  ? 4.273   -8.690  9.948   1.00 15.05 ? 57  GLN A O   1 
ATOM   437  C  CB  . GLN A 1 57  ? 1.455   -9.985  11.015  1.00 15.30 ? 57  GLN A CB  1 
ATOM   438  C  CG  . GLN A 1 57  ? 2.166   -9.602  12.366  1.00 17.78 ? 57  GLN A CG  1 
ATOM   439  C  CD  . GLN A 1 57  ? 2.000   -8.081  12.775  1.00 22.42 ? 57  GLN A CD  1 
ATOM   440  O  OE1 . GLN A 1 57  ? 2.864   -7.223  12.442  1.00 27.80 ? 57  GLN A OE1 1 
ATOM   441  N  NE2 . GLN A 1 57  ? 0.950   -7.764  13.549  1.00 22.41 ? 57  GLN A NE2 1 
ATOM   442  N  N   . GLY A 1 58  ? 3.573   -10.412 8.623   1.00 15.81 ? 58  GLY A N   1 
ATOM   443  C  CA  . GLY A 1 58  ? 4.972   -10.818 8.330   1.00 16.16 ? 58  GLY A CA  1 
ATOM   444  C  C   . GLY A 1 58  ? 5.604   -9.713  7.526   1.00 15.56 ? 58  GLY A C   1 
ATOM   445  O  O   . GLY A 1 58  ? 6.812   -9.419  7.712   1.00 17.10 ? 58  GLY A O   1 
ATOM   446  N  N   . VAL A 1 59  ? 4.780   -9.141  6.660   1.00 12.98 ? 59  VAL A N   1 
ATOM   447  C  CA  . VAL A 1 59  ? 5.295   -8.138  5.663   1.00 12.28 ? 59  VAL A CA  1 
ATOM   448  C  C   . VAL A 1 59  ? 5.776   -6.893  6.495   1.00 11.36 ? 59  VAL A C   1 
ATOM   449  O  O   . VAL A 1 59  ? 6.870   -6.255  6.257   1.00 11.27 ? 59  VAL A O   1 
ATOM   450  C  CB  . VAL A 1 59  ? 4.243   -7.785  4.564   1.00 11.72 ? 59  VAL A CB  1 
ATOM   451  C  CG1 . VAL A 1 59  ? 4.649   -6.477  3.817   1.00 12.18 ? 59  VAL A CG1 1 
ATOM   452  C  CG2 . VAL A 1 59  ? 4.167   -8.928  3.572   1.00 12.42 ? 59  VAL A CG2 1 
ATOM   453  N  N   . VAL A 1 60  ? 4.901   -6.462  7.424   1.00 10.60 ? 60  VAL A N   1 
ATOM   454  C  CA  . VAL A 1 60  ? 5.100   -5.262  8.281   1.00 11.22 ? 60  VAL A CA  1 
ATOM   455  C  C   . VAL A 1 60  ? 6.335   -5.537  9.152   1.00 11.88 ? 60  VAL A C   1 
ATOM   456  O  O   . VAL A 1 60  ? 7.205   -4.702  9.223   1.00 11.85 ? 60  VAL A O   1 
ATOM   457  C  CB  . VAL A 1 60  ? 3.863   -4.996  9.140   1.00 10.83 ? 60  VAL A CB  1 
ATOM   458  C  CG1 . VAL A 1 60  ? 4.164   -3.935  10.218  1.00 11.12 ? 60  VAL A CG1 1 
ATOM   459  C  CG2 . VAL A 1 60  ? 2.724   -4.540  8.209   1.00 10.34 ? 60  VAL A CG2 1 
ATOM   460  N  N   . THR A 1 61  ? 6.407   -6.739  9.751   1.00 13.94 ? 61  THR A N   1 
ATOM   461  C  CA  . THR A 1 61  ? 7.519   -7.039  10.630  1.00 14.74 ? 61  THR A CA  1 
ATOM   462  C  C   . THR A 1 61  ? 8.884   -7.119  9.924   1.00 13.47 ? 61  THR A C   1 
ATOM   463  O  O   . THR A 1 61  ? 9.833   -6.490  10.446  1.00 14.92 ? 61  THR A O   1 
ATOM   464  C  CB  . THR A 1 61  ? 7.282   -8.333  11.469  1.00 16.49 ? 61  THR A CB  1 
ATOM   465  O  OG1 . THR A 1 61  ? 6.099   -8.137  12.240  1.00 20.52 ? 61  THR A OG1 1 
ATOM   466  C  CG2 . THR A 1 61  ? 8.458   -8.531  12.453  1.00 17.18 ? 61  THR A CG2 1 
ATOM   467  N  N   . ASP A 1 62  ? 8.934   -7.862  8.847   1.00 14.66 ? 62  ASP A N   1 
ATOM   468  C  CA  . ASP A 1 62  ? 10.171  -8.026  7.996   1.00 15.71 ? 62  ASP A CA  1 
ATOM   469  C  C   . ASP A 1 62  ? 10.559  -6.658  7.431   1.00 15.73 ? 62  ASP A C   1 
ATOM   470  O  O   . ASP A 1 62  ? 11.777  -6.339  7.262   1.00 17.09 ? 62  ASP A O   1 
ATOM   471  C  CB  . ASP A 1 62  ? 9.933   -9.055  6.922   1.00 16.19 ? 62  ASP A CB  1 
ATOM   472  C  CG  . ASP A 1 62  ? 9.848   -10.534 7.504   1.00 17.39 ? 62  ASP A CG  1 
ATOM   473  O  OD1 . ASP A 1 62  ? 10.197  -10.762 8.683   1.00 20.20 ? 62  ASP A OD1 1 
ATOM   474  O  OD2 . ASP A 1 62  ? 9.418   -11.446 6.745   1.00 21.27 ? 62  ASP A OD2 1 
ATOM   475  N  N   . GLY A 1 63  ? 9.556   -5.861  7.124   1.00 14.39 ? 63  GLY A N   1 
ATOM   476  C  CA  . GLY A 1 63  ? 9.701   -4.478  6.638   1.00 13.90 ? 63  GLY A CA  1 
ATOM   477  C  C   . GLY A 1 63  ? 10.442  -3.645  7.577   1.00 15.03 ? 63  GLY A C   1 
ATOM   478  O  O   . GLY A 1 63  ? 11.419  -3.007  7.138   1.00 16.81 ? 63  GLY A O   1 
ATOM   479  N  N   . MET A 1 64  ? 9.968   -3.532  8.849   1.00 14.91 ? 64  MET A N   1 
ATOM   480  C  CA  . MET A 1 64  ? 10.660  -2.696  9.841   1.00 16.04 ? 64  MET A CA  1 
ATOM   481  C  C   . MET A 1 64  ? 12.212  -2.973  9.903   1.00 19.23 ? 64  MET A C   1 
ATOM   482  O  O   . MET A 1 64  ? 13.070  -2.003  10.082  1.00 20.46 ? 64  MET A O   1 
ATOM   483  C  CB  . MET A 1 64  ? 10.162  -3.028  11.228  1.00 17.26 ? 64  MET A CB  1 
ATOM   484  C  CG  . MET A 1 64  ? 10.544  -1.903  12.203  1.00 22.39 ? 64  MET A CG  1 
ATOM   485  S  SD  . MET A 1 64  ? 9.981   -2.030  13.921  1.00 32.23 ? 64  MET A SD  1 
ATOM   486  C  CE  . MET A 1 64  ? 8.195   -1.953  13.866  1.00 29.54 ? 64  MET A CE  1 
ATOM   487  N  N   . ALA A 1 65  ? 12.517  -4.282  9.844   1.00 19.29 ? 65  ALA A N   1 
ATOM   488  C  CA  . ALA A 1 65  ? 13.869  -4.804  9.975   1.00 23.16 ? 65  ALA A CA  1 
ATOM   489  C  C   . ALA A 1 65  ? 14.694  -4.304  8.802   1.00 26.53 ? 65  ALA A C   1 
ATOM   490  O  O   . ALA A 1 65  ? 15.894  -4.013  8.982   1.00 30.44 ? 65  ALA A O   1 
ATOM   491  C  CB  . ALA A 1 65  ? 13.853  -6.325  9.995   1.00 22.10 ? 65  ALA A CB  1 
ATOM   492  N  N   . SER A 1 66  ? 14.058  -4.168  7.619   1.00 24.21 ? 66  SER A N   1 
ATOM   493  C  CA  . SER A 1 66  ? 14.800  -3.883  6.384   1.00 23.84 ? 66  SER A CA  1 
ATOM   494  C  C   . SER A 1 66  ? 15.379  -2.506  6.335   1.00 25.15 ? 66  SER A C   1 
ATOM   495  O  O   . SER A 1 66  ? 16.369  -2.320  5.627   1.00 25.00 ? 66  SER A O   1 
ATOM   496  C  CB  . SER A 1 66  ? 13.919  -4.089  5.174   1.00 21.08 ? 66  SER A CB  1 
ATOM   497  O  OG  . SER A 1 66  ? 13.590  -5.470  5.065   1.00 30.15 ? 66  SER A OG  1 
ATOM   498  N  N   . GLY A 1 67  ? 14.706  -1.550  6.983   1.00 19.22 ? 67  GLY A N   1 
ATOM   499  C  CA  . GLY A 1 67  ? 15.193  -0.245  7.295   1.00 22.10 ? 67  GLY A CA  1 
ATOM   500  C  C   . GLY A 1 67  ? 14.753  0.693   6.190   1.00 20.42 ? 67  GLY A C   1 
ATOM   501  O  O   . GLY A 1 67  ? 14.295  0.240   5.068   1.00 20.80 ? 67  GLY A O   1 
ATOM   502  N  N   . LEU A 1 68  ? 14.927  1.953   6.513   1.00 21.08 ? 68  LEU A N   1 
ATOM   503  C  CA  . LEU A 1 68  ? 14.555  3.064   5.674   1.00 24.28 ? 68  LEU A CA  1 
ATOM   504  C  C   . LEU A 1 68  ? 15.251  3.034   4.285   1.00 25.29 ? 68  LEU A C   1 
ATOM   505  O  O   . LEU A 1 68  ? 14.649  3.506   3.319   1.00 26.40 ? 68  LEU A O   1 
ATOM   506  C  CB  . LEU A 1 68  ? 14.865  4.346   6.409   1.00 20.87 ? 68  LEU A CB  1 
ATOM   507  C  CG  . LEU A 1 68  ? 14.912  5.625   5.623   1.00 22.78 ? 68  LEU A CG  1 
ATOM   508  C  CD1 . LEU A 1 68  ? 13.496  5.882   5.225   1.00 21.56 ? 68  LEU A CD1 1 
ATOM   509  C  CD2 . LEU A 1 68  ? 15.328  6.617   6.683   1.00 23.80 ? 68  LEU A CD2 1 
ATOM   510  N  N   . ASP A 1 69  ? 16.467  2.494   4.171   1.00 24.62 ? 69  ASP A N   1 
ATOM   511  C  CA  . ASP A 1 69  ? 17.146  2.405   2.840   1.00 25.39 ? 69  ASP A CA  1 
ATOM   512  C  C   . ASP A 1 69  ? 16.525  1.409   1.857   1.00 28.45 ? 69  ASP A C   1 
ATOM   513  O  O   . ASP A 1 69  ? 16.721  1.505   0.627   1.00 29.34 ? 69  ASP A O   1 
ATOM   514  C  CB  . ASP A 1 69  ? 18.670  2.080   2.996   1.00 25.03 ? 69  ASP A CB  1 
ATOM   515  C  CG  . ASP A 1 69  ? 19.488  3.218   3.677   1.00 26.24 ? 69  ASP A CG  1 
ATOM   516  O  OD1 . ASP A 1 69  ? 19.076  4.409   3.729   1.00 27.24 ? 69  ASP A OD1 1 
ATOM   517  O  OD2 . ASP A 1 69  ? 20.630  2.876   4.122   1.00 24.70 ? 69  ASP A OD2 1 
ATOM   518  N  N   . LYS A 1 70  ? 15.827  0.403   2.401   1.00 25.50 ? 70  LYS A N   1 
ATOM   519  C  CA  . LYS A 1 70  ? 15.028  -0.524  1.627   1.00 20.46 ? 70  LYS A CA  1 
ATOM   520  C  C   . LYS A 1 70  ? 13.495  -0.165  1.680   1.00 16.73 ? 70  LYS A C   1 
ATOM   521  O  O   . LYS A 1 70  ? 12.749  -1.065  1.408   1.00 17.93 ? 70  LYS A O   1 
ATOM   522  C  CB  . LYS A 1 70  ? 15.163  -1.935  2.165   1.00 21.58 ? 70  LYS A CB  1 
ATOM   523  C  CG  . LYS A 1 70  ? 16.557  -2.541  2.273   1.00 24.64 ? 70  LYS A CG  1 
ATOM   524  C  CD  . LYS A 1 70  ? 17.484  -2.085  1.179   1.00 28.80 ? 70  LYS A CD  1 
ATOM   525  C  CE  . LYS A 1 70  ? 18.919  -2.463  1.581   1.00 31.55 ? 70  LYS A CE  1 
ATOM   526  N  NZ  . LYS A 1 70  ? 19.965  -1.721  0.777   1.00 34.85 ? 70  LYS A NZ  1 
ATOM   527  N  N   . ASP A 1 71  ? 13.115  1.072   1.926   1.00 17.07 ? 71  ASP A N   1 
ATOM   528  C  CA  . ASP A 1 71  ? 11.733  1.598   2.055   1.00 16.55 ? 71  ASP A CA  1 
ATOM   529  C  C   . ASP A 1 71  ? 10.946  0.810   3.100   1.00 15.37 ? 71  ASP A C   1 
ATOM   530  O  O   . ASP A 1 71  ? 9.706   0.619   2.951   1.00 16.88 ? 71  ASP A O   1 
ATOM   531  C  CB  . ASP A 1 71  ? 10.997  1.510   0.701   1.00 18.90 ? 71  ASP A CB  1 
ATOM   532  C  CG  . ASP A 1 71  ? 11.606  2.410   -0.368  1.00 21.67 ? 71  ASP A CG  1 
ATOM   533  O  OD1 . ASP A 1 71  ? 12.038  3.552   -0.102  1.00 31.66 ? 71  ASP A OD1 1 
ATOM   534  O  OD2 . ASP A 1 71  ? 11.545  1.975   -1.500  1.00 24.31 ? 71  ASP A OD2 1 
ATOM   535  N  N   . PHE A 1 72  ? 11.633  0.318   4.148   1.00 14.23 ? 72  PHE A N   1 
ATOM   536  C  CA  . PHE A 1 72  ? 10.914  -0.550  5.126   1.00 14.69 ? 72  PHE A CA  1 
ATOM   537  C  C   . PHE A 1 72  ? 10.182  -1.706  4.455   1.00 13.96 ? 72  PHE A C   1 
ATOM   538  O  O   . PHE A 1 72  ? 9.083   -2.098  4.874   1.00 11.80 ? 72  PHE A O   1 
ATOM   539  C  CB  . PHE A 1 72  ? 10.028  0.319   5.973   1.00 14.47 ? 72  PHE A CB  1 
ATOM   540  C  CG  . PHE A 1 72  ? 10.802  1.208   6.929   1.00 16.18 ? 72  PHE A CG  1 
ATOM   541  C  CD1 . PHE A 1 72  ? 11.634  0.617   7.946   1.00 16.31 ? 72  PHE A CD1 1 
ATOM   542  C  CD2 . PHE A 1 72  ? 10.701  2.604   6.863   1.00 15.78 ? 72  PHE A CD2 1 
ATOM   543  C  CE1 . PHE A 1 72  ? 12.368  1.425   8.820   1.00 18.57 ? 72  PHE A CE1 1 
ATOM   544  C  CE2 . PHE A 1 72  ? 11.442  3.394   7.750   1.00 19.49 ? 72  PHE A CE2 1 
ATOM   545  C  CZ  . PHE A 1 72  ? 12.204  2.806   8.736   1.00 17.70 ? 72  PHE A CZ  1 
ATOM   546  N  N   . LEU A 1 73  ? 10.811  -2.352  3.497   1.00 14.91 ? 73  LEU A N   1 
ATOM   547  C  CA  . LEU A 1 73  ? 10.234  -3.511  2.935   1.00 18.15 ? 73  LEU A CA  1 
ATOM   548  C  C   . LEU A 1 73  ? 11.311  -4.503  2.671   1.00 18.58 ? 73  LEU A C   1 
ATOM   549  O  O   . LEU A 1 73  ? 12.370  -4.136  2.142   1.00 22.13 ? 73  LEU A O   1 
ATOM   550  C  CB  . LEU A 1 73  ? 9.514   -3.181  1.637   1.00 19.09 ? 73  LEU A CB  1 
ATOM   551  C  CG  . LEU A 1 73  ? 8.140   -2.611  1.812   1.00 18.63 ? 73  LEU A CG  1 
ATOM   552  C  CD1 . LEU A 1 73  ? 7.972   -1.796  0.535   1.00 23.70 ? 73  LEU A CD1 1 
ATOM   553  C  CD2 . LEU A 1 73  ? 7.101   -3.742  2.013   1.00 18.75 ? 73  LEU A CD2 1 
ATOM   554  N  N   . LYS A 1 74  ? 11.028  -5.767  2.952   1.00 19.52 ? 74  LYS A N   1 
ATOM   555  C  CA  . LYS A 1 74  ? 11.984  -6.819  2.570   1.00 22.49 ? 74  LYS A CA  1 
ATOM   556  C  C   . LYS A 1 74  ? 12.017  -6.896  1.050   1.00 22.43 ? 74  LYS A C   1 
ATOM   557  O  O   . LYS A 1 74  ? 11.006  -7.031  0.396   1.00 21.67 ? 74  LYS A O   1 
ATOM   558  C  CB  . LYS A 1 74  ? 11.624  -8.141  3.241   1.00 19.25 ? 74  LYS A CB  1 
ATOM   559  C  CG  . LYS A 1 74  ? 12.618  -9.307  3.193   1.00 20.33 ? 74  LYS A CG  1 
ATOM   560  C  CD  . LYS A 1 74  ? 11.926  -10.549 3.762   1.00 23.66 ? 74  LYS A CD  1 
ATOM   561  C  CE  . LYS A 1 74  ? 11.359  -11.369 2.627   1.00 26.28 ? 74  LYS A CE  1 
ATOM   562  N  NZ  . LYS A 1 74  ? 11.102  -12.767 3.074   1.00 33.18 ? 74  LYS A NZ  1 
ATOM   563  N  N   . PRO A 1 75  ? 13.242  -6.797  0.454   1.00 26.01 ? 75  PRO A N   1 
ATOM   564  C  CA  . PRO A 1 75  ? 13.277  -6.881  -0.999  1.00 25.91 ? 75  PRO A CA  1 
ATOM   565  C  C   . PRO A 1 75  ? 12.862  -8.262  -1.468  1.00 27.53 ? 75  PRO A C   1 
ATOM   566  O  O   . PRO A 1 75  ? 13.155  -9.260  -0.786  1.00 24.97 ? 75  PRO A O   1 
ATOM   567  C  CB  . PRO A 1 75  ? 14.756  -6.684  -1.350  1.00 27.86 ? 75  PRO A CB  1 
ATOM   568  C  CG  . PRO A 1 75  ? 15.435  -6.259  -0.097  1.00 24.54 ? 75  PRO A CG  1 
ATOM   569  C  CD  . PRO A 1 75  ? 14.539  -6.532  1.079   1.00 24.79 ? 75  PRO A CD  1 
ATOM   570  N  N   . ASP A 1 76  ? 12.197  -8.276  -2.610  1.00 28.94 ? 76  ASP A N   1 
ATOM   571  C  CA  . ASP A 1 76  ? 11.748  -9.497  -3.260  1.00 33.02 ? 76  ASP A CA  1 
ATOM   572  C  C   . ASP A 1 76  ? 10.856  -10.356 -2.367  1.00 34.73 ? 76  ASP A C   1 
ATOM   573  O  O   . ASP A 1 76  ? 10.886  -11.592 -2.451  1.00 33.77 ? 76  ASP A O   1 
ATOM   574  C  CB  . ASP A 1 76  ? 12.950  -10.285 -3.780  1.00 39.60 ? 76  ASP A CB  1 
ATOM   575  C  CG  . ASP A 1 76  ? 13.672  -9.549  -4.891  1.00 44.25 ? 76  ASP A CG  1 
ATOM   576  O  OD1 . ASP A 1 76  ? 12.981  -9.116  -5.841  1.00 45.08 ? 76  ASP A OD1 1 
ATOM   577  O  OD2 . ASP A 1 76  ? 14.912  -9.376  -4.786  1.00 48.41 ? 76  ASP A OD2 1 
ATOM   578  N  N   . ASP A 1 77  ? 10.074  -9.671  -1.512  1.00 29.02 ? 77  ASP A N   1 
ATOM   579  C  CA  . ASP A 1 77  ? 9.112   -10.310 -0.590  1.00 25.64 ? 77  ASP A CA  1 
ATOM   580  C  C   . ASP A 1 77  ? 7.962   -10.909 -1.419  1.00 25.07 ? 77  ASP A C   1 
ATOM   581  O  O   . ASP A 1 77  ? 7.135   -10.197 -2.003  1.00 24.66 ? 77  ASP A O   1 
ATOM   582  C  CB  . ASP A 1 77  ? 8.600   -9.276  0.407   1.00 27.08 ? 77  ASP A CB  1 
ATOM   583  C  CG  . ASP A 1 77  ? 7.776   -9.885  1.467   1.00 23.61 ? 77  ASP A CG  1 
ATOM   584  O  OD1 . ASP A 1 77  ? 7.219   -10.956 1.158   1.00 27.54 ? 77  ASP A OD1 1 
ATOM   585  O  OD2 . ASP A 1 77  ? 7.797   -9.386  2.618   1.00 23.18 ? 77  ASP A OD2 1 
ATOM   586  N  N   . SER A 1 78  ? 7.930   -12.239 -1.499  1.00 23.82 ? 78  SER A N   1 
ATOM   587  C  CA  . SER A 1 78  ? 6.903   -12.915 -2.320  1.00 24.16 ? 78  SER A CA  1 
ATOM   588  C  C   . SER A 1 78  ? 5.445   -12.797 -1.792  1.00 19.10 ? 78  SER A C   1 
ATOM   589  O  O   . SER A 1 78  ? 4.492   -13.037 -2.529  1.00 22.48 ? 78  SER A O   1 
ATOM   590  C  CB  . SER A 1 78  ? 7.242   -14.401 -2.561  1.00 26.85 ? 78  SER A CB  1 
ATOM   591  O  OG  . SER A 1 78  ? 7.297   -15.062 -1.307  1.00 31.65 ? 78  SER A OG  1 
ATOM   592  N  N   . ARG A 1 79  ? 5.298   -12.412 -0.524  1.00 19.63 ? 79  ARG A N   1 
ATOM   593  C  CA  . ARG A 1 79  ? 3.979   -12.125 0.052   1.00 18.70 ? 79  ARG A CA  1 
ATOM   594  C  C   . ARG A 1 79  ? 3.375   -10.841 -0.470  1.00 21.32 ? 79  ARG A C   1 
ATOM   595  O  O   . ARG A 1 79  ? 2.150   -10.593 -0.346  1.00 18.60 ? 79  ARG A O   1 
ATOM   596  C  CB  . ARG A 1 79  ? 4.078   -12.073 1.588   1.00 17.92 ? 79  ARG A CB  1 
ATOM   597  C  CG  . ARG A 1 79  ? 4.805   -13.274 2.230   1.00 19.01 ? 79  ARG A CG  1 
ATOM   598  C  CD  . ARG A 1 79  ? 5.126   -13.078 3.652   1.00 21.79 ? 79  ARG A CD  1 
ATOM   599  N  NE  . ARG A 1 79  ? 6.208   -12.108 3.809   1.00 20.94 ? 79  ARG A NE  1 
ATOM   600  C  CZ  . ARG A 1 79  ? 6.862   -11.900 4.937   1.00 22.85 ? 79  ARG A CZ  1 
ATOM   601  N  NH1 . ARG A 1 79  ? 6.595   -12.642 6.048   1.00 21.62 ? 79  ARG A NH1 1 
ATOM   602  N  NH2 . ARG A 1 79  ? 7.806   -10.975 4.955   1.00 25.95 ? 79  ARG A NH2 1 
ATOM   603  N  N   . VAL A 1 80  ? 4.239   -9.949  -0.940  1.00 15.73 ? 80  VAL A N   1 
ATOM   604  C  CA  . VAL A 1 80  ? 3.737   -8.658  -1.381  1.00 16.01 ? 80  VAL A CA  1 
ATOM   605  C  C   . VAL A 1 80  ? 3.162   -8.779  -2.786  1.00 17.66 ? 80  VAL A C   1 
ATOM   606  O  O   . VAL A 1 80  ? 3.903   -9.026  -3.767  1.00 21.07 ? 80  VAL A O   1 
ATOM   607  C  CB  . VAL A 1 80  ? 4.874   -7.645  -1.370  1.00 14.96 ? 80  VAL A CB  1 
ATOM   608  C  CG1 . VAL A 1 80  ? 4.443   -6.368  -2.043  1.00 16.08 ? 80  VAL A CG1 1 
ATOM   609  C  CG2 . VAL A 1 80  ? 5.365   -7.461  0.068   1.00 13.67 ? 80  VAL A CG2 1 
ATOM   610  N  N   . ILE A 1 81  ? 1.879   -8.499  -2.920  1.00 14.27 ? 81  ILE A N   1 
ATOM   611  C  CA  . ILE A 1 81  ? 1.195   -8.528  -4.225  1.00 13.71 ? 81  ILE A CA  1 
ATOM   612  C  C   . ILE A 1 81  ? 1.498   -7.285  -5.097  1.00 15.51 ? 81  ILE A C   1 
ATOM   613  O  O   . ILE A 1 81  ? 1.613   -7.338  -6.348  1.00 17.62 ? 81  ILE A O   1 
ATOM   614  C  CB  . ILE A 1 81  ? -0.353  -8.665  -4.058  1.00 14.46 ? 81  ILE A CB  1 
ATOM   615  C  CG1 . ILE A 1 81  ? -0.603  -9.950  -3.315  1.00 14.86 ? 81  ILE A CG1 1 
ATOM   616  C  CG2 . ILE A 1 81  ? -1.078  -8.449  -5.387  1.00 15.76 ? 81  ILE A CG2 1 
ATOM   617  C  CD1 . ILE A 1 81  ? -2.009  -10.038 -2.887  1.00 15.85 ? 81  ILE A CD1 1 
ATOM   618  N  N   . ALA A 1 82  ? 1.535   -6.136  -4.450  1.00 15.06 ? 82  ALA A N   1 
ATOM   619  C  CA  . ALA A 1 82  ? 1.886   -4.862  -5.092  1.00 16.52 ? 82  ALA A CA  1 
ATOM   620  C  C   . ALA A 1 82  ? 2.452   -3.925  -4.055  1.00 15.08 ? 82  ALA A C   1 
ATOM   621  O  O   . ALA A 1 82  ? 2.179   -3.986  -2.877  1.00 15.73 ? 82  ALA A O   1 
ATOM   622  C  CB  . ALA A 1 82  ? 0.645   -4.226  -5.743  1.00 16.54 ? 82  ALA A CB  1 
ATOM   623  N  N   . HIS A 1 83  ? 3.425   -3.111  -4.496  1.00 16.91 ? 83  HIS A N   1 
ATOM   624  C  CA  . HIS A 1 83  ? 4.005   -2.131  -3.577  1.00 16.57 ? 83  HIS A CA  1 
ATOM   625  C  C   . HIS A 1 83  ? 4.465   -0.920  -4.271  1.00 16.42 ? 83  HIS A C   1 
ATOM   626  O  O   . HIS A 1 83  ? 4.920   -0.983  -5.444  1.00 15.34 ? 83  HIS A O   1 
ATOM   627  C  CB  . HIS A 1 83  ? 5.126   -2.704  -2.637  1.00 19.15 ? 83  HIS A CB  1 
ATOM   628  C  CG  . HIS A 1 83  ? 6.464   -3.087  -3.302  1.00 25.79 ? 83  HIS A CG  1 
ATOM   629  N  ND1 . HIS A 1 83  ? 7.203   -2.226  -4.055  1.00 31.72 ? 83  HIS A ND1 1 
ATOM   630  C  CD2 . HIS A 1 83  ? 7.252   -4.245  -3.147  1.00 34.70 ? 83  HIS A CD2 1 
ATOM   631  C  CE1 . HIS A 1 83  ? 8.353   -2.840  -4.439  1.00 36.12 ? 83  HIS A CE1 1 
ATOM   632  N  NE2 . HIS A 1 83  ? 8.388   -4.061  -3.862  1.00 43.72 ? 83  HIS A NE2 1 
ATOM   633  N  N   . THR A 1 84  ? 4.390   0.225   -3.595  1.00 13.89 ? 84  THR A N   1 
ATOM   634  C  CA  . THR A 1 84  ? 5.067   1.395   -4.094  1.00 15.41 ? 84  THR A CA  1 
ATOM   635  C  C   . THR A 1 84  ? 6.341   1.710   -3.290  1.00 16.39 ? 84  THR A C   1 
ATOM   636  O  O   . THR A 1 84  ? 6.647   1.152   -2.176  1.00 16.58 ? 84  THR A O   1 
ATOM   637  C  CB  . THR A 1 84  ? 4.179   2.651   -3.931  1.00 13.19 ? 84  THR A CB  1 
ATOM   638  O  OG1 . THR A 1 84  ? 4.121   2.984   -2.521  1.00 12.09 ? 84  THR A OG1 1 
ATOM   639  C  CG2 . THR A 1 84  ? 2.752   2.431   -4.653  1.00 11.49 ? 84  THR A CG2 1 
ATOM   640  N  N   . LYS A 1 85  ? 7.087   2.690   -3.822  1.00 19.75 ? 85  LYS A N   1 
ATOM   641  C  CA  . LYS A 1 85  ? 8.066   3.396   -3.065  1.00 18.54 ? 85  LYS A CA  1 
ATOM   642  C  C   . LYS A 1 85  ? 7.567   3.990   -1.751  1.00 16.74 ? 85  LYS A C   1 
ATOM   643  O  O   . LYS A 1 85  ? 6.423   4.416   -1.618  1.00 13.24 ? 85  LYS A O   1 
ATOM   644  C  CB  . LYS A 1 85  ? 8.679   4.556   -3.889  1.00 20.50 ? 85  LYS A CB  1 
ATOM   645  C  CG  . LYS A 1 85  ? 9.368   4.202   -5.185  1.00 26.73 ? 85  LYS A CG  1 
ATOM   646  C  CD  . LYS A 1 85  ? 9.897   5.522   -5.752  1.00 31.01 ? 85  LYS A CD  1 
ATOM   647  C  CE  . LYS A 1 85  ? 11.056  6.048   -4.916  1.00 34.70 ? 85  LYS A CE  1 
ATOM   648  N  NZ  . LYS A 1 85  ? 12.065  4.954   -4.814  1.00 45.93 ? 85  LYS A NZ  1 
ATOM   649  N  N   . LEU A 1 86  ? 8.463   4.139   -0.819  1.00 14.71 ? 86  LEU A N   1 
ATOM   650  C  CA  . LEU A 1 86  ? 8.230   5.047   0.312   1.00 15.47 ? 86  LEU A CA  1 
ATOM   651  C  C   . LEU A 1 86  ? 8.376   6.519   -0.200  1.00 15.22 ? 86  LEU A C   1 
ATOM   652  O  O   . LEU A 1 86  ? 9.324   6.833   -0.975  1.00 21.89 ? 86  LEU A O   1 
ATOM   653  C  CB  . LEU A 1 86  ? 9.162   4.794   1.508   1.00 17.15 ? 86  LEU A CB  1 
ATOM   654  C  CG  . LEU A 1 86  ? 8.708   5.391   2.795   1.00 19.56 ? 86  LEU A CG  1 
ATOM   655  C  CD1 . LEU A 1 86  ? 7.746   4.444   3.486   1.00 20.46 ? 86  LEU A CD1 1 
ATOM   656  C  CD2 . LEU A 1 86  ? 9.909   5.711   3.742   1.00 18.34 ? 86  LEU A CD2 1 
ATOM   657  N  N   . ILE A 1 87  ? 7.402   7.307   0.183   1.00 16.50 ? 87  ILE A N   1 
ATOM   658  C  CA  . ILE A 1 87  ? 7.334   8.736   -0.138  1.00 14.72 ? 87  ILE A CA  1 
ATOM   659  C  C   . ILE A 1 87  ? 7.130   9.679   1.022   1.00 16.72 ? 87  ILE A C   1 
ATOM   660  O  O   . ILE A 1 87  ? 6.400   9.371   1.942   1.00 14.22 ? 87  ILE A O   1 
ATOM   661  C  CB  . ILE A 1 87  ? 6.202   9.004   -1.194  1.00 14.86 ? 87  ILE A CB  1 
ATOM   662  C  CG1 . ILE A 1 87  ? 4.763   8.877   -0.668  1.00 12.94 ? 87  ILE A CG1 1 
ATOM   663  C  CG2 . ILE A 1 87  ? 6.528   8.358   -2.461  1.00 12.07 ? 87  ILE A CG2 1 
ATOM   664  C  CD1 . ILE A 1 87  ? 3.785   9.213   -1.751  1.00 14.25 ? 87  ILE A CD1 1 
ATOM   665  N  N   . GLY A 1 88  ? 7.690   10.934  0.926   1.00 16.48 ? 88  GLY A N   1 
ATOM   666  C  CA  . GLY A 1 88  ? 7.301   12.005  1.896   1.00 18.62 ? 88  GLY A CA  1 
ATOM   667  C  C   . GLY A 1 88  ? 6.519   13.182  1.241   1.00 22.22 ? 88  GLY A C   1 
ATOM   668  O  O   . GLY A 1 88  ? 6.019   13.064  0.055   1.00 18.77 ? 88  GLY A O   1 
ATOM   669  N  N   . SER A 1 89  ? 6.357   14.295  1.964   1.00 21.73 ? 89  SER A N   1 
ATOM   670  C  CA  . SER A 1 89  ? 5.563   15.424  1.512   1.00 22.42 ? 89  SER A CA  1 
ATOM   671  C  C   . SER A 1 89  ? 5.823   15.769  0.066   1.00 22.74 ? 89  SER A C   1 
ATOM   672  O  O   . SER A 1 89  ? 6.981   15.806  -0.356  1.00 21.54 ? 89  SER A O   1 
ATOM   673  C  CB  . SER A 1 89  ? 5.789   16.655  2.410   1.00 24.66 ? 89  SER A CB  1 
ATOM   674  O  OG  . SER A 1 89  ? 4.880   17.705  2.072   1.00 26.88 ? 89  SER A OG  1 
ATOM   675  N  N   . GLY A 1 90  ? 4.716   15.903  -0.670  1.00 21.25 ? 90  GLY A N   1 
ATOM   676  C  CA  . GLY A 1 90  ? 4.716   16.319  -2.084  1.00 25.87 ? 90  GLY A CA  1 
ATOM   677  C  C   . GLY A 1 90  ? 5.355   15.386  -3.109  1.00 24.28 ? 90  GLY A C   1 
ATOM   678  O  O   . GLY A 1 90  ? 5.449   15.789  -4.294  1.00 26.71 ? 90  GLY A O   1 
ATOM   679  N  N   . GLU A 1 91  ? 5.850   14.194  -2.687  1.00 20.35 ? 91  GLU A N   1 
ATOM   680  C  CA  . GLU A 1 91  ? 6.327   13.132  -3.593  1.00 20.62 ? 91  GLU A CA  1 
ATOM   681  C  C   . GLU A 1 91  ? 5.138   12.248  -3.999  1.00 15.89 ? 91  GLU A C   1 
ATOM   682  O  O   . GLU A 1 91  ? 4.022   12.374  -3.458  1.00 14.58 ? 91  GLU A O   1 
ATOM   683  C  CB  . GLU A 1 91  ? 7.392   12.203  -2.937  1.00 24.34 ? 91  GLU A CB  1 
ATOM   684  C  CG  . GLU A 1 91  ? 8.771   12.797  -2.888  1.00 28.16 ? 91  GLU A CG  1 
ATOM   685  C  CD  . GLU A 1 91  ? 9.777   11.948  -2.105  1.00 36.17 ? 91  GLU A CD  1 
ATOM   686  O  OE1 . GLU A 1 91  ? 9.419   11.278  -1.108  1.00 32.09 ? 91  GLU A OE1 1 
ATOM   687  O  OE2 . GLU A 1 91  ? 10.976  12.015  -2.455  1.00 44.10 ? 91  GLU A OE2 1 
ATOM   688  N  N   . LYS A 1 92  ? 5.321   11.460  -5.037  1.00 16.19 ? 92  LYS A N   1 
ATOM   689  C  CA  . LYS A 1 92  ? 4.277   10.482  -5.468  1.00 15.20 ? 92  LYS A CA  1 
ATOM   690  C  C   . LYS A 1 92  ? 4.891   9.218   -6.097  1.00 14.26 ? 92  LYS A C   1 
ATOM   691  O  O   . LYS A 1 92  ? 6.056   9.157   -6.470  1.00 14.96 ? 92  LYS A O   1 
ATOM   692  C  CB  . LYS A 1 92  ? 3.301   11.142  -6.400  1.00 17.30 ? 92  LYS A CB  1 
ATOM   693  C  CG  . LYS A 1 92  ? 3.951   11.453  -7.725  1.00 19.00 ? 92  LYS A CG  1 
ATOM   694  C  CD  . LYS A 1 92  ? 3.030   12.214  -8.649  1.00 24.14 ? 92  LYS A CD  1 
ATOM   695  C  CE  . LYS A 1 92  ? 3.783   12.389  -9.961  1.00 26.04 ? 92  LYS A CE  1 
ATOM   696  N  NZ  . LYS A 1 92  ? 2.904   11.985  -11.102 1.00 37.14 ? 92  LYS A NZ  1 
ATOM   697  N  N   . ASP A 1 93  ? 4.111   8.173   -6.127  1.00 13.99 ? 93  ASP A N   1 
ATOM   698  C  CA  . ASP A 1 93  ? 4.559   6.980   -6.779  1.00 15.34 ? 93  ASP A CA  1 
ATOM   699  C  C   . ASP A 1 93  ? 3.347   6.165   -7.152  1.00 14.65 ? 93  ASP A C   1 
ATOM   700  O  O   . ASP A 1 93  ? 2.311   6.255   -6.506  1.00 13.90 ? 93  ASP A O   1 
ATOM   701  C  CB  . ASP A 1 93  ? 5.474   6.119   -5.893  1.00 17.62 ? 93  ASP A CB  1 
ATOM   702  C  CG  . ASP A 1 93  ? 6.187   5.048   -6.713  1.00 20.57 ? 93  ASP A CG  1 
ATOM   703  O  OD1 . ASP A 1 93  ? 6.489   5.347   -7.884  1.00 21.74 ? 93  ASP A OD1 1 
ATOM   704  O  OD2 . ASP A 1 93  ? 6.389   3.914   -6.228  1.00 23.45 ? 93  ASP A OD2 1 
ATOM   705  N  N   . SER A 1 94  ? 3.485   5.304   -8.164  1.00 14.05 ? 94  SER A N   1 
ATOM   706  C  CA  A SER A 1 94  ? 2.349   4.498   -8.656  0.86 13.72 ? 94  SER A CA  1 
ATOM   707  C  CA  B SER A 1 94  ? 2.346   4.528   -8.635  0.14 13.64 ? 94  SER A CA  1 
ATOM   708  C  C   . SER A 1 94  ? 2.714   3.046   -8.754  1.00 13.30 ? 94  SER A C   1 
ATOM   709  O  O   . SER A 1 94  ? 3.894   2.683   -8.906  1.00 16.83 ? 94  SER A O   1 
ATOM   710  C  CB  A SER A 1 94  ? 1.881   4.913   -10.039 0.86 14.47 ? 94  SER A CB  1 
ATOM   711  C  CB  B SER A 1 94  ? 1.832   5.108   -9.959  0.14 13.27 ? 94  SER A CB  1 
ATOM   712  O  OG  A SER A 1 94  ? 1.424   6.179   -10.038 0.86 15.58 ? 94  SER A OG  1 
ATOM   713  O  OG  B SER A 1 94  ? 0.437   4.909   -10.118 0.14 12.66 ? 94  SER A OG  1 
ATOM   714  N  N   . VAL A 1 95  ? 1.753   2.144   -8.615  1.00 12.22 ? 95  VAL A N   1 
ATOM   715  C  CA  . VAL A 1 95  ? 2.109   0.740   -8.873  1.00 12.06 ? 95  VAL A CA  1 
ATOM   716  C  C   . VAL A 1 95  ? 0.948   0.043   -9.608  1.00 13.39 ? 95  VAL A C   1 
ATOM   717  O  O   . VAL A 1 95  ? -0.228  0.363   -9.346  1.00 12.22 ? 95  VAL A O   1 
ATOM   718  C  CB  . VAL A 1 95  ? 2.397   -0.069  -7.610  1.00 10.69 ? 95  VAL A CB  1 
ATOM   719  C  CG1 . VAL A 1 95  ? 1.204   0.110   -6.623  1.00 11.79 ? 95  VAL A CG1 1 
ATOM   720  C  CG2 . VAL A 1 95  ? 2.697   -1.553  -7.925  1.00 14.00 ? 95  VAL A CG2 1 
ATOM   721  N  N   . THR A 1 96  ? 1.315   -0.779  -10.618 1.00 14.34 ? 96  THR A N   1 
ATOM   722  C  CA  . THR A 1 96  ? 0.287   -1.546  -11.379 1.00 15.83 ? 96  THR A CA  1 
ATOM   723  C  C   . THR A 1 96  ? 0.461   -3.035  -11.241 1.00 20.46 ? 96  THR A C   1 
ATOM   724  O  O   . THR A 1 96  ? 1.618   -3.557  -11.137 1.00 24.74 ? 96  THR A O   1 
ATOM   725  C  CB  . THR A 1 96  ? 0.377   -1.245  -12.877 1.00 14.24 ? 96  THR A CB  1 
ATOM   726  O  OG1 . THR A 1 96  ? 0.046   0.127   -13.085 1.00 16.12 ? 96  THR A OG1 1 
ATOM   727  C  CG2 . THR A 1 96  ? -0.733  -2.168  -13.643 1.00 17.46 ? 96  THR A CG2 1 
ATOM   728  N  N   . PHE A 1 97  ? -0.650  -3.758  -11.104 1.00 16.80 ? 97  PHE A N   1 
ATOM   729  C  CA  . PHE A 1 97  ? -0.489  -5.226  -10.770 1.00 17.56 ? 97  PHE A CA  1 
ATOM   730  C  C   . PHE A 1 97  ? -1.554  -5.993  -11.507 1.00 15.11 ? 97  PHE A C   1 
ATOM   731  O  O   . PHE A 1 97  ? -2.500  -5.378  -11.985 1.00 16.67 ? 97  PHE A O   1 
ATOM   732  C  CB  . PHE A 1 97  ? -0.528  -5.552  -9.248  1.00 19.96 ? 97  PHE A CB  1 
ATOM   733  C  CG  . PHE A 1 97  ? -1.844  -5.180  -8.563  1.00 18.65 ? 97  PHE A CG  1 
ATOM   734  C  CD1 . PHE A 1 97  ? -1.968  -3.949  -7.941  1.00 18.34 ? 97  PHE A CD1 1 
ATOM   735  C  CD2 . PHE A 1 97  ? -2.936  -6.084  -8.520  1.00 18.04 ? 97  PHE A CD2 1 
ATOM   736  C  CE1 . PHE A 1 97  ? -3.184  -3.573  -7.325  1.00 19.34 ? 97  PHE A CE1 1 
ATOM   737  C  CE2 . PHE A 1 97  ? -4.141  -5.741  -7.936  1.00 19.84 ? 97  PHE A CE2 1 
ATOM   738  C  CZ  . PHE A 1 97  ? -4.237  -4.492  -7.284  1.00 20.34 ? 97  PHE A CZ  1 
ATOM   739  N  N   . ASP A 1 98  ? -1.384  -7.303  -11.665 1.00 21.19 ? 98  ASP A N   1 
ATOM   740  C  CA  . ASP A 1 98  ? -2.426  -8.036  -12.434 1.00 23.18 ? 98  ASP A CA  1 
ATOM   741  C  C   . ASP A 1 98  ? -3.606  -8.358  -11.528 1.00 21.42 ? 98  ASP A C   1 
ATOM   742  O  O   . ASP A 1 98  ? -3.401  -8.916  -10.446 1.00 23.92 ? 98  ASP A O   1 
ATOM   743  C  CB  . ASP A 1 98  ? -1.873  -9.352  -13.003 1.00 27.35 ? 98  ASP A CB  1 
ATOM   744  C  CG  . ASP A 1 98  ? -0.926  -9.157  -14.222 1.00 27.51 ? 98  ASP A CG  1 
ATOM   745  O  OD1 . ASP A 1 98  ? -0.033  -10.015 -14.331 1.00 27.85 ? 98  ASP A OD1 1 
ATOM   746  O  OD2 . ASP A 1 98  ? -1.102  -8.217  -15.043 1.00 33.64 ? 98  ASP A OD2 1 
ATOM   747  N  N   . VAL A 1 99  ? -4.830  -8.058  -12.002 1.00 24.93 ? 99  VAL A N   1 
ATOM   748  C  CA  . VAL A 1 99  ? -6.068  -8.382  -11.224 1.00 24.40 ? 99  VAL A CA  1 
ATOM   749  C  C   . VAL A 1 99  ? -6.087  -9.942  -10.957 1.00 25.67 ? 99  VAL A C   1 
ATOM   750  O  O   . VAL A 1 99  ? -6.403  -10.459 -9.861  1.00 23.94 ? 99  VAL A O   1 
ATOM   751  C  CB  . VAL A 1 99  ? -7.301  -7.607  -11.871 1.00 23.06 ? 99  VAL A CB  1 
ATOM   752  C  CG1 . VAL A 1 99  ? -8.647  -7.877  -11.220 1.00 21.79 ? 99  VAL A CG1 1 
ATOM   753  C  CG2 . VAL A 1 99  ? -7.104  -6.075  -11.793 1.00 22.58 ? 99  VAL A CG2 1 
ATOM   754  N  N   . SER A 1 100 ? -5.562  -10.707 -11.911 1.00 23.67 ? 100 SER A N   1 
ATOM   755  C  CA  . SER A 1 100 ? -5.406  -12.165 -11.686 1.00 27.20 ? 100 SER A CA  1 
ATOM   756  C  C   . SER A 1 100 ? -4.702  -12.585 -10.393 1.00 28.20 ? 100 SER A C   1 
ATOM   757  O  O   . SER A 1 100 ? -4.970  -13.655 -9.848  1.00 32.10 ? 100 SER A O   1 
ATOM   758  C  CB  . SER A 1 100 ? -4.739  -12.811 -12.892 1.00 28.32 ? 100 SER A CB  1 
ATOM   759  O  OG  . SER A 1 100 ? -3.456  -12.207 -13.068 1.00 31.63 ? 100 SER A OG  1 
ATOM   760  N  N   . LYS A 1 101 ? -3.819  -11.739 -9.847  1.00 29.39 ? 101 LYS A N   1 
ATOM   761  C  CA  . LYS A 1 101 ? -3.133  -12.068 -8.597  1.00 24.90 ? 101 LYS A CA  1 
ATOM   762  C  C   . LYS A 1 101 ? -4.063  -12.041 -7.315  1.00 25.37 ? 101 LYS A C   1 
ATOM   763  O  O   . LYS A 1 101 ? -3.660  -12.512 -6.266  1.00 25.55 ? 101 LYS A O   1 
ATOM   764  C  CB  . LYS A 1 101 ? -1.940  -11.115 -8.420  1.00 31.01 ? 101 LYS A CB  1 
ATOM   765  C  CG  . LYS A 1 101 ? -0.794  -11.287 -9.397  1.00 36.20 ? 101 LYS A CG  1 
ATOM   766  C  CD  . LYS A 1 101 ? 0.274   -10.183 -9.247  1.00 37.52 ? 101 LYS A CD  1 
ATOM   767  C  CE  . LYS A 1 101 ? 0.793   -9.733  -10.646 1.00 40.09 ? 101 LYS A CE  1 
ATOM   768  N  NZ  . LYS A 1 101 ? 1.284   -8.302  -10.857 1.00 33.82 ? 101 LYS A NZ  1 
ATOM   769  N  N   . LEU A 1 102 ? -5.277  -11.511 -7.466  1.00 25.49 ? 102 LEU A N   1 
ATOM   770  C  CA  . LEU A 1 102 ? -6.332  -11.416 -6.427  1.00 27.95 ? 102 LEU A CA  1 
ATOM   771  C  C   . LEU A 1 102 ? -7.466  -12.455 -6.618  1.00 37.46 ? 102 LEU A C   1 
ATOM   772  O  O   . LEU A 1 102 ? -8.557  -12.319 -6.038  1.00 32.33 ? 102 LEU A O   1 
ATOM   773  C  CB  . LEU A 1 102 ? -6.997  -10.064 -6.516  1.00 25.91 ? 102 LEU A CB  1 
ATOM   774  C  CG  . LEU A 1 102 ? -5.998  -8.917  -6.419  1.00 24.09 ? 102 LEU A CG  1 
ATOM   775  C  CD1 . LEU A 1 102 ? -6.791  -7.624  -6.476  1.00 29.83 ? 102 LEU A CD1 1 
ATOM   776  C  CD2 . LEU A 1 102 ? -5.163  -9.120  -5.177  1.00 24.63 ? 102 LEU A CD2 1 
ATOM   777  N  N   . LYS A 1 103 ? -7.219  -13.465 -7.454  1.00 39.30 ? 103 LYS A N   1 
ATOM   778  C  CA  . LYS A 1 103 ? -8.264  -14.412 -7.872  1.00 41.61 ? 103 LYS A CA  1 
ATOM   779  C  C   . LYS A 1 103 ? -8.635  -15.395 -6.728  1.00 46.28 ? 103 LYS A C   1 
ATOM   780  O  O   . LYS A 1 103 ? -9.801  -15.822 -6.589  1.00 44.13 ? 103 LYS A O   1 
ATOM   781  C  CB  . LYS A 1 103 ? -7.782  -15.163 -9.141  1.00 42.51 ? 103 LYS A CB  1 
ATOM   782  C  CG  . LYS A 1 103 ? -8.845  -15.473 -10.203 1.00 43.26 ? 103 LYS A CG  1 
ATOM   783  C  CD  . LYS A 1 103 ? -8.309  -16.362 -11.344 1.00 42.66 ? 103 LYS A CD  1 
ATOM   784  C  CE  . LYS A 1 103 ? -8.457  -17.879 -11.081 1.00 36.67 ? 103 LYS A CE  1 
ATOM   785  N  NZ  . LYS A 1 103 ? -9.850  -18.392 -11.250 1.00 30.37 ? 103 LYS A NZ  1 
ATOM   786  N  N   . GLU A 1 104 ? -7.643  -15.668 -5.880  1.00 47.61 ? 104 GLU A N   1 
ATOM   787  C  CA  . GLU A 1 104 ? -7.607  -16.851 -5.037  1.00 57.50 ? 104 GLU A CA  1 
ATOM   788  C  C   . GLU A 1 104 ? -8.109  -16.614 -3.611  1.00 58.29 ? 104 GLU A C   1 
ATOM   789  O  O   . GLU A 1 104 ? -8.358  -17.581 -2.867  1.00 57.60 ? 104 GLU A O   1 
ATOM   790  C  CB  . GLU A 1 104 ? -6.154  -17.337 -4.981  1.00 72.96 ? 104 GLU A CB  1 
ATOM   791  C  CG  . GLU A 1 104 ? -5.930  -18.844 -4.820  1.00 83.22 ? 104 GLU A CG  1 
ATOM   792  C  CD  . GLU A 1 104 ? -4.467  -19.260 -5.067  1.00 89.56 ? 104 GLU A CD  1 
ATOM   793  O  OE1 . GLU A 1 104 ? -3.555  -18.398 -4.967  1.00 84.79 ? 104 GLU A OE1 1 
ATOM   794  O  OE2 . GLU A 1 104 ? -4.221  -20.454 -5.369  1.00 90.86 ? 104 GLU A OE2 1 
ATOM   795  N  N   . GLU A 1 105 ? -8.255  -15.343 -3.229  1.00 49.27 ? 105 GLU A N   1 
ATOM   796  C  CA  . GLU A 1 105 ? -8.503  -14.980 -1.810  1.00 46.46 ? 105 GLU A CA  1 
ATOM   797  C  C   . GLU A 1 105 ? -9.693  -13.991 -1.682  1.00 40.40 ? 105 GLU A C   1 
ATOM   798  O  O   . GLU A 1 105 ? -10.301 -13.619 -2.683  1.00 37.17 ? 105 GLU A O   1 
ATOM   799  C  CB  . GLU A 1 105 ? -7.153  -14.536 -1.162  1.00 51.57 ? 105 GLU A CB  1 
ATOM   800  C  CG  . GLU A 1 105 ? -7.127  -13.670 0.115   1.00 58.96 ? 105 GLU A CG  1 
ATOM   801  C  CD  . GLU A 1 105 ? -8.005  -14.182 1.249   1.00 66.00 ? 105 GLU A CD  1 
ATOM   802  O  OE1 . GLU A 1 105 ? -8.280  -15.407 1.305   1.00 72.98 ? 105 GLU A OE1 1 
ATOM   803  O  OE2 . GLU A 1 105 ? -8.437  -13.338 2.074   1.00 68.50 ? 105 GLU A OE2 1 
ATOM   804  N  N   . GLU A 1 106 ? -10.077 -13.588 -0.476  1.00 35.97 ? 106 GLU A N   1 
ATOM   805  C  CA  . GLU A 1 106 ? -11.239 -12.740 -0.387  1.00 32.99 ? 106 GLU A CA  1 
ATOM   806  C  C   . GLU A 1 106 ? -10.948 -11.339 0.041   1.00 26.28 ? 106 GLU A C   1 
ATOM   807  O  O   . GLU A 1 106 ? -11.291 -10.383 -0.654  1.00 20.25 ? 106 GLU A O   1 
ATOM   808  C  CB  . GLU A 1 106 ? -12.268 -13.296 0.612   1.00 37.91 ? 106 GLU A CB  1 
ATOM   809  C  CG  . GLU A 1 106 ? -13.143 -14.433 0.128   1.00 47.00 ? 106 GLU A CG  1 
ATOM   810  C  CD  . GLU A 1 106 ? -13.709 -15.214 1.310   1.00 53.36 ? 106 GLU A CD  1 
ATOM   811  O  OE1 . GLU A 1 106 ? -14.225 -14.586 2.299   1.00 56.06 ? 106 GLU A OE1 1 
ATOM   812  O  OE2 . GLU A 1 106 ? -13.614 -16.463 1.240   1.00 57.07 ? 106 GLU A OE2 1 
ATOM   813  N  N   . HIS A 1 107 ? -10.408 -11.227 1.262   1.00 25.72 ? 107 HIS A N   1 
ATOM   814  C  CA  . HIS A 1 107 ? -10.188 -9.941  1.864   1.00 22.72 ? 107 HIS A CA  1 
ATOM   815  C  C   . HIS A 1 107 ? -8.626  -9.818  1.814   1.00 23.13 ? 107 HIS A C   1 
ATOM   816  O  O   . HIS A 1 107 ? -7.855  -10.728 2.165   1.00 27.15 ? 107 HIS A O   1 
ATOM   817  C  CB  . HIS A 1 107 ? -10.881 -9.877  3.252   1.00 25.48 ? 107 HIS A CB  1 
ATOM   818  C  CG  . HIS A 1 107 ? -12.443 -10.129 3.228   1.00 25.72 ? 107 HIS A CG  1 
ATOM   819  N  ND1 . HIS A 1 107 ? -13.078 -10.981 4.071   1.00 23.33 ? 107 HIS A ND1 1 
ATOM   820  C  CD2 . HIS A 1 107 ? -13.456 -9.607  2.396   1.00 28.51 ? 107 HIS A CD2 1 
ATOM   821  C  CE1 . HIS A 1 107 ? -14.414 -10.988 3.816   1.00 27.14 ? 107 HIS A CE1 1 
ATOM   822  N  NE2 . HIS A 1 107 ? -14.649 -10.137 2.804   1.00 25.50 ? 107 HIS A NE2 1 
ATOM   823  N  N   . PHE A 1 108 ? -8.186  -8.801  1.128   1.00 18.58 ? 108 PHE A N   1 
ATOM   824  C  CA  . PHE A 1 108 ? -6.783  -8.432  1.183   1.00 15.84 ? 108 PHE A CA  1 
ATOM   825  C  C   . PHE A 1 108 ? -6.677  -7.186  2.036   1.00 13.81 ? 108 PHE A C   1 
ATOM   826  O  O   . PHE A 1 108 ? -7.615  -6.427  2.150   1.00 11.23 ? 108 PHE A O   1 
ATOM   827  C  CB  . PHE A 1 108 ? -6.284  -8.122  -0.221  1.00 16.40 ? 108 PHE A CB  1 
ATOM   828  C  CG  . PHE A 1 108 ? -6.471  -9.272  -1.177  1.00 16.23 ? 108 PHE A CG  1 
ATOM   829  C  CD1 . PHE A 1 108 ? -5.464  -10.202 -1.341  1.00 17.58 ? 108 PHE A CD1 1 
ATOM   830  C  CD2 . PHE A 1 108 ? -7.712  -9.473  -1.767  1.00 17.93 ? 108 PHE A CD2 1 
ATOM   831  C  CE1 . PHE A 1 108 ? -5.676  -11.315 -2.163  1.00 18.18 ? 108 PHE A CE1 1 
ATOM   832  C  CE2 . PHE A 1 108 ? -7.928  -10.543 -2.599  1.00 16.83 ? 108 PHE A CE2 1 
ATOM   833  C  CZ  . PHE A 1 108 ? -6.929  -11.478 -2.789  1.00 17.56 ? 108 PHE A CZ  1 
HETATM 834  N  N   . NIY A 1 109 ? -5.485  -6.964  2.577   1.00 13.23 ? 109 NIY A N   1 
HETATM 835  C  CA  . NIY A 1 109 ? -5.238  -5.720  3.338   1.00 12.55 ? 109 NIY A CA  1 
HETATM 836  C  C   . NIY A 1 109 ? -4.242  -4.865  2.522   1.00 9.95  ? 109 NIY A C   1 
HETATM 837  O  O   . NIY A 1 109 ? -3.251  -5.420  1.931   1.00 11.42 ? 109 NIY A O   1 
HETATM 838  C  CB  . NIY A 1 109 ? -4.588  -5.998  4.694   1.00 14.86 ? 109 NIY A CB  1 
HETATM 839  C  CG  . NIY A 1 109 ? -5.507  -6.546  5.749   1.00 22.06 ? 109 NIY A CG  1 
HETATM 840  C  CD1 . NIY A 1 109 ? -6.868  -6.459  5.621   1.00 30.34 ? 109 NIY A CD1 1 
HETATM 841  C  CD2 . NIY A 1 109 ? -4.920  -7.158  6.877   1.00 31.27 ? 109 NIY A CD2 1 
HETATM 842  C  CE1 . NIY A 1 109 ? -7.661  -7.008  6.626   1.00 40.47 ? 109 NIY A CE1 1 
HETATM 843  C  CE2 . NIY A 1 109 ? -5.688  -7.713  7.930   1.00 35.24 ? 109 NIY A CE2 1 
HETATM 844  C  CZ  . NIY A 1 109 ? -7.072  -7.648  7.832   1.00 39.26 ? 109 NIY A CZ  1 
HETATM 845  O  OH  . NIY A 1 109 ? -7.904  -8.161  8.788   1.00 37.35 ? 109 NIY A OH  1 
HETATM 846  N  NN  . NIY A 1 109 ? -9.030  -7.019  6.565   1.00 47.66 ? 109 NIY A NN  1 
HETATM 847  O  O1  . NIY A 1 109 ? -9.677  -7.339  5.346   1.00 59.16 ? 109 NIY A O1  1 
HETATM 848  O  O2  . NIY A 1 109 ? -9.620  -6.850  7.624   1.00 59.15 ? 109 NIY A O2  1 
ATOM   849  N  N   . PHE A 1 110 ? -4.508  -3.582  2.410   1.00 8.03  ? 110 PHE A N   1 
ATOM   850  C  CA  . PHE A 1 110 ? -3.468  -2.636  2.007   1.00 8.24  ? 110 PHE A CA  1 
ATOM   851  C  C   . PHE A 1 110 ? -2.995  -1.883  3.259   1.00 7.46  ? 110 PHE A C   1 
ATOM   852  O  O   . PHE A 1 110 ? -3.770  -1.712  4.210   1.00 7.80  ? 110 PHE A O   1 
ATOM   853  C  CB  . PHE A 1 110 ? -3.833  -1.727  0.887   1.00 8.64  ? 110 PHE A CB  1 
ATOM   854  C  CG  . PHE A 1 110 ? -4.948  -0.759  1.237   1.00 8.50  ? 110 PHE A CG  1 
ATOM   855  C  CD1 . PHE A 1 110 ? -6.282  -1.168  1.091   1.00 9.70  ? 110 PHE A CD1 1 
ATOM   856  C  CD2 . PHE A 1 110 ? -4.632  0.600   1.777   1.00 8.47  ? 110 PHE A CD2 1 
ATOM   857  C  CE1 . PHE A 1 110 ? -7.322  -0.230  1.392   1.00 9.02  ? 110 PHE A CE1 1 
ATOM   858  C  CE2 . PHE A 1 110 ? -5.692  1.478   2.054   1.00 8.62  ? 110 PHE A CE2 1 
ATOM   859  C  CZ  . PHE A 1 110 ? -7.003  1.029   1.910   1.00 9.13  ? 110 PHE A CZ  1 
ATOM   860  N  N   . PHE A 1 111 ? -1.730  -1.444  3.259   1.00 6.77  ? 111 PHE A N   1 
ATOM   861  C  CA  . PHE A 1 111 ? -1.173  -0.902  4.508   1.00 6.90  ? 111 PHE A CA  1 
ATOM   862  C  C   . PHE A 1 111 ? 0.160   -0.196  4.154   1.00 7.14  ? 111 PHE A C   1 
ATOM   863  O  O   . PHE A 1 111 ? 0.718   -0.380  3.046   1.00 7.22  ? 111 PHE A O   1 
ATOM   864  C  CB  . PHE A 1 111 ? -0.939  -2.045  5.571   1.00 7.40  ? 111 PHE A CB  1 
ATOM   865  C  CG  . PHE A 1 111 ? -0.202  -3.244  4.999   1.00 8.26  ? 111 PHE A CG  1 
ATOM   866  C  CD1 . PHE A 1 111 ? -0.951  -4.267  4.338   1.00 7.87  ? 111 PHE A CD1 1 
ATOM   867  C  CD2 . PHE A 1 111 ? 1.199   -3.304  5.017   1.00 8.83  ? 111 PHE A CD2 1 
ATOM   868  C  CE1 . PHE A 1 111 ? -0.291  -5.366  3.797   1.00 8.56  ? 111 PHE A CE1 1 
ATOM   869  C  CE2 . PHE A 1 111 ? 1.869   -4.424  4.495   1.00 8.40  ? 111 PHE A CE2 1 
ATOM   870  C  CZ  . PHE A 1 111 ? 1.127   -5.453  3.834   1.00 8.83  ? 111 PHE A CZ  1 
ATOM   871  N  N   . CYS A 1 112 ? 0.577   0.627   5.108   1.00 7.77  ? 112 CYS A N   1 
ATOM   872  C  CA  . CYS A 1 112 ? 1.918   1.260   5.039   1.00 7.94  ? 112 CYS A CA  1 
ATOM   873  C  C   . CYS A 1 112 ? 2.858   0.449   5.923   1.00 8.24  ? 112 CYS A C   1 
ATOM   874  O  O   . CYS A 1 112 ? 2.452   0.158   7.032   1.00 9.87  ? 112 CYS A O   1 
ATOM   875  C  CB  . CYS A 1 112 ? 1.785   2.724   5.454   1.00 8.96  ? 112 CYS A CB  1 
ATOM   876  S  SG  . CYS A 1 112 ? 3.414   3.514   5.531   1.00 11.76 ? 112 CYS A SG  1 
ATOM   877  N  N   . THR A 1 113 ? 4.110   0.249   5.473   1.00 6.96  ? 113 THR A N   1 
ATOM   878  C  CA  . THR A 1 113 ? 5.052   -0.484  6.343   1.00 8.17  ? 113 THR A CA  1 
ATOM   879  C  C   . THR A 1 113 ? 6.008   0.431   7.161   1.00 8.11  ? 113 THR A C   1 
ATOM   880  O  O   . THR A 1 113 ? 6.910   -0.092  7.851   1.00 8.51  ? 113 THR A O   1 
ATOM   881  C  CB  . THR A 1 113 ? 5.852   -1.552  5.588   1.00 8.73  ? 113 THR A CB  1 
ATOM   882  O  OG1 . THR A 1 113 ? 6.666   -0.887  4.614   1.00 8.65  ? 113 THR A OG1 1 
ATOM   883  C  CG2 . THR A 1 113 ? 5.001   -2.612  4.858   1.00 8.79  ? 113 THR A CG2 1 
ATOM   884  N  N   . PHE A 1 114 ? 5.932   1.775   6.997   1.00 8.16  ? 114 PHE A N   1 
ATOM   885  C  CA  . PHE A 1 114 ? 6.731   2.655   7.918   1.00 9.55  ? 114 PHE A CA  1 
ATOM   886  C  C   . PHE A 1 114 ? 6.450   2.239   9.342   1.00 9.33  ? 114 PHE A C   1 
ATOM   887  O  O   . PHE A 1 114 ? 5.293   2.038   9.738   1.00 9.35  ? 114 PHE A O   1 
ATOM   888  C  CB  . PHE A 1 114 ? 6.409   4.146   7.658   1.00 9.50  ? 114 PHE A CB  1 
ATOM   889  C  CG  . PHE A 1 114 ? 7.302   5.130   8.413   1.00 12.42 ? 114 PHE A CG  1 
ATOM   890  C  CD1 . PHE A 1 114 ? 7.098   5.377   9.802   1.00 12.91 ? 114 PHE A CD1 1 
ATOM   891  C  CD2 . PHE A 1 114 ? 8.242   5.795   7.697   1.00 14.58 ? 114 PHE A CD2 1 
ATOM   892  C  CE1 . PHE A 1 114 ? 7.903   6.278   10.504  1.00 15.14 ? 114 PHE A CE1 1 
ATOM   893  C  CE2 . PHE A 1 114 ? 9.123   6.686   8.422   1.00 14.17 ? 114 PHE A CE2 1 
ATOM   894  C  CZ  . PHE A 1 114 ? 8.906   6.931   9.783   1.00 15.49 ? 114 PHE A CZ  1 
ATOM   895  N  N   . PRO A 1 115 ? 7.497   2.024   10.188  1.00 9.39  ? 115 PRO A N   1 
ATOM   896  C  CA  . PRO A 1 115 ? 7.287   1.544   11.535  1.00 11.71 ? 115 PRO A CA  1 
ATOM   897  C  C   . PRO A 1 115 ? 6.151   2.297   12.241  1.00 10.13 ? 115 PRO A C   1 
ATOM   898  O  O   . PRO A 1 115 ? 6.120   3.550   12.336  1.00 10.87 ? 115 PRO A O   1 
ATOM   899  C  CB  . PRO A 1 115 ? 8.688   1.711   12.134  1.00 12.23 ? 115 PRO A CB  1 
ATOM   900  C  CG  . PRO A 1 115 ? 9.622   1.345   11.007  1.00 11.88 ? 115 PRO A CG  1 
ATOM   901  C  CD  . PRO A 1 115 ? 8.927   2.181   9.879   1.00 13.16 ? 115 PRO A CD  1 
ATOM   902  N  N   . GLY A 1 116 ? 5.169   1.528   12.746  1.00 8.98  ? 116 GLY A N   1 
ATOM   903  C  CA  . GLY A 1 116 ? 4.044   2.067   13.546  1.00 8.74  ? 116 GLY A CA  1 
ATOM   904  C  C   . GLY A 1 116 ? 2.795   2.392   12.715  1.00 9.61  ? 116 GLY A C   1 
ATOM   905  O  O   . GLY A 1 116 ? 1.706   2.322   13.276  1.00 10.35 ? 116 GLY A O   1 
ATOM   906  N  N   . HIS A 1 117 ? 3.001   2.747   11.437  1.00 9.32  ? 117 HIS A N   1 
ATOM   907  C  CA  . HIS A 1 117 ? 1.936   3.322   10.608  1.00 9.28  ? 117 HIS A CA  1 
ATOM   908  C  C   . HIS A 1 117 ? 0.719   2.488   10.481  1.00 9.58  ? 117 HIS A C   1 
ATOM   909  O  O   . HIS A 1 117 ? -0.452  3.017   10.525  1.00 8.41  ? 117 HIS A O   1 
ATOM   910  C  CB  . HIS A 1 117 ? 2.510   3.787   9.266   1.00 10.43 ? 117 HIS A CB  1 
ATOM   911  C  CG  . HIS A 1 117 ? 3.313   5.024   9.421   1.00 11.40 ? 117 HIS A CG  1 
ATOM   912  N  ND1 . HIS A 1 117 ? 3.578   5.836   8.377   1.00 13.26 ? 117 HIS A ND1 1 
ATOM   913  C  CD2 . HIS A 1 117 ? 3.787   5.683   10.591  1.00 11.44 ? 117 HIS A CD2 1 
ATOM   914  C  CE1 . HIS A 1 117 ? 4.310   6.885   8.819   1.00 12.88 ? 117 HIS A CE1 1 
ATOM   915  N  NE2 . HIS A 1 117 ? 4.427   6.809   10.172  1.00 14.90 ? 117 HIS A NE2 1 
ATOM   916  N  N   . SER A 1 118 ? 0.974   1.176   10.505  1.00 9.89  ? 118 SER A N   1 
ATOM   917  C  CA  . SER A 1 118 ? -0.142  0.268   10.178  1.00 11.02 ? 118 SER A CA  1 
ATOM   918  C  C   . SER A 1 118 ? -1.115  0.185   11.323  1.00 10.86 ? 118 SER A C   1 
ATOM   919  O  O   . SER A 1 118 ? -2.170  -0.428  11.160  1.00 11.71 ? 118 SER A O   1 
ATOM   920  C  CB  . SER A 1 118 ? 0.352   -1.145  9.789   1.00 11.15 ? 118 SER A CB  1 
ATOM   921  O  OG  . SER A 1 118 ? 1.036   -1.732  10.861  1.00 13.00 ? 118 SER A OG  1 
ATOM   922  N  N   . ALA A 1 119 ? -0.839  0.834   12.480  1.00 10.55 ? 119 ALA A N   1 
ATOM   923  C  CA  . ALA A 1 119 ? -1.896  1.023   13.483  1.00 10.56 ? 119 ALA A CA  1 
ATOM   924  C  C   . ALA A 1 119 ? -3.170  1.672   12.891  1.00 10.10 ? 119 ALA A C   1 
ATOM   925  O  O   . ALA A 1 119 ? -4.285  1.345   13.329  1.00 11.19 ? 119 ALA A O   1 
ATOM   926  C  CB  . ALA A 1 119 ? -1.416  1.856   14.680  1.00 14.24 ? 119 ALA A CB  1 
ATOM   927  N  N   . LEU A 1 120 ? -2.980  2.675   12.057  1.00 10.72 ? 120 LEU A N   1 
ATOM   928  C  CA  . LEU A 1 120 ? -4.112  3.403   11.343  1.00 9.51  ? 120 LEU A CA  1 
ATOM   929  C  C   . LEU A 1 120 ? -4.081  3.122   9.865   1.00 10.36 ? 120 LEU A C   1 
ATOM   930  O  O   . LEU A 1 120 ? -5.121  3.224   9.229   1.00 10.46 ? 120 LEU A O   1 
ATOM   931  C  CB  . LEU A 1 120 ? -4.057  4.964   11.552  1.00 9.42  ? 120 LEU A CB  1 
ATOM   932  C  CG  . LEU A 1 120 ? -4.019  5.461   12.986  1.00 11.45 ? 120 LEU A CG  1 
ATOM   933  C  CD1 . LEU A 1 120 ? -4.093  7.026   12.882  1.00 10.16 ? 120 LEU A CD1 1 
ATOM   934  C  CD2 . LEU A 1 120 ? -5.240  4.899   13.679  1.00 11.12 ? 120 LEU A CD2 1 
ATOM   935  N  N   . MET A 1 121 ? -2.913  2.858   9.310   1.00 9.21  ? 121 MET A N   1 
ATOM   936  C  CA  . MET A 1 121 ? -2.794  2.811   7.836   1.00 9.67  ? 121 MET A CA  1 
ATOM   937  C  C   . MET A 1 121 ? -2.914  1.362   7.429   1.00 9.26  ? 121 MET A C   1 
ATOM   938  O  O   . MET A 1 121 ? -1.940  0.694   7.007   1.00 9.27  ? 121 MET A O   1 
ATOM   939  C  CB  . MET A 1 121 ? -1.517  3.476   7.366   1.00 8.70  ? 121 MET A CB  1 
ATOM   940  C  CG  . MET A 1 121 ? -1.335  4.910   7.771   1.00 8.90  ? 121 MET A CG  1 
ATOM   941  S  SD  . MET A 1 121 ? -0.042  5.886   7.158   1.00 9.36  ? 121 MET A SD  1 
ATOM   942  C  CE  . MET A 1 121 ? -0.585  5.966   5.437   1.00 8.87  ? 121 MET A CE  1 
ATOM   943  N  N   . LYS A 1 122 ? -4.183  0.900   7.471   1.00 9.23  ? 122 LYS A N   1 
ATOM   944  C  CA  . LYS A 1 122 ? -4.629  -0.463  7.158   1.00 11.46 ? 122 LYS A CA  1 
ATOM   945  C  C   . LYS A 1 122 ? -6.013  -0.341  6.617   1.00 11.70 ? 122 LYS A C   1 
ATOM   946  O  O   . LYS A 1 122 ? -6.825  0.386   7.196   1.00 13.70 ? 122 LYS A O   1 
ATOM   947  C  CB  . LYS A 1 122 ? -4.578  -1.357  8.377   1.00 12.39 ? 122 LYS A CB  1 
ATOM   948  C  CG  . LYS A 1 122 ? -5.063  -2.792  8.046   1.00 15.78 ? 122 LYS A CG  1 
ATOM   949  C  CD  . LYS A 1 122 ? -4.649  -3.718  9.160   1.00 22.09 ? 122 LYS A CD  1 
ATOM   950  C  CE  . LYS A 1 122 ? -5.540  -3.823  10.376  1.00 25.20 ? 122 LYS A CE  1 
ATOM   951  N  NZ  . LYS A 1 122 ? -5.613  -5.231  10.933  1.00 30.14 ? 122 LYS A NZ  1 
ATOM   952  N  N   . GLY A 1 123 ? -6.241  -0.935  5.439   1.00 9.53  ? 123 GLY A N   1 
ATOM   953  C  CA  . GLY A 1 123 ? -7.560  -0.888  4.800   1.00 10.80 ? 123 GLY A CA  1 
ATOM   954  C  C   . GLY A 1 123 ? -7.810  -2.218  4.099   1.00 10.30 ? 123 GLY A C   1 
ATOM   955  O  O   . GLY A 1 123 ? -6.924  -3.080  4.000   1.00 8.44  ? 123 GLY A O   1 
ATOM   956  N  N   . THR A 1 124 ? -9.053  -2.389  3.630   1.00 10.97 ? 124 THR A N   1 
ATOM   957  C  CA  A THR A 1 124 ? -9.475  -3.610  2.958   0.35 11.16 ? 124 THR A CA  1 
ATOM   958  C  CA  B THR A 1 124 ? -9.383  -3.629  2.933   0.65 11.11 ? 124 THR A CA  1 
ATOM   959  C  C   . THR A 1 124 ? -9.529  -3.376  1.456   1.00 10.11 ? 124 THR A C   1 
ATOM   960  O  O   . THR A 1 124 ? -10.048 -2.370  1.044   1.00 11.91 ? 124 THR A O   1 
ATOM   961  C  CB  A THR A 1 124 ? -10.888 -3.971  3.447   0.35 12.37 ? 124 THR A CB  1 
ATOM   962  C  CB  B THR A 1 124 ? -10.682 -4.181  3.500   0.65 12.86 ? 124 THR A CB  1 
ATOM   963  O  OG1 A THR A 1 124 ? -10.788 -4.714  4.680   0.35 13.24 ? 124 THR A OG1 1 
ATOM   964  O  OG1 B THR A 1 124 ? -10.548 -4.263  4.925   0.65 13.13 ? 124 THR A OG1 1 
ATOM   965  C  CG2 A THR A 1 124 ? -11.600 -4.798  2.406   0.35 11.70 ? 124 THR A CG2 1 
ATOM   966  C  CG2 B THR A 1 124 ? -11.024 -5.530  2.936   0.65 12.04 ? 124 THR A CG2 1 
ATOM   967  N  N   . LEU A 1 125 ? -9.012  -4.296  0.680   1.00 10.34 ? 125 LEU A N   1 
ATOM   968  C  CA  . LEU A 1 125 ? -9.142  -4.241  -0.775  1.00 11.89 ? 125 LEU A CA  1 
ATOM   969  C  C   . LEU A 1 125 ? -9.852  -5.522  -1.164  1.00 11.80 ? 125 LEU A C   1 
ATOM   970  O  O   . LEU A 1 125 ? -9.487  -6.625  -0.699  1.00 13.14 ? 125 LEU A O   1 
ATOM   971  C  CB  . LEU A 1 125 ? -7.710  -4.196  -1.448  1.00 11.59 ? 125 LEU A CB  1 
ATOM   972  C  CG  . LEU A 1 125 ? -7.866  -3.994  -3.016  1.00 12.22 ? 125 LEU A CG  1 
ATOM   973  C  CD1 . LEU A 1 125 ? -6.824  -3.109  -3.662  1.00 13.52 ? 125 LEU A CD1 1 
ATOM   974  C  CD2 . LEU A 1 125 ? -7.862  -5.418  -3.601  1.00 12.83 ? 125 LEU A CD2 1 
ATOM   975  N  N   . THR A 1 126 ? -10.898 -5.342  -1.970  1.00 12.04 ? 126 THR A N   1 
ATOM   976  C  CA  . THR A 1 126 ? -11.641 -6.536  -2.488  1.00 14.36 ? 126 THR A CA  1 
ATOM   977  C  C   . THR A 1 126 ? -11.929 -6.487  -3.993  1.00 14.38 ? 126 THR A C   1 
ATOM   978  O  O   . THR A 1 126 ? -12.105 -5.405  -4.506  1.00 15.78 ? 126 THR A O   1 
ATOM   979  C  CB  . THR A 1 126 ? -13.001 -6.668  -1.798  1.00 13.55 ? 126 THR A CB  1 
ATOM   980  O  OG1 . THR A 1 126 ? -13.719 -5.420  -1.897  1.00 18.37 ? 126 THR A OG1 1 
ATOM   981  C  CG2 . THR A 1 126 ? -12.741 -7.018  -0.260  1.00 14.03 ? 126 THR A CG2 1 
ATOM   982  N  N   . LEU A 1 127 ? -12.163 -7.673  -4.581  1.00 18.63 ? 127 LEU A N   1 
ATOM   983  C  CA  . LEU A 1 127 ? -12.536 -7.798  -6.010  1.00 21.62 ? 127 LEU A CA  1 
ATOM   984  C  C   . LEU A 1 127 ? -14.031 -7.750  -6.026  1.00 25.00 ? 127 LEU A C   1 
ATOM   985  O  O   . LEU A 1 127 ? -14.629 -8.513  -5.296  1.00 32.79 ? 127 LEU A O   1 
ATOM   986  C  CB  . LEU A 1 127 ? -12.037 -9.187  -6.456  1.00 26.86 ? 127 LEU A CB  1 
ATOM   987  C  CG  . LEU A 1 127 ? -11.648 -9.557  -7.868  1.00 28.58 ? 127 LEU A CG  1 
ATOM   988  C  CD1 . LEU A 1 127 ? -10.745 -8.490  -8.468  1.00 28.60 ? 127 LEU A CD1 1 
ATOM   989  C  CD2 . LEU A 1 127 ? -10.967 -10.928 -7.779  1.00 27.68 ? 127 LEU A CD2 1 
ATOM   990  N  N   . LYS A 1 128 ? -14.652 -6.803  -6.731  1.00 27.85 ? 128 LYS A N   1 
ATOM   991  C  CA  . LYS A 1 128 ? -16.091 -6.868  -7.002  1.00 33.88 ? 128 LYS A CA  1 
ATOM   992  C  C   . LYS A 1 128 ? -16.415 -6.897  -8.519  1.00 39.21 ? 128 LYS A C   1 
ATOM   993  O  O   . LYS A 1 128 ? -15.906 -6.110  -9.332  1.00 39.49 ? 128 LYS A O   1 
ATOM   994  C  CB  . LYS A 1 128 ? -16.872 -5.758  -6.288  1.00 39.34 ? 128 LYS A CB  1 
ATOM   995  C  CG  . LYS A 1 128 ? -16.932 -5.899  -4.753  1.00 46.86 ? 128 LYS A CG  1 
ATOM   996  C  CD  . LYS A 1 128 ? -18.119 -6.759  -4.273  1.00 51.13 ? 128 LYS A CD  1 
ATOM   997  C  CE  . LYS A 1 128 ? -17.886 -7.371  -2.885  1.00 49.74 ? 128 LYS A CE  1 
ATOM   998  N  NZ  . LYS A 1 128 ? -16.772 -8.369  -2.816  1.00 49.13 ? 128 LYS A NZ  1 
ATOM   999  O  OXT . LYS A 1 128 ? -17.215 -7.736  -8.976  1.00 40.44 ? 128 LYS A OXT 1 
HETATM 1000 CU CU  . CU  B 2 .   ? 3.073   5.560   6.468   1.00 11.10 ? 201 CU  A CU  1 
HETATM 1001 RU RU  A DRU C 3 .   ? -16.475 -9.936  1.881   0.50 11.12 ? 202 DRU A RU  1 
HETATM 1002 N  N2  A DRU C 3 .   ? -16.754 -11.711 2.134   0.50 15.45 ? 202 DRU A N2  1 
HETATM 1003 C  C3  A DRU C 3 .   ? -16.459 -12.636 1.164   0.50 14.10 ? 202 DRU A C3  1 
HETATM 1004 C  C4  A DRU C 3 .   ? -16.707 -13.976 1.369   0.50 15.31 ? 202 DRU A C4  1 
HETATM 1005 C  C5  A DRU C 3 .   ? -17.330 -14.366 2.568   0.50 15.92 ? 202 DRU A C5  1 
HETATM 1006 C  C6  A DRU C 3 .   ? -17.614 -13.375 3.507   0.50 15.17 ? 202 DRU A C6  1 
HETATM 1007 C  C7  A DRU C 3 .   ? -17.367 -12.007 3.249   0.50 15.61 ? 202 DRU A C7  1 
HETATM 1008 C  C8  A DRU C 3 .   ? -17.567 -10.735 4.091   0.50 17.53 ? 202 DRU A C8  1 
HETATM 1009 C  C9  A DRU C 3 .   ? -18.155 -10.606 5.368   0.50 18.84 ? 202 DRU A C9  1 
HETATM 1010 C  C10 A DRU C 3 .   ? -18.265 -9.336  5.941   0.50 20.48 ? 202 DRU A C10 1 
HETATM 1011 C  C11 A DRU C 3 .   ? -17.813 -8.226  5.293   0.50 19.56 ? 202 DRU A C11 1 
HETATM 1012 C  C12 A DRU C 3 .   ? -17.253 -8.372  4.044   0.50 16.80 ? 202 DRU A C12 1 
HETATM 1013 N  N13 A DRU C 3 .   ? -17.141 -9.568  3.517   0.50 15.89 ? 202 DRU A N13 1 
HETATM 1014 N  N26 A DRU C 3 .   ? -18.086 -9.634  1.075   0.50 16.65 ? 202 DRU A N26 1 
HETATM 1015 C  C27 A DRU C 3 .   ? -18.952 -10.588 0.832   0.50 18.71 ? 202 DRU A C27 1 
HETATM 1016 C  C28 A DRU C 3 .   ? -20.159 -10.285 0.186   0.50 19.36 ? 202 DRU A C28 1 
HETATM 1017 C  C29 A DRU C 3 .   ? -20.440 -8.987  -0.232  0.50 18.20 ? 202 DRU A C29 1 
HETATM 1018 C  C30 A DRU C 3 .   ? -19.497 -7.977  0.022   0.50 19.47 ? 202 DRU A C30 1 
HETATM 1019 C  C31 A DRU C 3 .   ? -18.330 -8.354  0.712   0.50 17.64 ? 202 DRU A C31 1 
HETATM 1020 C  C32 A DRU C 3 .   ? -17.193 -7.475  1.071   0.50 16.19 ? 202 DRU A C32 1 
HETATM 1021 C  C33 A DRU C 3 .   ? -17.165 -6.108  0.753   0.50 17.78 ? 202 DRU A C33 1 
HETATM 1022 C  C34 A DRU C 3 .   ? -16.086 -5.379  1.173   0.50 15.50 ? 202 DRU A C34 1 
HETATM 1023 C  C35 A DRU C 3 .   ? -15.087 -6.023  1.841   0.50 15.36 ? 202 DRU A C35 1 
HETATM 1024 C  C36 A DRU C 3 .   ? -15.157 -7.391  2.124   0.50 16.04 ? 202 DRU A C36 1 
HETATM 1025 N  N37 A DRU C 3 .   ? -16.175 -8.127  1.663   0.50 14.74 ? 202 DRU A N37 1 
HETATM 1026 C  CG  A DRU C 3 .   ? -14.812 -9.881  -0.632  0.50 13.71 ? 202 DRU A CG  1 
HETATM 1027 C  CD2 A DRU C 3 .   ? -14.393 -10.929 -1.452  0.50 16.20 ? 202 DRU A CD2 1 
HETATM 1028 N  ND1 A DRU C 3 .   ? -15.788 -10.489 0.256   0.50 14.03 ? 202 DRU A ND1 1 
HETATM 1029 C  CE1 A DRU C 3 .   ? -15.772 -11.945 0.010   0.50 13.62 ? 202 DRU A CE1 1 
HETATM 1030 N  NE2 A DRU C 3 .   ? -14.956 -12.140 -1.079  0.50 18.72 ? 202 DRU A NE2 1 
HETATM 1031 O  O   . HOH D 4 .   ? -6.349  2.818   5.467   1.00 10.88 ? 301 HOH A O   1 
HETATM 1032 O  O   . HOH D 4 .   ? 3.517   -0.048  9.610   1.00 11.93 ? 302 HOH A O   1 
HETATM 1033 O  O   . HOH D 4 .   ? -5.635  5.017   7.064   1.00 14.37 ? 303 HOH A O   1 
HETATM 1034 O  O   . HOH D 4 .   ? -12.888 -3.269  0.246   1.00 19.33 ? 304 HOH A O   1 
HETATM 1035 O  O   . HOH D 4 .   ? -11.573 -10.037 -3.193  1.00 19.11 ? 305 HOH A O   1 
HETATM 1036 O  O   . HOH D 4 .   ? -2.879  10.399  -5.127  1.00 18.04 ? 306 HOH A O   1 
HETATM 1037 O  O   . HOH D 4 .   ? 7.200   -1.921  9.888   1.00 14.31 ? 307 HOH A O   1 
HETATM 1038 O  O   . HOH D 4 .   ? 8.508   -6.988  3.964   1.00 17.82 ? 308 HOH A O   1 
HETATM 1039 O  O   . HOH D 4 .   ? 0.831   8.979   -7.769  1.00 21.16 ? 309 HOH A O   1 
HETATM 1040 O  O   . HOH D 4 .   ? -7.862  3.360   9.711   1.00 21.61 ? 310 HOH A O   1 
HETATM 1041 O  O   . HOH D 4 .   ? 10.648  13.883  2.217   1.00 25.21 ? 311 HOH A O   1 
HETATM 1042 O  O   . HOH D 4 .   ? -1.352  -10.518 9.322   1.00 18.34 ? 312 HOH A O   1 
HETATM 1043 O  O   . HOH D 4 .   ? -9.350  7.150   -2.999  1.00 23.88 ? 313 HOH A O   1 
HETATM 1044 O  O   . HOH D 4 .   ? -11.327 9.681   0.895   1.00 17.74 ? 314 HOH A O   1 
HETATM 1045 O  O   . HOH D 4 .   ? -4.766  0.137   -14.563 1.00 24.90 ? 315 HOH A O   1 
HETATM 1046 O  O   . HOH D 4 .   ? 8.994   15.993  1.708   1.00 28.17 ? 316 HOH A O   1 
HETATM 1047 O  O   . HOH D 4 .   ? 2.091   14.403  -3.351  1.00 25.17 ? 317 HOH A O   1 
HETATM 1048 O  O   . HOH D 4 .   ? -4.469  10.740  3.799   1.00 26.71 ? 318 HOH A O   1 
HETATM 1049 O  O   . HOH D 4 .   ? 4.796   -4.291  -6.876  1.00 24.44 ? 319 HOH A O   1 
HETATM 1050 O  O   . HOH D 4 .   ? -17.210 -6.532  -13.566 1.00 29.53 ? 320 HOH A O   1 
HETATM 1051 O  O   . HOH D 4 .   ? 1.748   17.159  -1.874  1.00 36.40 ? 321 HOH A O   1 
HETATM 1052 O  O   . HOH D 4 .   ? 2.689   8.490   -9.532  1.00 31.38 ? 322 HOH A O   1 
HETATM 1053 O  O   . HOH D 4 .   ? -12.391 1.807   -4.385  1.00 26.76 ? 323 HOH A O   1 
HETATM 1054 O  O   . HOH D 4 .   ? -6.123  12.685  2.792   1.00 29.55 ? 324 HOH A O   1 
HETATM 1055 O  O   . HOH D 4 .   ? -9.434  7.530   -7.000  1.00 23.06 ? 325 HOH A O   1 
HETATM 1056 O  O   . HOH D 4 .   ? -5.305  -1.138  -16.811 1.00 29.48 ? 326 HOH A O   1 
HETATM 1057 O  O   . HOH D 4 .   ? 0.054   -12.100 0.224   1.00 20.18 ? 327 HOH A O   1 
HETATM 1058 O  O   . HOH D 4 .   ? 2.801   -1.517  12.715  1.00 22.33 ? 328 HOH A O   1 
HETATM 1059 O  O   . HOH D 4 .   ? 5.513   -1.292  12.006  1.00 26.80 ? 329 HOH A O   1 
HETATM 1060 O  O   . HOH D 4 .   ? 17.900  -0.021  4.957   1.00 27.82 ? 330 HOH A O   1 
HETATM 1061 O  O   . HOH D 4 .   ? 18.599  -4.070  5.864   1.00 33.32 ? 331 HOH A O   1 
HETATM 1062 O  O   . HOH D 4 .   ? -0.781  -12.648 10.468  0.50 37.01 ? 332 HOH A O   1 
HETATM 1063 O  O   . HOH D 4 .   ? 2.580   -7.734  -8.502  1.00 29.50 ? 333 HOH A O   1 
HETATM 1064 O  O   . HOH D 4 .   ? 12.704  -3.288  -0.355  1.00 24.14 ? 334 HOH A O   1 
HETATM 1065 O  O   . HOH D 4 .   ? -0.313  -13.408 -2.113  1.00 27.36 ? 335 HOH A O   1 
HETATM 1066 O  O   . HOH D 4 .   ? -0.193  13.382  -7.389  1.00 30.25 ? 336 HOH A O   1 
HETATM 1067 O  O   . HOH D 4 .   ? 1.991   2.116   -12.298 1.00 23.78 ? 337 HOH A O   1 
HETATM 1068 O  O   . HOH D 4 .   ? -11.835 -0.680  -10.305 1.00 28.98 ? 338 HOH A O   1 
HETATM 1069 O  O   . HOH D 4 .   ? 2.319   14.705  -5.774  1.00 35.57 ? 339 HOH A O   1 
HETATM 1070 O  O   . HOH D 4 .   ? 2.122   -15.655 0.791   1.00 31.96 ? 340 HOH A O   1 
HETATM 1071 O  O   . HOH D 4 .   ? -7.503  11.643  7.427   1.00 30.93 ? 341 HOH A O   1 
HETATM 1072 O  O   . HOH D 4 .   ? 13.667  5.123   1.340   1.00 36.07 ? 342 HOH A O   1 
HETATM 1073 O  O   . HOH D 4 .   ? -5.514  -14.389 4.419   1.00 30.68 ? 343 HOH A O   1 
HETATM 1074 O  O   . HOH D 4 .   ? -0.738  10.934  -7.738  1.00 33.57 ? 344 HOH A O   1 
HETATM 1075 O  O   . HOH D 4 .   ? 5.405   8.844   -10.239 1.00 27.54 ? 345 HOH A O   1 
HETATM 1076 O  O   . HOH D 4 .   ? 16.341  2.658   9.010   1.00 22.92 ? 346 HOH A O   1 
HETATM 1077 O  O   . HOH D 4 .   ? 2.232   12.057  -13.775 1.00 37.87 ? 347 HOH A O   1 
HETATM 1078 O  O   . HOH D 4 .   ? 8.773   -13.594 1.882   1.00 31.37 ? 348 HOH A O   1 
HETATM 1079 O  O   . HOH D 4 .   ? 2.181   -12.763 8.189   1.00 31.00 ? 349 HOH A O   1 
HETATM 1080 O  O   . HOH D 4 .   ? 1.589   -10.179 -16.536 1.00 38.59 ? 350 HOH A O   1 
HETATM 1081 O  O   . HOH D 4 .   ? 0.236   -6.401  10.604  1.00 43.25 ? 351 HOH A O   1 
HETATM 1082 O  O   . HOH D 4 .   ? -3.839  5.721   -13.363 1.00 34.25 ? 352 HOH A O   1 
HETATM 1083 O  O   . HOH D 4 .   ? -2.046  14.353  -3.029  1.00 27.51 ? 353 HOH A O   1 
HETATM 1084 O  O   . HOH D 4 .   ? -6.584  -3.496  -17.352 1.00 42.63 ? 354 HOH A O   1 
HETATM 1085 O  O   . HOH D 4 .   ? 0.192   19.352  9.123   1.00 32.21 ? 355 HOH A O   1 
HETATM 1086 O  O   . HOH D 4 .   ? 17.638  3.775   -0.767  1.00 26.08 ? 356 HOH A O   1 
HETATM 1087 O  O   . HOH D 4 .   ? 6.814   6.055   13.462  1.00 12.61 ? 357 HOH A O   1 
HETATM 1088 O  O   . HOH D 4 .   ? -10.959 1.430   -6.580  1.00 25.30 ? 358 HOH A O   1 
HETATM 1089 O  O   . HOH D 4 .   ? 1.151   4.375   -13.778 1.00 36.62 ? 359 HOH A O   1 
HETATM 1090 O  O   . HOH D 4 .   ? -14.585 1.280   -18.607 1.00 39.67 ? 360 HOH A O   1 
HETATM 1091 O  O   . HOH D 4 .   ? 12.022  5.592   -1.480  1.00 38.00 ? 361 HOH A O   1 
HETATM 1092 O  O   . HOH D 4 .   ? 4.267   14.800  -6.794  1.00 35.41 ? 362 HOH A O   1 
HETATM 1093 O  O   . HOH D 4 .   ? -6.799  14.038  7.291   1.00 40.97 ? 363 HOH A O   1 
HETATM 1094 O  O   . HOH D 4 .   ? -11.862 0.346   -18.243 1.00 47.47 ? 364 HOH A O   1 
HETATM 1095 O  O   . HOH D 4 .   ? -4.038  10.679  13.287  1.00 33.32 ? 365 HOH A O   1 
HETATM 1096 O  O   . HOH D 4 .   ? 1.864   -12.764 -15.444 1.00 39.76 ? 366 HOH A O   1 
HETATM 1097 O  O   . HOH D 4 .   ? 7.837   11.909  -6.600  1.00 26.09 ? 367 HOH A O   1 
HETATM 1098 O  O   . HOH D 4 .   ? 9.462   -0.313  -4.853  1.00 54.24 ? 368 HOH A O   1 
HETATM 1099 O  O   . HOH D 4 .   ? 11.068  -6.443  13.075  1.00 32.98 ? 369 HOH A O   1 
HETATM 1100 O  O   . HOH D 4 .   ? 12.266  -8.958  12.807  1.00 33.19 ? 370 HOH A O   1 
# 
